data_8SUR
#
_entry.id   8SUR
#
loop_
_entity.id
_entity.type
_entity.pdbx_description
1 polymer Anoctamin-6
2 branched 2-acetamido-2-deoxy-beta-D-glucopyranose-(1-4)-2-acetamido-2-deoxy-beta-D-glucopyranose
3 non-polymer 'CALCIUM ION'
4 non-polymer 2-acetamido-2-deoxy-beta-D-glucopyranose
5 non-polymer 5-chloro-N-(2-chloro-4-nitrophenyl)-2-hydroxybenzamide
#
_entity_poly.entity_id   1
_entity_poly.type   'polypeptide(L)'
_entity_poly.pdbx_seq_one_letter_code
;MQMMTRKVLLNMELEEDDDEDGDIVLENFDQTIVCPTFGSLENQQDFRTPEFEEFNGKPDSLFFTDGQRRIDFILVYEDE
SKKENNKKGTNEKQKRKRQAYESNLICHGLQLEATRSVSDDKLVFVKVHAPWEVLCTYAEIMHIKLPLKPNDLKTRSPFG
NLNWFTKVLRVNESVIKPEQEFFTAPFEKSRMNDFYILDRDSFFNPATRSRIVYFILSRVKYQVMNNVNKFGINRLVSSG
IYKAAFPLHDCRFNYESEDISCPSERYLLYREWAHPRSIYKKQPLDLIRKYYGEKIGIYFAWLGYYTQMLLLAAVVGVAC
FLYGYLDQDNCTWSKEVCDPDIGGQILMCPQCDRLCPFWRLNITCESSKKLCIFDSFGTLIFAVFMGVWVTLFLEFWKRR
QAELEYEWDTVELQQEEQARPEYEAQCNHVVINEITQEEERIPFTTCGKCIRVTLCASAVFFWILLIIASVIGIIVYRLS
VFIVFSTTLPKNPNGTDPIQKYLTPQMATSITASIISFIIIMILNTIYEKVAIMITNFELPRTQTDYENSLTMKMFLFQF
VNYYSSCFYIAFFKGKFVGYPGDPVYLLGKYRSEECDPGGCLLELTTQLTIIMGGKAIWNNIQEVLLPWVMNLIGRYKRV
SGSEKITPRWEQDYHLQPMGKLGLFYEYLEMIIQFGFVTLFVASFPLAPLLALVNNILEIRVDAWKLTTQFRRMVPEKAQ
DIGAWQPIMQGIAILAVVTNAMIIAFTSDMIPRLVYYWSFSIPPYGDHTYYTMDGYINNTLSVFNITDFKNTDKENPYIG
LGNYTLCRYRDFRNPPGHPQEYKHNIYYWHVIAAKLAFIIVMEHIIYSVKFFISYAIPDVSKITKSKIKREKYLTQKLLH
ESHLKDLTKNMGIIAERIGGTVDNSVRPKLE
;
_entity_poly.pdbx_strand_id   A,B
#
# COMPACT_ATOMS: atom_id res chain seq x y z
N PRO A 59 5.22 62.70 3.19
CA PRO A 59 4.24 62.65 2.11
C PRO A 59 4.06 61.24 1.54
N ASP A 60 3.56 60.32 2.37
CA ASP A 60 3.41 58.92 1.99
C ASP A 60 4.72 58.35 1.45
N SER A 61 5.82 58.63 2.14
CA SER A 61 7.14 58.22 1.71
C SER A 61 7.48 56.85 2.29
N LEU A 62 8.00 55.97 1.43
CA LEU A 62 8.47 54.67 1.89
C LEU A 62 9.82 54.78 2.58
N PHE A 63 10.67 55.68 2.13
CA PHE A 63 12.03 55.80 2.64
C PHE A 63 12.10 56.79 3.80
N PHE A 64 13.31 56.95 4.34
CA PHE A 64 13.55 57.96 5.36
C PHE A 64 13.34 59.35 4.79
N THR A 65 13.03 60.29 5.68
CA THR A 65 12.92 61.69 5.26
C THR A 65 14.23 62.15 4.65
N ASP A 66 14.13 62.71 3.44
CA ASP A 66 15.30 63.19 2.69
C ASP A 66 16.50 62.27 2.86
N GLY A 67 16.29 60.96 2.69
CA GLY A 67 17.37 60.01 2.85
C GLY A 67 17.13 58.72 2.10
N GLN A 68 18.19 58.14 1.54
CA GLN A 68 18.09 56.92 0.75
C GLN A 68 18.28 55.72 1.69
N ARG A 69 17.19 55.13 2.14
CA ARG A 69 17.23 53.93 2.96
C ARG A 69 15.85 53.31 3.04
N ARG A 70 15.76 52.01 2.74
CA ARG A 70 14.47 51.35 2.54
C ARG A 70 14.02 50.66 3.83
N ILE A 71 12.76 50.89 4.21
CA ILE A 71 12.22 50.32 5.44
C ILE A 71 12.12 48.80 5.31
N ASP A 72 12.21 48.12 6.45
CA ASP A 72 11.97 46.69 6.54
C ASP A 72 10.99 46.32 7.64
N PHE A 73 10.94 47.09 8.72
CA PHE A 73 10.00 46.85 9.81
C PHE A 73 9.75 48.16 10.55
N ILE A 74 8.67 48.18 11.32
CA ILE A 74 8.28 49.33 12.13
C ILE A 74 8.06 48.87 13.56
N LEU A 75 8.60 49.60 14.52
CA LEU A 75 8.47 49.28 15.95
C LEU A 75 7.64 50.38 16.60
N VAL A 76 6.44 50.03 17.07
CA VAL A 76 5.54 50.99 17.69
C VAL A 76 5.44 50.72 19.18
N TYR A 77 5.31 51.79 19.95
CA TYR A 77 5.11 51.69 21.39
C TYR A 77 4.31 52.89 21.86
N GLU A 78 3.69 52.75 23.03
CA GLU A 78 2.95 53.84 23.65
C GLU A 78 3.78 54.43 24.78
N ASP A 79 3.88 55.77 24.80
CA ASP A 79 4.68 56.43 25.81
C ASP A 79 4.00 56.34 27.18
N GLU A 80 4.82 56.29 28.23
CA GLU A 80 4.29 56.19 29.59
C GLU A 80 3.67 57.49 30.06
N SER A 81 3.86 58.59 29.32
CA SER A 81 3.25 59.86 29.70
C SER A 81 1.73 59.80 29.65
N LYS A 82 1.16 59.04 28.73
CA LYS A 82 -0.29 58.96 28.58
C LYS A 82 -0.90 60.33 28.34
N ASN A 91 4.86 51.42 37.28
CA ASN A 91 4.48 52.12 36.05
C ASN A 91 5.69 52.39 35.17
N GLU A 92 6.81 52.75 35.80
CA GLU A 92 8.02 53.05 35.04
C GLU A 92 8.79 51.79 34.69
N LYS A 93 8.29 50.62 35.10
CA LYS A 93 8.92 49.37 34.67
C LYS A 93 8.88 49.24 33.15
N GLN A 94 7.75 49.58 32.54
CA GLN A 94 7.69 49.59 31.08
C GLN A 94 8.63 50.61 30.44
N LYS A 95 8.78 51.79 31.04
CA LYS A 95 9.74 52.77 30.52
C LYS A 95 11.16 52.22 30.59
N ARG A 96 11.53 51.58 31.71
CA ARG A 96 12.86 51.00 31.82
C ARG A 96 13.05 49.89 30.80
N LYS A 97 12.04 49.05 30.60
CA LYS A 97 12.13 47.98 29.62
C LYS A 97 12.34 48.55 28.22
N ARG A 98 11.57 49.57 27.85
CA ARG A 98 11.73 50.19 26.54
C ARG A 98 13.12 50.79 26.39
N GLN A 99 13.61 51.48 27.43
CA GLN A 99 14.92 52.10 27.33
C GLN A 99 16.00 51.04 27.15
N ALA A 100 15.94 49.96 27.93
CA ALA A 100 16.92 48.89 27.79
C ALA A 100 16.87 48.26 26.39
N TYR A 101 15.66 47.98 25.91
CA TYR A 101 15.54 47.36 24.58
C TYR A 101 16.08 48.28 23.50
N GLU A 102 15.75 49.57 23.56
CA GLU A 102 16.20 50.50 22.53
C GLU A 102 17.71 50.66 22.58
N SER A 103 18.29 50.76 23.78
CA SER A 103 19.73 50.89 23.88
C SER A 103 20.43 49.65 23.33
N ASN A 104 19.93 48.46 23.69
CA ASN A 104 20.54 47.23 23.20
C ASN A 104 20.44 47.15 21.68
N LEU A 105 19.27 47.48 21.12
CA LEU A 105 19.11 47.41 19.67
C LEU A 105 20.02 48.41 18.97
N ILE A 106 20.10 49.64 19.48
CA ILE A 106 20.93 50.65 18.83
C ILE A 106 22.41 50.25 18.89
N CYS A 107 22.87 49.79 20.06
CA CYS A 107 24.25 49.34 20.17
C CYS A 107 24.51 48.11 19.31
N HIS A 108 23.47 47.31 19.04
CA HIS A 108 23.65 46.08 18.28
C HIS A 108 24.04 46.35 16.83
N GLY A 109 23.88 47.58 16.34
CA GLY A 109 24.33 47.93 15.01
C GLY A 109 23.21 48.03 13.99
N LEU A 110 22.08 48.59 14.40
CA LEU A 110 20.94 48.80 13.51
C LEU A 110 20.41 50.22 13.71
N GLN A 111 20.10 50.89 12.60
CA GLN A 111 19.63 52.27 12.67
C GLN A 111 18.19 52.32 13.18
N LEU A 112 17.84 53.45 13.81
CA LEU A 112 16.49 53.64 14.32
C LEU A 112 16.11 55.11 14.18
N GLU A 113 14.81 55.36 14.12
CA GLU A 113 14.30 56.72 14.05
C GLU A 113 12.89 56.73 14.62
N ALA A 114 12.59 57.74 15.42
CA ALA A 114 11.32 57.85 16.15
C ALA A 114 10.46 58.93 15.51
N THR A 115 9.19 58.61 15.28
CA THR A 115 8.23 59.55 14.72
C THR A 115 6.93 59.44 15.50
N ARG A 116 6.46 60.57 16.02
CA ARG A 116 5.22 60.57 16.79
C ARG A 116 4.01 60.48 15.86
N SER A 117 3.07 59.60 16.21
CA SER A 117 1.89 59.42 15.39
C SER A 117 1.10 60.72 15.31
N VAL A 118 0.65 61.05 14.10
CA VAL A 118 -0.11 62.28 13.90
C VAL A 118 -1.42 62.22 14.66
N SER A 119 -2.12 61.08 14.61
CA SER A 119 -3.42 60.98 15.25
C SER A 119 -3.32 61.18 16.76
N ASP A 120 -2.32 60.56 17.39
CA ASP A 120 -2.12 60.67 18.84
C ASP A 120 -0.64 60.83 19.12
N ASP A 121 -0.29 61.85 19.91
CA ASP A 121 1.11 62.09 20.24
C ASP A 121 1.65 61.04 21.19
N LYS A 122 0.79 60.47 22.06
CA LYS A 122 1.25 59.46 23.00
C LYS A 122 1.77 58.23 22.28
N LEU A 123 1.08 57.79 21.23
CA LEU A 123 1.49 56.62 20.47
C LEU A 123 2.65 57.00 19.56
N VAL A 124 3.86 56.89 20.08
CA VAL A 124 5.06 57.22 19.31
C VAL A 124 5.50 55.99 18.52
N PHE A 125 5.70 56.17 17.22
CA PHE A 125 6.12 55.10 16.33
C PHE A 125 7.61 55.22 16.06
N VAL A 126 8.30 54.08 16.03
CA VAL A 126 9.74 54.02 15.76
C VAL A 126 9.96 53.06 14.60
N LYS A 127 10.84 53.43 13.69
CA LYS A 127 11.16 52.62 12.53
C LYS A 127 12.58 52.08 12.63
N VAL A 128 12.90 51.15 11.74
CA VAL A 128 14.24 50.59 11.62
C VAL A 128 14.62 50.57 10.14
N HIS A 129 15.83 50.09 9.88
CA HIS A 129 16.34 49.96 8.52
C HIS A 129 17.29 48.77 8.47
N ALA A 130 18.09 48.69 7.41
CA ALA A 130 19.06 47.61 7.26
C ALA A 130 20.24 48.12 6.45
N PRO A 131 21.29 48.63 7.12
CA PRO A 131 22.51 48.97 6.39
C PRO A 131 23.05 47.75 5.68
N TRP A 132 23.54 47.96 4.46
CA TRP A 132 23.91 46.82 3.61
C TRP A 132 25.06 46.03 4.22
N GLU A 133 26.04 46.73 4.80
CA GLU A 133 27.21 46.03 5.32
C GLU A 133 26.83 45.05 6.42
N VAL A 134 26.00 45.48 7.37
CA VAL A 134 25.63 44.63 8.50
C VAL A 134 24.82 43.42 8.02
N LEU A 135 23.83 43.66 7.17
CA LEU A 135 23.00 42.56 6.68
C LEU A 135 23.84 41.56 5.87
N CYS A 136 24.73 42.06 5.02
CA CYS A 136 25.58 41.18 4.24
C CYS A 136 26.50 40.37 5.14
N THR A 137 27.08 41.02 6.16
CA THR A 137 27.97 40.31 7.07
C THR A 137 27.23 39.22 7.82
N TYR A 138 26.02 39.50 8.31
CA TYR A 138 25.24 38.48 9.00
C TYR A 138 24.84 37.35 8.07
N ALA A 139 24.47 37.68 6.82
CA ALA A 139 24.08 36.63 5.88
C ALA A 139 25.27 35.73 5.55
N LEU A 198 23.34 45.50 -11.53
CA LEU A 198 23.02 46.82 -12.06
C LEU A 198 22.67 47.81 -10.96
N ASP A 199 22.10 47.34 -9.85
CA ASP A 199 21.86 48.21 -8.70
C ASP A 199 22.06 47.39 -7.43
N ARG A 200 22.47 48.08 -6.36
CA ARG A 200 22.70 47.40 -5.09
C ARG A 200 21.42 46.86 -4.49
N ASP A 201 20.33 47.62 -4.56
CA ASP A 201 19.08 47.22 -3.94
C ASP A 201 18.24 46.28 -4.81
N SER A 202 18.66 46.04 -6.06
CA SER A 202 17.92 45.15 -6.95
C SER A 202 18.40 43.71 -6.89
N PHE A 203 19.58 43.45 -6.30
CA PHE A 203 20.07 42.08 -6.22
C PHE A 203 19.24 41.25 -5.26
N PHE A 204 18.97 41.80 -4.07
CA PHE A 204 18.03 41.16 -3.15
C PHE A 204 16.63 41.74 -3.33
N ASN A 205 15.63 40.86 -3.20
CA ASN A 205 14.25 41.32 -3.23
C ASN A 205 13.88 41.92 -1.88
N PRO A 206 12.93 42.86 -1.85
CA PRO A 206 12.50 43.42 -0.56
C PRO A 206 11.97 42.36 0.40
N ALA A 207 11.31 41.32 -0.12
CA ALA A 207 10.85 40.24 0.73
C ALA A 207 12.02 39.53 1.39
N THR A 208 13.08 39.26 0.62
CA THR A 208 14.26 38.62 1.18
C THR A 208 14.92 39.50 2.24
N ARG A 209 14.98 40.80 1.98
CA ARG A 209 15.54 41.72 2.97
C ARG A 209 14.73 41.70 4.26
N SER A 210 13.40 41.72 4.13
CA SER A 210 12.55 41.71 5.32
C SER A 210 12.72 40.40 6.08
N ARG A 211 12.81 39.28 5.37
CA ARG A 211 13.03 38.01 6.05
C ARG A 211 14.37 37.98 6.78
N ILE A 212 15.42 38.49 6.14
CA ILE A 212 16.73 38.53 6.78
C ILE A 212 16.68 39.37 8.04
N VAL A 213 16.04 40.54 7.97
CA VAL A 213 15.95 41.39 9.15
C VAL A 213 15.11 40.73 10.23
N TYR A 214 14.05 40.02 9.85
CA TYR A 214 13.24 39.31 10.85
C TYR A 214 14.06 38.25 11.55
N PHE A 215 14.86 37.50 10.79
CA PHE A 215 15.72 36.49 11.40
C PHE A 215 16.72 37.14 12.35
N ILE A 216 17.29 38.28 11.94
CA ILE A 216 18.23 39.00 12.81
C ILE A 216 17.55 39.39 14.11
N LEU A 217 16.34 39.95 14.02
CA LEU A 217 15.61 40.33 15.23
C LEU A 217 15.29 39.12 16.10
N SER A 218 14.92 38.00 15.50
CA SER A 218 14.63 36.81 16.28
C SER A 218 15.87 36.30 16.99
N ARG A 219 17.05 36.42 16.35
CA ARG A 219 18.30 35.98 16.94
C ARG A 219 18.64 36.74 18.22
N VAL A 220 18.12 37.95 18.41
CA VAL A 220 18.42 38.73 19.60
C VAL A 220 17.39 38.43 20.69
N LYS A 221 17.82 38.50 21.94
CA LYS A 221 16.94 38.38 23.09
C LYS A 221 17.13 39.59 23.98
N TYR A 222 16.03 40.04 24.60
CA TYR A 222 16.05 41.24 25.42
C TYR A 222 17.10 41.15 26.51
N GLY A 232 13.81 37.95 21.67
CA GLY A 232 12.45 37.50 21.45
C GLY A 232 11.49 38.67 21.24
N ILE A 233 11.30 39.04 19.97
CA ILE A 233 10.37 40.12 19.65
C ILE A 233 8.96 39.73 20.04
N ASN A 234 8.61 38.46 19.90
CA ASN A 234 7.28 38.00 20.29
C ASN A 234 7.05 38.21 21.78
N ARG A 235 8.08 37.95 22.60
CA ARG A 235 7.94 38.21 24.02
C ARG A 235 7.76 39.69 24.36
N LEU A 236 8.49 40.59 23.70
CA LEU A 236 8.27 42.01 23.91
C LEU A 236 6.87 42.42 23.48
N VAL A 237 6.39 41.88 22.37
CA VAL A 237 5.04 42.18 21.91
C VAL A 237 4.01 41.71 22.93
N SER A 238 4.18 40.50 23.47
CA SER A 238 3.20 39.97 24.40
C SER A 238 3.24 40.68 25.74
N SER A 239 4.43 41.09 26.19
CA SER A 239 4.59 41.74 27.49
C SER A 239 4.33 43.24 27.43
N GLY A 240 3.88 43.77 26.29
CA GLY A 240 3.57 45.17 26.17
C GLY A 240 4.74 46.06 25.80
N ILE A 241 5.94 45.49 25.65
CA ILE A 241 7.10 46.31 25.28
C ILE A 241 6.86 46.99 23.94
N TYR A 242 6.36 46.23 22.97
CA TYR A 242 5.99 46.76 21.66
C TYR A 242 4.53 46.42 21.37
N LYS A 243 3.80 47.39 20.82
CA LYS A 243 2.41 47.14 20.48
C LYS A 243 2.29 46.26 19.24
N ALA A 244 3.22 46.40 18.29
CA ALA A 244 3.20 45.59 17.09
C ALA A 244 4.58 45.65 16.43
N ALA A 245 4.81 44.72 15.51
CA ALA A 245 6.06 44.66 14.75
C ALA A 245 5.74 43.99 13.42
N PHE A 246 5.89 44.73 12.33
CA PHE A 246 5.44 44.27 11.02
C PHE A 246 6.23 45.00 9.94
N PRO A 247 6.31 44.44 8.73
CA PRO A 247 6.88 45.18 7.60
C PRO A 247 5.82 46.02 6.91
N LEU A 248 6.19 46.71 5.83
CA LEU A 248 5.30 47.63 5.15
C LEU A 248 5.05 47.19 3.71
N HIS A 249 3.88 47.56 3.19
CA HIS A 249 3.53 47.32 1.81
C HIS A 249 4.08 48.44 0.91
N ASP A 250 4.04 48.20 -0.40
CA ASP A 250 4.61 49.16 -1.34
C ASP A 250 3.80 50.43 -1.42
N CYS A 251 2.48 50.31 -1.56
CA CYS A 251 1.61 51.47 -1.73
C CYS A 251 0.17 51.02 -1.49
N ARG A 252 -0.76 51.97 -1.59
CA ARG A 252 -2.17 51.65 -1.42
C ARG A 252 -2.63 50.71 -2.53
N PHE A 253 -3.52 49.78 -2.17
CA PHE A 253 -4.05 48.85 -3.17
C PHE A 253 -5.01 49.56 -4.12
N ASN A 254 -5.76 50.55 -3.63
CA ASN A 254 -6.78 51.19 -4.46
C ASN A 254 -6.15 52.13 -5.47
N TYR A 255 -5.14 52.89 -5.06
CA TYR A 255 -4.49 53.89 -5.90
C TYR A 255 -3.04 53.52 -6.16
N GLU A 256 -2.53 53.98 -7.31
CA GLU A 256 -1.14 53.74 -7.67
C GLU A 256 -0.21 54.57 -6.81
N SER A 257 1.02 54.09 -6.67
CA SER A 257 2.01 54.79 -5.85
C SER A 257 2.30 56.17 -6.43
N GLU A 258 2.37 57.17 -5.54
CA GLU A 258 2.72 58.51 -5.99
C GLU A 258 4.12 58.55 -6.57
N ASP A 259 5.06 57.84 -5.96
CA ASP A 259 6.44 57.82 -6.42
C ASP A 259 6.51 57.10 -7.77
N ILE A 260 7.03 57.80 -8.78
CA ILE A 260 7.16 57.20 -10.10
C ILE A 260 8.14 56.02 -10.07
N SER A 261 9.19 56.12 -9.26
CA SER A 261 10.17 55.03 -9.21
C SER A 261 9.57 53.76 -8.65
N CYS A 262 8.50 53.87 -7.87
CA CYS A 262 7.94 52.70 -7.21
C CYS A 262 7.43 51.70 -8.24
N PRO A 263 7.76 50.42 -8.10
CA PRO A 263 7.21 49.43 -9.04
C PRO A 263 5.70 49.27 -8.92
N SER A 264 5.11 49.71 -7.81
CA SER A 264 3.66 49.63 -7.61
C SER A 264 3.17 48.19 -7.79
N GLU A 265 3.95 47.25 -7.26
CA GLU A 265 3.58 45.84 -7.41
C GLU A 265 2.23 45.54 -6.78
N ARG A 266 1.93 46.20 -5.66
CA ARG A 266 0.67 45.91 -4.96
C ARG A 266 -0.53 46.30 -5.79
N TYR A 267 -0.50 47.48 -6.43
CA TYR A 267 -1.64 47.93 -7.22
C TYR A 267 -1.88 47.00 -8.40
N LEU A 268 -0.82 46.69 -9.14
CA LEU A 268 -0.96 45.79 -10.29
C LEU A 268 -1.47 44.43 -9.85
N LEU A 269 -0.89 43.90 -8.75
CA LEU A 269 -1.26 42.57 -8.23
C LEU A 269 -2.74 42.57 -7.82
N TYR A 270 -3.21 43.64 -7.17
CA TYR A 270 -4.61 43.74 -6.77
C TYR A 270 -5.51 43.76 -8.00
N ARG A 271 -5.23 44.66 -8.95
CA ARG A 271 -6.09 44.80 -10.11
C ARG A 271 -6.18 43.51 -10.91
N GLU A 272 -5.05 42.81 -11.10
CA GLU A 272 -5.04 41.69 -12.03
C GLU A 272 -5.34 40.35 -11.37
N TRP A 273 -5.29 40.25 -10.04
CA TRP A 273 -5.42 38.95 -9.40
C TRP A 273 -6.39 38.95 -8.22
N ALA A 274 -6.59 40.09 -7.58
CA ALA A 274 -7.41 40.13 -6.37
C ALA A 274 -8.83 40.63 -6.66
N HIS A 275 -8.96 41.72 -7.39
CA HIS A 275 -10.28 42.24 -7.71
C HIS A 275 -11.08 41.19 -8.49
N PRO A 276 -12.36 40.98 -8.17
CA PRO A 276 -13.11 39.93 -8.87
C PRO A 276 -13.27 40.16 -10.36
N ARG A 277 -13.08 41.39 -10.86
CA ARG A 277 -13.17 41.62 -12.29
C ARG A 277 -12.14 40.80 -13.06
N SER A 278 -11.06 40.39 -12.39
CA SER A 278 -10.04 39.52 -12.98
C SER A 278 -10.19 38.04 -12.63
N ILE A 279 -11.43 37.58 -12.49
CA ILE A 279 -11.67 36.22 -11.99
C ILE A 279 -11.14 35.19 -12.99
N TYR A 280 -11.27 35.46 -14.28
CA TYR A 280 -10.94 34.48 -15.30
C TYR A 280 -9.50 34.61 -15.82
N LYS A 281 -8.75 35.61 -15.37
CA LYS A 281 -7.34 35.67 -15.75
C LYS A 281 -6.56 34.58 -15.03
N LYS A 282 -5.34 34.35 -15.51
CA LYS A 282 -4.47 33.33 -14.92
C LYS A 282 -3.84 33.86 -13.64
N GLN A 283 -3.17 32.97 -12.92
CA GLN A 283 -2.61 33.30 -11.62
C GLN A 283 -1.12 33.55 -11.76
N PRO A 284 -0.64 34.79 -11.53
CA PRO A 284 0.82 35.04 -11.61
C PRO A 284 1.58 34.53 -10.39
N LEU A 285 1.89 33.23 -10.41
CA LEU A 285 2.53 32.61 -9.26
C LEU A 285 3.86 33.27 -8.94
N ASP A 286 4.67 33.54 -9.97
CA ASP A 286 6.01 34.07 -9.75
C ASP A 286 5.95 35.43 -9.04
N LEU A 287 5.06 36.30 -9.53
CA LEU A 287 4.86 37.65 -8.94
C LEU A 287 4.42 37.48 -7.50
N ILE A 288 3.48 36.58 -7.23
CA ILE A 288 2.93 36.39 -5.89
C ILE A 288 4.03 35.95 -4.92
N ARG A 289 4.88 35.00 -5.35
CA ARG A 289 5.98 34.60 -4.46
C ARG A 289 6.98 35.72 -4.28
N LYS A 290 7.27 36.47 -5.34
CA LYS A 290 8.21 37.57 -5.23
C LYS A 290 7.72 38.61 -4.22
N TYR A 291 6.41 38.82 -4.16
CA TYR A 291 5.88 39.84 -3.24
C TYR A 291 5.73 39.30 -1.82
N TYR A 292 5.09 38.13 -1.67
CA TYR A 292 4.75 37.59 -0.36
C TYR A 292 5.76 36.56 0.13
N GLY A 293 5.92 35.47 -0.62
CA GLY A 293 6.83 34.42 -0.22
C GLY A 293 6.46 33.10 -0.87
N GLU A 294 7.26 32.08 -0.57
CA GLU A 294 7.05 30.77 -1.16
C GLU A 294 5.81 30.09 -0.60
N LYS A 295 5.51 30.27 0.69
CA LYS A 295 4.34 29.62 1.29
C LYS A 295 3.07 30.04 0.57
N ILE A 296 2.88 31.35 0.38
CA ILE A 296 1.68 31.82 -0.28
C ILE A 296 1.62 31.32 -1.71
N GLY A 297 2.76 31.34 -2.42
CA GLY A 297 2.77 30.89 -3.78
C GLY A 297 2.39 29.43 -3.92
N ILE A 298 2.95 28.58 -3.06
CA ILE A 298 2.64 27.15 -3.13
C ILE A 298 1.20 26.90 -2.73
N TYR A 299 0.69 27.63 -1.73
CA TYR A 299 -0.71 27.46 -1.35
C TYR A 299 -1.62 27.79 -2.53
N PHE A 300 -1.37 28.91 -3.20
CA PHE A 300 -2.24 29.32 -4.28
C PHE A 300 -2.08 28.42 -5.49
N ALA A 301 -0.87 27.93 -5.75
CA ALA A 301 -0.68 26.97 -6.85
C ALA A 301 -1.43 25.68 -6.57
N TRP A 302 -1.38 25.18 -5.34
CA TRP A 302 -2.14 24.00 -4.98
C TRP A 302 -3.63 24.24 -5.15
N LEU A 303 -4.12 25.39 -4.70
CA LEU A 303 -5.53 25.70 -4.84
C LEU A 303 -5.94 25.74 -6.31
N GLY A 304 -5.11 26.37 -7.14
CA GLY A 304 -5.43 26.46 -8.56
C GLY A 304 -5.44 25.11 -9.25
N TYR A 305 -4.47 24.25 -8.92
CA TYR A 305 -4.45 22.92 -9.52
C TYR A 305 -5.61 22.08 -9.04
N TYR A 306 -5.98 22.22 -7.76
CA TYR A 306 -7.16 21.53 -7.26
C TYR A 306 -8.40 21.96 -8.03
N THR A 307 -8.52 23.26 -8.30
CA THR A 307 -9.64 23.74 -9.09
C THR A 307 -9.60 23.18 -10.51
N GLN A 308 -8.40 23.13 -11.10
CA GLN A 308 -8.27 22.62 -12.46
C GLN A 308 -8.75 21.17 -12.55
N MET A 309 -8.34 20.35 -11.58
CA MET A 309 -8.80 18.96 -11.59
C MET A 309 -10.28 18.83 -11.24
N LEU A 310 -10.77 19.71 -10.36
CA LEU A 310 -12.20 19.74 -10.08
C LEU A 310 -13.00 20.08 -11.32
N LEU A 311 -12.40 20.78 -12.28
CA LEU A 311 -13.10 21.01 -13.55
C LEU A 311 -13.45 19.69 -14.24
N LEU A 312 -12.47 18.81 -14.39
CA LEU A 312 -12.72 17.49 -14.97
C LEU A 312 -13.69 16.69 -14.11
N ALA A 313 -13.49 16.70 -12.80
CA ALA A 313 -14.39 15.96 -11.92
C ALA A 313 -15.83 16.43 -12.11
N ALA A 314 -16.04 17.75 -12.17
CA ALA A 314 -17.38 18.29 -12.28
C ALA A 314 -18.00 17.99 -13.64
N VAL A 315 -17.21 18.06 -14.71
CA VAL A 315 -17.79 17.76 -16.02
C VAL A 315 -18.23 16.30 -16.08
N VAL A 316 -17.41 15.38 -15.56
CA VAL A 316 -17.81 13.98 -15.56
C VAL A 316 -19.04 13.77 -14.68
N GLY A 317 -19.06 14.42 -13.51
CA GLY A 317 -20.19 14.27 -12.61
C GLY A 317 -21.49 14.76 -13.22
N VAL A 318 -21.44 15.91 -13.88
CA VAL A 318 -22.65 16.44 -14.50
C VAL A 318 -23.06 15.59 -15.69
N ALA A 319 -22.09 15.01 -16.41
CA ALA A 319 -22.43 14.07 -17.47
C ALA A 319 -23.22 12.89 -16.91
N CYS A 320 -22.73 12.32 -15.80
CA CYS A 320 -23.43 11.20 -15.18
C CYS A 320 -24.82 11.62 -14.69
N PHE A 321 -24.92 12.79 -14.08
CA PHE A 321 -26.20 13.27 -13.58
C PHE A 321 -27.20 13.45 -14.73
N LEU A 322 -26.74 14.01 -15.85
CA LEU A 322 -27.61 14.17 -17.00
C LEU A 322 -28.04 12.81 -17.56
N TYR A 323 -27.10 11.87 -17.64
CA TYR A 323 -27.44 10.54 -18.11
C TYR A 323 -28.53 9.91 -17.25
N GLY A 324 -28.42 10.09 -15.93
CA GLY A 324 -29.49 9.63 -15.06
C GLY A 324 -30.79 10.36 -15.28
N TYR A 325 -30.71 11.68 -15.53
CA TYR A 325 -31.91 12.50 -15.67
C TYR A 325 -32.70 12.11 -16.91
N LEU A 326 -32.02 11.84 -18.03
CA LEU A 326 -32.73 11.52 -19.26
C LEU A 326 -33.40 10.16 -19.21
N ASP A 327 -33.08 9.32 -18.22
CA ASP A 327 -33.63 7.98 -18.11
C ASP A 327 -34.79 7.90 -17.12
N GLN A 328 -35.47 9.01 -16.85
CA GLN A 328 -36.60 8.97 -15.93
C GLN A 328 -37.73 8.10 -16.45
N ASP A 329 -38.02 8.18 -17.75
CA ASP A 329 -39.16 7.44 -18.31
C ASP A 329 -38.95 5.94 -18.20
N ASN A 330 -37.70 5.48 -18.29
CA ASN A 330 -37.41 4.06 -18.20
C ASN A 330 -37.24 3.56 -16.77
N CYS A 331 -37.35 4.43 -15.77
CA CYS A 331 -37.24 4.01 -14.38
C CYS A 331 -38.48 3.24 -13.97
N THR A 332 -38.44 1.92 -14.09
CA THR A 332 -39.65 1.12 -13.97
C THR A 332 -40.23 1.19 -12.56
N TRP A 333 -39.38 1.07 -11.54
CA TRP A 333 -39.91 0.94 -10.18
C TRP A 333 -40.55 2.24 -9.71
N SER A 334 -40.01 3.39 -10.08
CA SER A 334 -40.64 4.67 -9.71
C SER A 334 -42.02 4.79 -10.36
N LYS A 335 -42.11 4.42 -11.65
CA LYS A 335 -43.41 4.43 -12.31
C LYS A 335 -44.38 3.48 -11.63
N GLU A 336 -43.90 2.32 -11.20
CA GLU A 336 -44.74 1.40 -10.45
C GLU A 336 -45.24 2.06 -9.16
N VAL A 337 -44.36 2.80 -8.48
CA VAL A 337 -44.75 3.44 -7.23
C VAL A 337 -45.85 4.47 -7.49
N CYS A 338 -45.67 5.32 -8.51
CA CYS A 338 -46.75 6.25 -8.85
C CYS A 338 -47.99 5.53 -9.34
N ASP A 339 -47.83 4.42 -10.06
CA ASP A 339 -49.00 3.70 -10.55
C ASP A 339 -49.89 3.33 -9.38
N PRO A 340 -51.09 3.93 -9.25
CA PRO A 340 -51.91 3.61 -8.06
C PRO A 340 -52.23 2.14 -7.94
N ASP A 341 -52.41 1.44 -9.06
CA ASP A 341 -52.76 0.02 -8.99
C ASP A 341 -51.70 -0.79 -8.25
N ILE A 342 -50.47 -0.29 -8.15
CA ILE A 342 -49.40 -0.95 -7.40
C ILE A 342 -49.08 -0.18 -6.12
N GLY A 343 -48.77 1.12 -6.25
CA GLY A 343 -48.36 1.89 -5.09
C GLY A 343 -49.48 2.04 -4.06
N GLY A 344 -50.68 2.38 -4.52
CA GLY A 344 -51.78 2.62 -3.60
C GLY A 344 -52.38 1.38 -2.98
N GLN A 345 -52.16 0.21 -3.58
CA GLN A 345 -52.65 -1.04 -3.04
C GLN A 345 -51.69 -1.66 -2.03
N ILE A 346 -50.56 -1.02 -1.77
CA ILE A 346 -49.57 -1.53 -0.81
C ILE A 346 -49.73 -0.73 0.48
N LEU A 347 -50.29 -1.37 1.50
CA LEU A 347 -50.51 -0.74 2.79
C LEU A 347 -49.29 -1.01 3.67
N MET A 348 -48.49 0.03 3.90
CA MET A 348 -47.30 -0.10 4.73
C MET A 348 -47.68 -0.09 6.20
N CYS A 349 -46.89 -0.36 7.11
CA CYS A 349 -47.30 -0.48 8.45
C CYS A 349 -46.79 0.70 9.09
N PRO A 350 -47.34 1.20 10.22
CA PRO A 350 -46.84 2.45 10.80
C PRO A 350 -45.31 2.46 10.91
N GLN A 351 -44.62 3.26 10.09
CA GLN A 351 -43.14 3.36 10.10
C GLN A 351 -42.67 3.89 11.46
N CYS A 352 -43.41 4.85 12.04
CA CYS A 352 -43.07 5.47 13.35
C CYS A 352 -43.67 4.65 14.49
N ASP A 353 -43.75 5.20 15.70
CA ASP A 353 -44.28 4.49 16.90
C ASP A 353 -45.66 5.07 17.28
N ARG A 354 -46.70 4.24 17.37
CA ARG A 354 -48.07 4.66 17.78
C ARG A 354 -48.69 5.56 16.70
N LEU A 355 -48.09 6.71 16.40
CA LEU A 355 -48.59 7.66 15.37
C LEU A 355 -48.30 7.09 13.98
N CYS A 356 -48.38 7.91 12.92
CA CYS A 356 -48.18 7.45 11.50
C CYS A 356 -48.97 6.19 11.09
N PRO A 357 -50.31 6.17 11.18
CA PRO A 357 -51.09 4.97 10.88
C PRO A 357 -50.92 4.49 9.44
N PHE A 358 -51.16 3.20 9.17
CA PHE A 358 -51.03 2.60 7.81
C PHE A 358 -50.93 3.68 6.72
N TRP A 359 -49.80 3.81 6.05
CA TRP A 359 -49.60 4.73 4.97
C TRP A 359 -49.40 4.24 3.62
N ARG A 360 -50.14 4.45 2.61
CA ARG A 360 -49.94 3.82 1.35
C ARG A 360 -48.62 4.21 0.82
N LEU A 361 -48.03 3.65 -0.22
CA LEU A 361 -46.70 3.81 -0.80
C LEU A 361 -46.66 4.85 -1.91
N ASN A 362 -47.76 5.02 -2.65
CA ASN A 362 -47.76 5.89 -3.81
C ASN A 362 -47.62 7.37 -3.44
N ILE A 363 -47.76 7.72 -2.17
CA ILE A 363 -47.63 9.13 -1.78
C ILE A 363 -46.21 9.64 -1.93
N THR A 364 -45.22 8.74 -2.01
CA THR A 364 -43.82 9.13 -2.08
C THR A 364 -43.20 8.82 -3.44
N CYS A 365 -43.98 8.71 -4.50
CA CYS A 365 -43.39 8.29 -5.76
C CYS A 365 -42.68 9.47 -6.44
N GLU A 366 -43.04 10.69 -6.07
CA GLU A 366 -42.23 11.83 -6.51
C GLU A 366 -40.85 11.79 -5.86
N SER A 367 -40.78 11.43 -4.58
CA SER A 367 -39.49 11.21 -3.95
C SER A 367 -38.74 10.07 -4.61
N SER A 368 -39.46 9.02 -5.01
CA SER A 368 -38.82 7.91 -5.73
C SER A 368 -38.28 8.37 -7.07
N LYS A 369 -39.03 9.22 -7.77
CA LYS A 369 -38.57 9.76 -9.06
C LYS A 369 -37.30 10.58 -8.87
N LYS A 370 -37.27 11.41 -7.83
CA LYS A 370 -36.06 12.18 -7.55
C LYS A 370 -34.90 11.25 -7.17
N LEU A 371 -35.18 10.19 -6.42
CA LEU A 371 -34.14 9.25 -6.00
C LEU A 371 -33.59 8.48 -7.19
N CYS A 372 -34.41 8.22 -8.21
CA CYS A 372 -33.98 7.38 -9.32
C CYS A 372 -32.84 8.01 -10.09
N ILE A 373 -32.60 9.31 -9.91
CA ILE A 373 -31.51 9.97 -10.62
C ILE A 373 -30.19 9.77 -9.90
N PHE A 374 -30.20 9.82 -8.56
CA PHE A 374 -28.98 9.68 -7.77
C PHE A 374 -28.66 8.25 -7.40
N ASP A 375 -29.46 7.29 -7.90
CA ASP A 375 -29.29 5.86 -7.56
C ASP A 375 -29.09 5.03 -8.83
N SER A 376 -28.73 5.65 -9.96
CA SER A 376 -28.57 4.92 -11.21
C SER A 376 -27.13 4.46 -11.38
N PHE A 377 -26.89 3.71 -12.46
CA PHE A 377 -25.54 3.26 -12.77
C PHE A 377 -24.58 4.42 -13.01
N GLY A 378 -25.09 5.61 -13.31
CA GLY A 378 -24.23 6.77 -13.48
C GLY A 378 -23.41 7.04 -12.23
N THR A 379 -24.03 6.87 -11.06
CA THR A 379 -23.29 7.09 -9.81
C THR A 379 -22.19 6.05 -9.64
N LEU A 380 -22.46 4.79 -9.99
CA LEU A 380 -21.42 3.78 -9.92
C LEU A 380 -20.26 4.11 -10.85
N ILE A 381 -20.57 4.51 -12.08
CA ILE A 381 -19.51 4.88 -13.03
C ILE A 381 -18.73 6.06 -12.50
N PHE A 382 -19.43 7.04 -11.91
CA PHE A 382 -18.73 8.22 -11.41
C PHE A 382 -17.82 7.87 -10.23
N ALA A 383 -18.28 6.97 -9.36
CA ALA A 383 -17.41 6.54 -8.26
C ALA A 383 -16.18 5.82 -8.78
N VAL A 384 -16.36 4.93 -9.77
CA VAL A 384 -15.21 4.25 -10.37
C VAL A 384 -14.25 5.27 -10.98
N PHE A 385 -14.79 6.27 -11.68
CA PHE A 385 -13.94 7.29 -12.28
C PHE A 385 -13.20 8.09 -11.23
N MET A 386 -13.89 8.46 -10.14
CA MET A 386 -13.24 9.23 -9.09
C MET A 386 -12.14 8.42 -8.42
N GLY A 387 -12.28 7.10 -8.41
CA GLY A 387 -11.22 6.26 -7.87
C GLY A 387 -9.88 6.51 -8.55
N VAL A 388 -9.90 6.65 -9.88
CA VAL A 388 -8.66 6.89 -10.61
C VAL A 388 -8.36 8.39 -10.66
N TRP A 389 -9.39 9.23 -10.55
CA TRP A 389 -9.17 10.67 -10.55
C TRP A 389 -8.36 11.09 -9.32
N VAL A 390 -8.63 10.45 -8.18
CA VAL A 390 -7.83 10.73 -6.99
C VAL A 390 -6.37 10.38 -7.23
N THR A 391 -6.12 9.23 -7.87
CA THR A 391 -4.75 8.84 -8.16
C THR A 391 -4.08 9.84 -9.09
N LEU A 392 -4.79 10.29 -10.13
CA LEU A 392 -4.22 11.28 -11.03
C LEU A 392 -3.90 12.56 -10.26
N PHE A 393 -4.82 13.01 -9.41
CA PHE A 393 -4.59 14.24 -8.64
C PHE A 393 -3.36 14.11 -7.76
N LEU A 394 -3.20 12.97 -7.08
CA LEU A 394 -2.03 12.80 -6.23
C LEU A 394 -0.74 12.71 -7.03
N GLU A 395 -0.72 11.86 -8.07
CA GLU A 395 0.52 11.66 -8.82
C GLU A 395 0.97 12.94 -9.52
N PHE A 396 0.08 13.59 -10.28
CA PHE A 396 0.49 14.80 -10.97
C PHE A 396 0.77 15.94 -10.01
N TRP A 397 0.14 15.96 -8.85
CA TRP A 397 0.49 16.96 -7.84
C TRP A 397 1.89 16.72 -7.31
N LYS A 398 2.28 15.45 -7.17
CA LYS A 398 3.66 15.13 -6.81
C LYS A 398 4.63 15.62 -7.88
N ARG A 399 4.26 15.48 -9.16
CA ARG A 399 5.09 16.02 -10.23
C ARG A 399 5.20 17.53 -10.14
N ARG A 400 4.09 18.20 -9.81
CA ARG A 400 4.13 19.64 -9.64
C ARG A 400 5.08 20.04 -8.53
N GLN A 401 5.00 19.35 -7.39
CA GLN A 401 5.94 19.60 -6.30
C GLN A 401 7.37 19.39 -6.76
N ALA A 402 7.63 18.27 -7.46
CA ALA A 402 8.99 17.96 -7.85
C ALA A 402 9.55 19.01 -8.80
N GLU A 403 8.74 19.44 -9.77
CA GLU A 403 9.19 20.48 -10.69
C GLU A 403 9.49 21.77 -9.94
N LEU A 404 8.61 22.17 -9.02
CA LEU A 404 8.85 23.41 -8.29
C LEU A 404 10.10 23.30 -7.43
N GLU A 405 10.30 22.16 -6.75
CA GLU A 405 11.47 21.99 -5.90
C GLU A 405 12.75 22.02 -6.73
N TYR A 406 12.76 21.32 -7.86
CA TYR A 406 13.98 21.26 -8.67
C TYR A 406 14.31 22.62 -9.25
N GLU A 407 13.29 23.33 -9.77
CA GLU A 407 13.55 24.59 -10.45
C GLU A 407 14.13 25.63 -9.49
N TRP A 408 13.70 25.61 -8.23
CA TRP A 408 14.11 26.60 -7.25
C TRP A 408 15.08 25.97 -6.27
N ASP A 409 15.93 26.79 -5.65
CA ASP A 409 16.81 26.32 -4.58
C ASP A 409 16.00 26.10 -3.32
N ALA A 457 0.11 8.78 27.65
CA ALA A 457 0.07 10.11 28.24
C ALA A 457 -1.36 10.66 28.19
N SER A 458 -1.55 11.83 27.57
CA SER A 458 -2.86 12.44 27.44
C SER A 458 -3.56 12.07 26.14
N ALA A 459 -2.98 11.17 25.34
CA ALA A 459 -3.59 10.82 24.06
C ALA A 459 -4.96 10.19 24.26
N VAL A 460 -5.10 9.31 25.26
CA VAL A 460 -6.38 8.69 25.52
C VAL A 460 -7.43 9.73 25.88
N PHE A 461 -7.04 10.78 26.59
CA PHE A 461 -7.98 11.83 26.92
C PHE A 461 -8.54 12.49 25.67
N PHE A 462 -7.67 12.76 24.69
CA PHE A 462 -8.11 13.38 23.44
C PHE A 462 -9.08 12.49 22.69
N TRP A 463 -8.83 11.18 22.67
CA TRP A 463 -9.72 10.25 21.97
C TRP A 463 -11.10 10.21 22.63
N ILE A 464 -11.14 10.30 23.96
CA ILE A 464 -12.43 10.35 24.65
C ILE A 464 -13.21 11.60 24.23
N LEU A 465 -12.52 12.73 24.14
CA LEU A 465 -13.17 13.94 23.65
C LEU A 465 -13.69 13.74 22.24
N LEU A 466 -12.91 13.08 21.39
CA LEU A 466 -13.36 12.79 20.03
C LEU A 466 -14.63 11.95 20.04
N ILE A 467 -14.66 10.89 20.84
CA ILE A 467 -15.81 10.00 20.89
C ILE A 467 -17.04 10.77 21.35
N ILE A 468 -16.89 11.56 22.42
CA ILE A 468 -18.05 12.30 22.91
C ILE A 468 -18.50 13.33 21.89
N ALA A 469 -17.57 13.92 21.14
CA ALA A 469 -17.95 14.88 20.11
C ALA A 469 -18.80 14.20 19.04
N SER A 470 -18.37 13.02 18.58
CA SER A 470 -19.15 12.30 17.58
C SER A 470 -20.54 11.94 18.10
N VAL A 471 -20.60 11.43 19.33
CA VAL A 471 -21.89 11.07 19.90
C VAL A 471 -22.78 12.30 20.05
N ILE A 472 -22.20 13.43 20.46
CA ILE A 472 -22.98 14.65 20.60
C ILE A 472 -23.54 15.08 19.26
N GLY A 473 -22.72 15.01 18.21
CA GLY A 473 -23.22 15.35 16.89
C GLY A 473 -24.39 14.48 16.48
N ILE A 474 -24.27 13.17 16.68
CA ILE A 474 -25.37 12.27 16.31
C ILE A 474 -26.62 12.61 17.12
N ILE A 475 -26.45 12.84 18.42
CA ILE A 475 -27.60 13.12 19.28
C ILE A 475 -28.29 14.40 18.88
N VAL A 476 -27.52 15.45 18.60
CA VAL A 476 -28.14 16.72 18.22
C VAL A 476 -28.86 16.60 16.90
N TYR A 477 -28.29 15.86 15.94
CA TYR A 477 -29.00 15.66 14.69
C TYR A 477 -30.31 14.91 14.92
N ARG A 478 -30.27 13.86 15.74
CA ARG A 478 -31.48 13.08 15.99
C ARG A 478 -32.55 13.93 16.67
N LEU A 479 -32.16 14.73 17.68
CA LEU A 479 -33.14 15.58 18.34
C LEU A 479 -33.69 16.64 17.39
N SER A 480 -32.85 17.21 16.52
CA SER A 480 -33.34 18.19 15.57
C SER A 480 -34.40 17.58 14.65
N VAL A 481 -34.10 16.40 14.10
CA VAL A 481 -35.09 15.77 13.22
C VAL A 481 -36.34 15.39 13.99
N PHE A 482 -36.19 14.94 15.25
CA PHE A 482 -37.35 14.60 16.06
C PHE A 482 -38.26 15.80 16.25
N ILE A 483 -37.69 16.94 16.65
CA ILE A 483 -38.52 18.11 16.90
C ILE A 483 -39.13 18.62 15.60
N VAL A 484 -38.39 18.53 14.48
CA VAL A 484 -38.95 18.97 13.22
C VAL A 484 -40.15 18.11 12.82
N PHE A 485 -40.01 16.78 12.96
CA PHE A 485 -41.10 15.90 12.56
C PHE A 485 -42.30 16.03 13.49
N SER A 486 -42.08 16.16 14.80
CA SER A 486 -43.17 16.23 15.77
C SER A 486 -43.71 17.66 15.78
N THR A 487 -44.36 18.02 14.67
CA THR A 487 -44.95 19.35 14.53
C THR A 487 -45.57 19.50 13.14
N LEU A 503 -44.48 15.28 -0.64
CA LEU A 503 -43.70 16.20 -1.43
C LEU A 503 -43.16 17.34 -0.57
N THR A 504 -44.00 18.34 -0.32
CA THR A 504 -43.56 19.49 0.46
C THR A 504 -43.31 19.15 1.93
N PRO A 505 -44.17 18.40 2.64
CA PRO A 505 -43.95 18.22 4.08
C PRO A 505 -42.61 17.59 4.42
N GLN A 506 -42.34 16.39 3.89
CA GLN A 506 -41.13 15.68 4.29
C GLN A 506 -39.88 16.39 3.79
N MET A 507 -39.94 16.97 2.58
CA MET A 507 -38.78 17.71 2.09
C MET A 507 -38.50 18.94 2.95
N ALA A 508 -39.55 19.67 3.35
CA ALA A 508 -39.35 20.83 4.21
C ALA A 508 -38.78 20.41 5.57
N THR A 509 -39.29 19.31 6.12
CA THR A 509 -38.76 18.83 7.40
C THR A 509 -37.30 18.45 7.27
N SER A 510 -36.93 17.73 6.20
CA SER A 510 -35.54 17.35 6.01
C SER A 510 -34.66 18.58 5.86
N ILE A 511 -35.11 19.58 5.09
CA ILE A 511 -34.32 20.78 4.88
C ILE A 511 -34.12 21.51 6.20
N THR A 512 -35.19 21.70 6.97
CA THR A 512 -35.05 22.41 8.23
C THR A 512 -34.16 21.65 9.21
N ALA A 513 -34.29 20.32 9.26
CA ALA A 513 -33.40 19.54 10.10
C ALA A 513 -31.95 19.73 9.68
N SER A 514 -31.70 19.76 8.37
CA SER A 514 -30.34 19.99 7.89
C SER A 514 -29.82 21.35 8.32
N ILE A 515 -30.66 22.39 8.22
CA ILE A 515 -30.21 23.72 8.63
C ILE A 515 -29.90 23.76 10.12
N ILE A 516 -30.76 23.15 10.94
CA ILE A 516 -30.49 23.14 12.37
C ILE A 516 -29.21 22.37 12.68
N SER A 517 -28.99 21.23 12.02
CA SER A 517 -27.76 20.47 12.25
C SER A 517 -26.54 21.30 11.84
N PHE A 518 -26.63 22.00 10.73
CA PHE A 518 -25.51 22.83 10.29
C PHE A 518 -25.24 23.95 11.29
N ILE A 519 -26.30 24.60 11.79
CA ILE A 519 -26.12 25.69 12.75
C ILE A 519 -25.47 25.18 14.02
N ILE A 520 -25.95 24.05 14.54
CA ILE A 520 -25.36 23.52 15.78
C ILE A 520 -23.93 23.07 15.53
N ILE A 521 -23.64 22.53 14.35
CA ILE A 521 -22.26 22.13 14.04
C ILE A 521 -21.35 23.35 14.03
N MET A 522 -21.80 24.43 13.40
CA MET A 522 -20.98 25.64 13.38
C MET A 522 -20.78 26.19 14.78
N ILE A 523 -21.82 26.11 15.62
CA ILE A 523 -21.67 26.53 17.02
C ILE A 523 -20.62 25.68 17.73
N LEU A 524 -20.71 24.36 17.55
CA LEU A 524 -19.76 23.44 18.18
C LEU A 524 -18.35 23.63 17.67
N ASN A 525 -18.18 24.16 16.46
CA ASN A 525 -16.85 24.30 15.88
C ASN A 525 -15.97 25.20 16.75
N THR A 526 -16.53 26.30 17.25
CA THR A 526 -15.73 27.22 18.06
C THR A 526 -15.27 26.54 19.35
N ILE A 527 -16.17 25.82 20.01
CA ILE A 527 -15.77 25.11 21.24
C ILE A 527 -14.72 24.07 20.93
N TYR A 528 -14.86 23.37 19.80
CA TYR A 528 -13.88 22.34 19.43
C TYR A 528 -12.51 22.97 19.19
N GLU A 529 -12.48 24.09 18.48
CA GLU A 529 -11.21 24.78 18.27
C GLU A 529 -10.60 25.21 19.59
N LYS A 530 -11.42 25.79 20.49
CA LYS A 530 -10.90 26.26 21.76
C LYS A 530 -10.31 25.10 22.57
N VAL A 531 -11.03 23.98 22.64
CA VAL A 531 -10.57 22.86 23.45
C VAL A 531 -9.32 22.24 22.82
N ALA A 532 -9.25 22.15 21.50
CA ALA A 532 -8.04 21.62 20.87
C ALA A 532 -6.84 22.51 21.17
N ILE A 533 -7.02 23.83 21.08
CA ILE A 533 -5.92 24.74 21.38
C ILE A 533 -5.47 24.58 22.83
N MET A 534 -6.44 24.52 23.76
CA MET A 534 -6.09 24.38 25.17
C MET A 534 -5.33 23.09 25.43
N ILE A 535 -5.84 21.98 24.90
CA ILE A 535 -5.25 20.68 25.22
C ILE A 535 -3.86 20.57 24.59
N THR A 536 -3.67 21.10 23.38
CA THR A 536 -2.33 21.08 22.80
C THR A 536 -1.40 22.03 23.52
N ASN A 537 -1.92 23.12 24.08
CA ASN A 537 -1.10 24.00 24.89
C ASN A 537 -0.63 23.31 26.16
N PHE A 538 -1.49 22.50 26.78
CA PHE A 538 -1.09 21.80 27.99
C PHE A 538 0.04 20.81 27.73
N GLU A 539 0.26 20.44 26.47
CA GLU A 539 1.32 19.48 26.17
C GLU A 539 2.70 20.12 26.24
N LEU A 540 2.79 21.42 25.96
CA LEU A 540 4.04 22.17 25.99
C LEU A 540 5.07 21.60 25.01
N PRO A 541 4.82 21.71 23.70
CA PRO A 541 5.87 21.34 22.74
C PRO A 541 7.06 22.27 22.82
N ARG A 542 8.23 21.74 22.48
CA ARG A 542 9.46 22.53 22.58
C ARG A 542 9.55 23.59 21.49
N THR A 543 9.15 23.25 20.27
CA THR A 543 9.27 24.14 19.12
C THR A 543 7.88 24.47 18.58
N GLN A 544 7.87 25.23 17.47
CA GLN A 544 6.63 25.66 16.84
C GLN A 544 6.17 24.72 15.74
N THR A 545 7.08 24.05 15.04
CA THR A 545 6.66 23.09 14.02
C THR A 545 5.90 21.92 14.62
N ASP A 546 6.41 21.37 15.72
CA ASP A 546 5.71 20.29 16.40
C ASP A 546 4.37 20.78 16.94
N TYR A 547 4.33 22.00 17.46
CA TYR A 547 3.07 22.58 17.91
C TYR A 547 2.07 22.66 16.77
N GLU A 548 2.51 23.10 15.59
CA GLU A 548 1.62 23.18 14.44
C GLU A 548 1.12 21.80 14.04
N ASN A 549 2.01 20.80 14.01
CA ASN A 549 1.59 19.46 13.62
C ASN A 549 0.58 18.89 14.60
N SER A 550 0.86 19.02 15.91
CA SER A 550 -0.08 18.54 16.91
C SER A 550 -1.41 19.26 16.82
N LEU A 551 -1.40 20.59 16.66
CA LEU A 551 -2.64 21.33 16.56
C LEU A 551 -3.44 20.90 15.32
N THR A 552 -2.75 20.73 14.19
CA THR A 552 -3.47 20.44 12.95
C THR A 552 -4.07 19.04 12.95
N MET A 553 -3.35 18.05 13.48
CA MET A 553 -3.91 16.70 13.51
C MET A 553 -5.18 16.65 14.36
N LYS A 554 -5.13 17.20 15.57
CA LYS A 554 -6.29 17.19 16.44
C LYS A 554 -7.42 18.05 15.88
N MET A 555 -7.07 19.19 15.30
CA MET A 555 -8.08 20.05 14.69
C MET A 555 -8.80 19.31 13.57
N PHE A 556 -8.05 18.63 12.71
CA PHE A 556 -8.65 17.90 11.61
C PHE A 556 -9.52 16.77 12.13
N LEU A 557 -9.08 16.04 13.15
CA LEU A 557 -9.91 14.97 13.68
C LEU A 557 -11.22 15.51 14.26
N PHE A 558 -11.14 16.60 15.03
CA PHE A 558 -12.34 17.18 15.60
C PHE A 558 -13.31 17.64 14.51
N GLN A 559 -12.81 18.35 13.50
CA GLN A 559 -13.66 18.78 12.40
C GLN A 559 -14.25 17.59 11.68
N PHE A 560 -13.42 16.59 11.41
CA PHE A 560 -13.87 15.39 10.73
C PHE A 560 -15.06 14.78 11.44
N VAL A 561 -14.94 14.55 12.75
CA VAL A 561 -16.07 13.96 13.47
C VAL A 561 -17.26 14.91 13.44
N ASN A 562 -17.03 16.20 13.75
CA ASN A 562 -18.14 17.14 13.86
C ASN A 562 -18.94 17.21 12.58
N TYR A 563 -18.28 17.13 11.42
CA TYR A 563 -18.97 17.30 10.16
C TYR A 563 -19.48 16.00 9.56
N TYR A 564 -18.80 14.88 9.79
CA TYR A 564 -19.15 13.63 9.13
C TYR A 564 -19.86 12.63 10.04
N SER A 565 -20.01 12.92 11.33
CA SER A 565 -20.70 11.97 12.20
C SER A 565 -22.15 11.82 11.79
N SER A 566 -22.83 12.93 11.51
CA SER A 566 -24.22 12.84 11.07
C SER A 566 -24.33 12.10 9.76
N CYS A 567 -23.44 12.37 8.81
CA CYS A 567 -23.50 11.71 7.51
C CYS A 567 -23.27 10.21 7.66
N PHE A 568 -22.26 9.82 8.44
CA PHE A 568 -21.99 8.39 8.63
C PHE A 568 -23.15 7.70 9.33
N TYR A 569 -23.71 8.33 10.37
CA TYR A 569 -24.86 7.73 11.03
C TYR A 569 -26.01 7.55 10.06
N ILE A 570 -26.35 8.62 9.33
CA ILE A 570 -27.53 8.58 8.47
C ILE A 570 -27.30 7.71 7.25
N ALA A 571 -26.05 7.33 6.96
CA ALA A 571 -25.80 6.43 5.85
C ALA A 571 -25.78 4.97 6.31
N PHE A 572 -25.07 4.68 7.40
CA PHE A 572 -24.84 3.30 7.82
C PHE A 572 -25.72 2.85 8.98
N PHE A 573 -25.84 3.67 10.03
CA PHE A 573 -26.51 3.22 11.25
C PHE A 573 -27.98 3.55 11.29
N LYS A 574 -28.55 4.11 10.22
CA LYS A 574 -29.96 4.48 10.20
C LYS A 574 -30.75 3.43 9.43
N GLY A 575 -31.72 2.81 10.11
CA GLY A 575 -32.59 1.86 9.46
C GLY A 575 -31.90 0.64 8.90
N LYS A 576 -31.00 0.03 9.69
CA LYS A 576 -30.26 -1.15 9.25
C LYS A 576 -30.29 -2.30 10.24
N PHE A 577 -30.85 -2.10 11.43
CA PHE A 577 -30.93 -3.19 12.41
C PHE A 577 -32.28 -3.23 13.14
N VAL A 578 -33.29 -2.52 12.65
CA VAL A 578 -34.62 -2.62 13.25
C VAL A 578 -35.28 -3.90 12.77
N GLY A 579 -35.81 -4.68 13.72
CA GLY A 579 -36.42 -5.94 13.40
C GLY A 579 -37.85 -5.80 12.91
N TYR A 580 -38.52 -6.94 12.79
CA TYR A 580 -39.89 -6.95 12.32
C TYR A 580 -40.79 -6.22 13.32
N PRO A 581 -41.93 -5.71 12.86
CA PRO A 581 -42.79 -4.91 13.76
C PRO A 581 -43.25 -5.66 14.99
N GLY A 582 -43.29 -7.00 14.93
CA GLY A 582 -43.68 -7.75 16.11
C GLY A 582 -42.74 -7.55 17.28
N ASP A 583 -41.43 -7.54 17.02
CA ASP A 583 -40.40 -7.40 18.05
C ASP A 583 -39.43 -6.31 17.63
N PRO A 584 -39.84 -5.04 17.69
CA PRO A 584 -38.92 -3.96 17.32
C PRO A 584 -37.75 -3.88 18.28
N VAL A 585 -36.63 -3.39 17.76
CA VAL A 585 -35.38 -3.35 18.52
C VAL A 585 -35.32 -2.06 19.34
N TYR A 586 -35.13 -2.21 20.65
CA TYR A 586 -34.86 -1.10 21.55
C TYR A 586 -33.51 -1.39 22.19
N LEU A 587 -32.44 -0.92 21.56
CA LEU A 587 -31.10 -1.26 22.03
C LEU A 587 -30.82 -0.69 23.42
N LEU A 588 -31.34 0.50 23.71
CA LEU A 588 -31.09 1.13 25.00
C LEU A 588 -32.30 1.12 25.92
N GLY A 589 -33.51 1.09 25.37
CA GLY A 589 -34.71 1.12 26.18
C GLY A 589 -35.51 2.40 26.00
N LYS A 590 -36.66 2.29 25.35
CA LYS A 590 -37.53 3.43 25.06
C LYS A 590 -36.90 4.40 24.06
N TYR A 591 -35.87 3.95 23.33
CA TYR A 591 -35.24 4.73 22.28
C TYR A 591 -35.33 3.92 20.99
N ARG A 592 -36.46 4.04 20.29
CA ARG A 592 -36.64 3.30 19.05
C ARG A 592 -35.66 3.79 17.98
N SER A 593 -35.20 2.85 17.16
CA SER A 593 -34.33 3.18 16.03
C SER A 593 -35.19 3.50 14.82
N GLU A 594 -34.99 4.68 14.25
CA GLU A 594 -35.76 5.11 13.10
C GLU A 594 -35.35 4.33 11.85
N GLU A 595 -36.27 4.24 10.90
CA GLU A 595 -36.05 3.50 9.67
C GLU A 595 -36.41 4.37 8.46
N CYS A 596 -35.79 4.05 7.33
CA CYS A 596 -35.99 4.81 6.11
C CYS A 596 -37.19 4.27 5.33
N ASP A 597 -37.56 5.00 4.28
CA ASP A 597 -38.63 4.61 3.38
C ASP A 597 -38.15 3.47 2.47
N PRO A 598 -39.05 2.88 1.69
CA PRO A 598 -38.63 1.75 0.84
C PRO A 598 -37.50 2.10 -0.10
N GLY A 599 -37.47 3.33 -0.63
CA GLY A 599 -36.36 3.70 -1.49
C GLY A 599 -35.04 3.76 -0.76
N GLY A 600 -35.04 4.31 0.45
CA GLY A 600 -33.84 4.48 1.23
C GLY A 600 -33.64 5.92 1.66
N CYS A 601 -32.58 6.12 2.44
CA CYS A 601 -32.22 7.42 2.96
C CYS A 601 -31.16 8.12 2.11
N LEU A 602 -30.87 7.62 0.90
CA LEU A 602 -29.82 8.20 0.09
C LEU A 602 -30.16 9.62 -0.34
N LEU A 603 -31.41 9.86 -0.76
CA LEU A 603 -31.78 11.18 -1.26
C LEU A 603 -31.65 12.24 -0.16
N GLU A 604 -32.13 11.92 1.04
CA GLU A 604 -32.03 12.88 2.13
C GLU A 604 -30.62 12.94 2.71
N LEU A 605 -29.82 11.89 2.54
CA LEU A 605 -28.39 12.00 2.84
C LEU A 605 -27.74 13.03 1.90
N THR A 606 -28.13 13.00 0.63
CA THR A 606 -27.59 13.98 -0.36
C THR A 606 -28.12 15.36 0.03
N THR A 607 -29.36 15.47 0.54
CA THR A 607 -29.88 16.74 1.04
C THR A 607 -29.00 17.28 2.17
N GLN A 608 -28.69 16.41 3.14
CA GLN A 608 -27.83 16.83 4.24
C GLN A 608 -26.47 17.29 3.75
N LEU A 609 -25.87 16.53 2.82
CA LEU A 609 -24.55 16.89 2.30
C LEU A 609 -24.58 18.26 1.62
N THR A 610 -25.56 18.46 0.75
CA THR A 610 -25.72 19.73 -0.02
C THR A 610 -25.95 20.89 0.94
N ILE A 611 -26.78 20.71 1.96
CA ILE A 611 -27.07 21.77 2.92
C ILE A 611 -25.81 22.13 3.68
N ILE A 612 -25.13 21.12 4.24
CA ILE A 612 -23.95 21.41 5.04
C ILE A 612 -22.88 22.10 4.20
N MET A 613 -22.56 21.55 3.03
CA MET A 613 -21.49 22.10 2.21
C MET A 613 -21.79 23.54 1.82
N GLY A 614 -22.93 23.76 1.18
CA GLY A 614 -23.28 25.08 0.70
C GLY A 614 -23.42 26.09 1.81
N GLY A 615 -24.13 25.72 2.88
CA GLY A 615 -24.29 26.64 3.99
C GLY A 615 -22.97 27.02 4.61
N LYS A 616 -22.10 26.05 4.88
CA LYS A 616 -20.80 26.36 5.43
C LYS A 616 -20.07 27.35 4.54
N ALA A 617 -19.97 27.04 3.25
CA ALA A 617 -19.21 27.90 2.35
C ALA A 617 -19.77 29.32 2.34
N ILE A 618 -21.04 29.45 1.99
CA ILE A 618 -21.62 30.79 1.87
C ILE A 618 -21.44 31.53 3.18
N TRP A 619 -21.78 30.87 4.29
CA TRP A 619 -21.68 31.50 5.58
C TRP A 619 -20.26 31.96 5.79
N ASN A 620 -19.31 31.06 5.66
CA ASN A 620 -17.92 31.40 5.93
C ASN A 620 -17.46 32.51 5.03
N ASN A 621 -17.85 32.45 3.76
CA ASN A 621 -17.43 33.46 2.82
C ASN A 621 -17.89 34.82 3.30
N ILE A 622 -19.18 34.96 3.60
CA ILE A 622 -19.69 36.27 4.00
C ILE A 622 -19.02 36.71 5.29
N GLN A 623 -18.80 35.76 6.20
CA GLN A 623 -18.17 36.07 7.47
C GLN A 623 -16.82 36.70 7.27
N GLU A 624 -16.00 36.08 6.42
CA GLU A 624 -14.66 36.61 6.18
C GLU A 624 -14.71 37.92 5.47
N VAL A 625 -15.30 37.99 4.26
CA VAL A 625 -15.24 39.26 3.46
C VAL A 625 -16.20 39.33 2.25
N LEU A 626 -17.53 39.14 2.37
CA LEU A 626 -18.41 39.40 1.23
C LEU A 626 -19.54 40.36 1.59
N LEU A 627 -19.41 41.08 2.70
CA LEU A 627 -20.40 42.07 3.07
C LEU A 627 -20.22 43.35 2.26
N PRO A 628 -19.00 43.89 2.16
CA PRO A 628 -18.82 45.16 1.44
C PRO A 628 -19.27 45.12 0.00
N TRP A 629 -19.01 44.03 -0.73
CA TRP A 629 -19.32 44.00 -2.15
C TRP A 629 -20.83 44.03 -2.37
N VAL A 630 -21.58 43.21 -1.62
CA VAL A 630 -23.03 43.21 -1.75
C VAL A 630 -23.60 44.55 -1.29
N MET A 631 -23.05 45.12 -0.22
CA MET A 631 -23.53 46.42 0.24
C MET A 631 -23.34 47.49 -0.83
N ASN A 632 -22.17 47.50 -1.48
CA ASN A 632 -21.91 48.47 -2.52
C ASN A 632 -22.83 48.26 -3.72
N LEU A 633 -23.05 46.99 -4.11
CA LEU A 633 -23.94 46.72 -5.22
C LEU A 633 -25.36 47.20 -4.92
N LYS A 645 -5.96 63.96 7.47
CA LYS A 645 -6.33 62.99 6.43
C LYS A 645 -5.13 62.09 6.11
N ILE A 646 -4.19 62.63 5.33
CA ILE A 646 -3.03 61.84 4.93
C ILE A 646 -2.22 61.44 6.15
N THR A 647 -1.82 60.18 6.21
CA THR A 647 -0.94 59.66 7.25
C THR A 647 0.11 58.79 6.58
N PRO A 648 1.28 58.65 7.21
CA PRO A 648 2.34 57.82 6.62
C PRO A 648 1.91 56.36 6.50
N ARG A 649 2.70 55.60 5.74
CA ARG A 649 2.36 54.21 5.47
C ARG A 649 2.45 53.37 6.74
N TRP A 650 3.44 53.63 7.59
CA TRP A 650 3.58 52.86 8.82
C TRP A 650 2.36 53.06 9.72
N GLU A 651 1.86 54.28 9.81
CA GLU A 651 0.64 54.52 10.58
C GLU A 651 -0.53 53.75 10.00
N GLN A 652 -0.66 53.74 8.66
CA GLN A 652 -1.75 52.99 8.02
C GLN A 652 -1.66 51.52 8.36
N ASP A 653 -0.45 50.95 8.30
CA ASP A 653 -0.30 49.53 8.60
C ASP A 653 -0.57 49.24 10.07
N TYR A 654 -0.16 50.14 10.96
CA TYR A 654 -0.45 49.95 12.37
C TYR A 654 -1.94 49.99 12.63
N HIS A 655 -2.67 50.82 11.88
CA HIS A 655 -4.13 50.85 12.02
C HIS A 655 -4.75 49.51 11.62
N LEU A 656 -4.03 48.71 10.83
CA LEU A 656 -4.53 47.43 10.35
C LEU A 656 -4.28 46.35 11.40
N GLN A 657 -4.87 45.17 11.18
CA GLN A 657 -4.76 44.04 12.08
C GLN A 657 -4.06 42.90 11.37
N PRO A 658 -3.27 42.08 12.11
CA PRO A 658 -2.55 40.98 11.47
C PRO A 658 -3.36 39.69 11.42
N MET A 659 -2.72 38.61 10.98
CA MET A 659 -3.41 37.32 10.88
C MET A 659 -3.66 36.70 12.24
N GLY A 660 -2.59 36.38 12.96
CA GLY A 660 -2.68 35.61 14.19
C GLY A 660 -1.90 34.31 14.17
N LYS A 661 -1.17 34.01 13.10
CA LYS A 661 -0.32 32.82 12.96
C LYS A 661 -1.10 31.56 12.64
N LEU A 662 -2.40 31.65 12.37
CA LEU A 662 -3.21 30.47 12.09
C LEU A 662 -4.12 30.65 10.88
N GLY A 663 -4.04 31.77 10.17
CA GLY A 663 -4.92 31.98 9.04
C GLY A 663 -4.70 30.97 7.92
N LEU A 664 -3.44 30.76 7.53
CA LEU A 664 -3.15 29.76 6.51
C LEU A 664 -3.59 28.38 6.96
N PHE A 665 -3.42 28.07 8.24
CA PHE A 665 -3.88 26.79 8.76
C PHE A 665 -5.39 26.65 8.60
N TYR A 666 -6.14 27.72 8.90
CA TYR A 666 -7.60 27.67 8.74
C TYR A 666 -7.99 27.49 7.28
N GLU A 667 -7.32 28.19 6.38
CA GLU A 667 -7.63 28.05 4.95
C GLU A 667 -7.37 26.62 4.48
N TYR A 668 -6.23 26.05 4.89
CA TYR A 668 -5.94 24.66 4.56
C TYR A 668 -6.98 23.73 5.15
N LEU A 669 -7.42 24.01 6.39
CA LEU A 669 -8.41 23.17 7.03
C LEU A 669 -9.72 23.16 6.25
N GLU A 670 -10.18 24.35 5.83
CA GLU A 670 -11.44 24.40 5.09
C GLU A 670 -11.31 23.72 3.73
N MET A 671 -10.16 23.91 3.06
CA MET A 671 -9.95 23.22 1.79
C MET A 671 -9.96 21.70 1.98
N ILE A 672 -9.31 21.21 3.04
CA ILE A 672 -9.26 19.77 3.26
C ILE A 672 -10.63 19.22 3.62
N ILE A 673 -11.43 19.96 4.38
CA ILE A 673 -12.78 19.51 4.68
C ILE A 673 -13.62 19.46 3.41
N GLN A 674 -13.46 20.46 2.53
CA GLN A 674 -14.16 20.43 1.25
C GLN A 674 -13.73 19.22 0.43
N PHE A 675 -12.44 18.92 0.41
CA PHE A 675 -11.95 17.74 -0.29
C PHE A 675 -12.56 16.47 0.30
N GLY A 676 -12.67 16.42 1.63
CA GLY A 676 -13.30 15.27 2.26
C GLY A 676 -14.74 15.08 1.83
N PHE A 677 -15.52 16.18 1.84
CA PHE A 677 -16.89 16.07 1.35
C PHE A 677 -16.94 15.61 -0.10
N VAL A 678 -16.06 16.16 -0.94
CA VAL A 678 -16.11 15.82 -2.36
C VAL A 678 -15.77 14.36 -2.59
N THR A 679 -14.73 13.84 -1.93
CA THR A 679 -14.23 12.51 -2.25
C THR A 679 -14.91 11.39 -1.46
N LEU A 680 -15.31 11.65 -0.21
CA LEU A 680 -15.85 10.58 0.62
C LEU A 680 -17.22 10.14 0.13
N PHE A 681 -18.19 11.05 0.18
CA PHE A 681 -19.57 10.74 -0.23
C PHE A 681 -19.83 11.16 -1.68
N VAL A 682 -19.02 10.65 -2.61
CA VAL A 682 -19.19 11.06 -4.00
C VAL A 682 -20.28 10.25 -4.68
N ALA A 683 -20.52 9.02 -4.21
CA ALA A 683 -21.58 8.21 -4.81
C ALA A 683 -22.95 8.84 -4.60
N SER A 684 -23.21 9.33 -3.39
CA SER A 684 -24.53 9.89 -3.09
C SER A 684 -24.80 11.16 -3.90
N PHE A 685 -23.82 12.05 -3.95
CA PHE A 685 -23.98 13.37 -4.56
C PHE A 685 -22.94 13.55 -5.65
N PRO A 686 -23.24 13.18 -6.90
CA PRO A 686 -22.23 13.32 -7.96
C PRO A 686 -21.96 14.76 -8.38
N LEU A 687 -22.79 15.71 -7.97
CA LEU A 687 -22.60 17.11 -8.32
C LEU A 687 -21.72 17.85 -7.33
N ALA A 688 -21.17 17.16 -6.33
CA ALA A 688 -20.28 17.82 -5.38
C ALA A 688 -19.08 18.47 -6.05
N PRO A 689 -18.41 17.83 -7.02
CA PRO A 689 -17.26 18.49 -7.65
C PRO A 689 -17.59 19.83 -8.30
N LEU A 690 -18.78 20.00 -8.87
CA LEU A 690 -19.13 21.30 -9.44
C LEU A 690 -19.27 22.36 -8.35
N LEU A 691 -19.89 22.00 -7.23
CA LEU A 691 -19.98 22.92 -6.10
C LEU A 691 -18.59 23.30 -5.61
N ALA A 692 -17.70 22.32 -5.48
CA ALA A 692 -16.33 22.61 -5.08
C ALA A 692 -15.64 23.49 -6.11
N LEU A 693 -15.91 23.25 -7.39
CA LEU A 693 -15.26 24.04 -8.43
C LEU A 693 -15.63 25.51 -8.29
N VAL A 694 -16.92 25.80 -8.15
CA VAL A 694 -17.34 27.20 -7.98
C VAL A 694 -16.81 27.75 -6.67
N ASN A 695 -16.82 26.95 -5.61
CA ASN A 695 -16.36 27.43 -4.31
C ASN A 695 -14.91 27.86 -4.38
N ASN A 696 -14.05 27.03 -4.97
CA ASN A 696 -12.64 27.40 -5.11
C ASN A 696 -12.43 28.55 -6.09
N ILE A 697 -13.23 28.60 -7.16
CA ILE A 697 -13.11 29.72 -8.09
C ILE A 697 -13.32 31.04 -7.36
N LEU A 698 -14.30 31.10 -6.47
CA LEU A 698 -14.48 32.32 -5.67
C LEU A 698 -13.44 32.42 -4.56
N GLU A 699 -13.01 31.27 -4.01
CA GLU A 699 -12.12 31.28 -2.87
C GLU A 699 -10.76 31.87 -3.22
N ILE A 700 -10.24 31.56 -4.41
CA ILE A 700 -8.95 32.11 -4.80
C ILE A 700 -9.00 33.63 -4.73
N ARG A 701 -10.01 34.23 -5.37
CA ARG A 701 -10.10 35.67 -5.44
C ARG A 701 -10.37 36.28 -4.07
N VAL A 702 -11.22 35.65 -3.26
CA VAL A 702 -11.56 36.25 -1.98
C VAL A 702 -10.37 36.18 -1.03
N ASP A 703 -9.65 35.05 -1.01
CA ASP A 703 -8.45 34.96 -0.20
C ASP A 703 -7.41 35.97 -0.65
N ALA A 704 -7.20 36.12 -1.96
CA ALA A 704 -6.26 37.11 -2.45
C ALA A 704 -6.66 38.51 -2.01
N TRP A 705 -7.95 38.82 -2.13
CA TRP A 705 -8.43 40.16 -1.78
C TRP A 705 -8.21 40.46 -0.30
N LYS A 706 -8.61 39.53 0.56
CA LYS A 706 -8.45 39.78 1.99
C LYS A 706 -6.97 39.88 2.36
N LEU A 707 -6.13 38.98 1.82
CA LEU A 707 -4.72 39.01 2.14
C LEU A 707 -4.07 40.33 1.70
N THR A 708 -4.48 40.83 0.52
CA THR A 708 -3.83 42.02 -0.02
C THR A 708 -4.38 43.31 0.57
N THR A 709 -5.62 43.30 1.07
CA THR A 709 -6.23 44.54 1.55
C THR A 709 -6.32 44.60 3.07
N GLN A 710 -6.93 43.61 3.71
CA GLN A 710 -7.29 43.69 5.11
C GLN A 710 -6.25 43.07 6.04
N PHE A 711 -5.17 42.51 5.50
CA PHE A 711 -4.19 41.80 6.32
C PHE A 711 -2.82 42.45 6.14
N ARG A 712 -2.06 42.50 7.23
CA ARG A 712 -0.73 43.07 7.20
C ARG A 712 0.22 42.14 6.43
N ARG A 713 1.31 42.71 5.95
CA ARG A 713 2.31 41.94 5.23
C ARG A 713 2.99 40.95 6.16
N MET A 714 3.19 39.73 5.68
CA MET A 714 3.77 38.65 6.47
C MET A 714 5.21 38.39 6.03
N VAL A 715 6.01 37.89 6.97
CA VAL A 715 7.41 37.57 6.66
C VAL A 715 7.45 36.35 5.74
N PRO A 716 8.23 36.37 4.66
CA PRO A 716 8.27 35.20 3.78
C PRO A 716 8.89 33.99 4.45
N GLU A 717 8.53 32.80 3.96
CA GLU A 717 9.10 31.55 4.41
C GLU A 717 9.15 30.58 3.25
N LYS A 718 10.00 29.55 3.37
CA LYS A 718 10.09 28.47 2.40
C LYS A 718 9.55 27.17 3.00
N ALA A 719 8.99 26.34 2.14
CA ALA A 719 8.58 25.00 2.52
C ALA A 719 8.75 24.08 1.32
N GLN A 720 9.20 22.85 1.59
CA GLN A 720 9.43 21.86 0.55
C GLN A 720 8.17 21.10 0.18
N ASP A 721 7.06 21.34 0.86
CA ASP A 721 5.80 20.65 0.61
C ASP A 721 4.71 21.49 1.26
N ILE A 722 3.45 21.15 0.98
CA ILE A 722 2.34 21.87 1.59
C ILE A 722 2.42 21.75 3.11
N GLY A 723 2.82 20.59 3.62
CA GLY A 723 2.99 20.39 5.05
C GLY A 723 2.64 18.99 5.47
N ALA A 724 1.94 18.87 6.60
CA ALA A 724 1.48 17.59 7.10
C ALA A 724 0.15 17.16 6.48
N TRP A 725 -0.29 17.85 5.43
CA TRP A 725 -1.61 17.61 4.87
C TRP A 725 -1.64 16.49 3.84
N GLN A 726 -0.53 16.24 3.13
CA GLN A 726 -0.55 15.16 2.14
C GLN A 726 -0.93 13.82 2.77
N PRO A 727 -0.33 13.40 3.88
CA PRO A 727 -0.78 12.16 4.52
C PRO A 727 -2.27 12.17 4.81
N ILE A 728 -2.81 13.34 5.15
CA ILE A 728 -4.26 13.46 5.27
C ILE A 728 -4.94 13.11 3.95
N MET A 729 -4.34 13.51 2.83
CA MET A 729 -4.94 13.23 1.54
C MET A 729 -4.91 11.73 1.22
N GLN A 730 -3.78 11.07 1.44
CA GLN A 730 -3.76 9.63 1.18
C GLN A 730 -4.71 8.89 2.12
N GLY A 731 -4.73 9.25 3.41
CA GLY A 731 -5.68 8.63 4.31
C GLY A 731 -7.11 8.86 3.87
N ILE A 732 -7.41 10.07 3.39
CA ILE A 732 -8.76 10.37 2.94
C ILE A 732 -9.13 9.53 1.73
N ALA A 733 -8.20 9.35 0.80
CA ALA A 733 -8.49 8.52 -0.38
C ALA A 733 -8.71 7.06 0.01
N ILE A 734 -7.84 6.54 0.88
CA ILE A 734 -7.97 5.14 1.30
C ILE A 734 -9.27 4.92 2.06
N LEU A 735 -9.71 5.91 2.85
CA LEU A 735 -10.99 5.79 3.51
C LEU A 735 -12.15 6.00 2.54
N ALA A 736 -11.96 6.85 1.52
CA ALA A 736 -13.03 7.19 0.60
C ALA A 736 -13.40 6.00 -0.27
N VAL A 737 -12.41 5.23 -0.71
CA VAL A 737 -12.73 4.06 -1.54
C VAL A 737 -13.67 3.12 -0.79
N VAL A 738 -13.33 2.79 0.46
CA VAL A 738 -14.16 1.87 1.23
C VAL A 738 -15.49 2.52 1.59
N THR A 739 -15.48 3.82 1.89
CA THR A 739 -16.72 4.50 2.23
C THR A 739 -17.69 4.48 1.06
N ASN A 740 -17.20 4.73 -0.16
CA ASN A 740 -18.06 4.66 -1.32
C ASN A 740 -18.54 3.24 -1.58
N ALA A 741 -17.66 2.26 -1.37
CA ALA A 741 -18.08 0.87 -1.54
C ALA A 741 -19.25 0.54 -0.63
N MET A 742 -19.11 0.86 0.67
CA MET A 742 -20.20 0.54 1.60
C MET A 742 -21.44 1.38 1.31
N ILE A 743 -21.26 2.63 0.89
CA ILE A 743 -22.42 3.47 0.59
C ILE A 743 -23.22 2.85 -0.54
N ILE A 744 -22.56 2.51 -1.65
CA ILE A 744 -23.26 1.89 -2.76
C ILE A 744 -23.83 0.54 -2.40
N ALA A 745 -23.16 -0.22 -1.52
CA ALA A 745 -23.65 -1.55 -1.17
C ALA A 745 -24.88 -1.49 -0.29
N PHE A 746 -24.88 -0.63 0.72
CA PHE A 746 -25.92 -0.65 1.75
C PHE A 746 -26.92 0.48 1.62
N THR A 747 -26.45 1.73 1.48
CA THR A 747 -27.37 2.85 1.47
C THR A 747 -28.28 2.81 0.24
N SER A 748 -27.71 2.41 -0.90
CA SER A 748 -28.46 2.36 -2.19
C SER A 748 -29.05 0.97 -2.40
N ASP A 749 -30.30 0.88 -2.89
CA ASP A 749 -30.95 -0.38 -3.18
C ASP A 749 -30.65 -0.88 -4.59
N MET A 750 -29.47 -0.54 -5.12
CA MET A 750 -29.05 -0.95 -6.49
C MET A 750 -28.77 -2.46 -6.50
N ILE A 751 -28.17 -3.01 -5.44
CA ILE A 751 -27.88 -4.44 -5.38
C ILE A 751 -29.15 -5.28 -5.22
N PRO A 752 -30.07 -4.96 -4.32
CA PRO A 752 -31.31 -5.75 -4.26
C PRO A 752 -32.05 -5.81 -5.58
N ARG A 753 -32.12 -4.70 -6.31
CA ARG A 753 -32.88 -4.71 -7.56
C ARG A 753 -32.13 -5.45 -8.66
N LEU A 754 -30.80 -5.34 -8.70
CA LEU A 754 -30.05 -6.15 -9.65
C LEU A 754 -30.24 -7.63 -9.36
N VAL A 755 -30.20 -8.02 -8.08
CA VAL A 755 -30.41 -9.41 -7.71
C VAL A 755 -31.79 -9.87 -8.14
N TYR A 756 -32.81 -9.05 -7.90
CA TYR A 756 -34.15 -9.41 -8.35
C TYR A 756 -34.18 -9.60 -9.86
N TYR A 757 -33.63 -8.63 -10.60
CA TYR A 757 -33.65 -8.71 -12.06
C TYR A 757 -33.00 -9.99 -12.55
N TRP A 758 -31.85 -10.36 -11.98
CA TRP A 758 -31.10 -11.48 -12.51
C TRP A 758 -31.58 -12.83 -12.00
N SER A 759 -32.22 -12.90 -10.83
CA SER A 759 -32.56 -14.17 -10.22
C SER A 759 -34.05 -14.37 -10.03
N PHE A 760 -34.76 -13.40 -9.48
CA PHE A 760 -36.14 -13.59 -9.03
C PHE A 760 -37.17 -13.15 -10.05
N SER A 761 -36.77 -12.80 -11.27
CA SER A 761 -37.69 -12.62 -12.38
C SER A 761 -37.69 -13.82 -13.32
N ILE A 762 -37.39 -15.00 -12.79
CA ILE A 762 -37.17 -16.21 -13.59
C ILE A 762 -38.13 -17.26 -13.03
N PRO A 763 -38.57 -18.24 -13.81
CA PRO A 763 -39.64 -19.15 -13.35
C PRO A 763 -39.33 -19.80 -12.02
N PRO A 764 -38.08 -20.19 -11.75
CA PRO A 764 -37.81 -20.89 -10.48
C PRO A 764 -38.26 -20.12 -9.26
N TYR A 765 -38.11 -18.79 -9.26
CA TYR A 765 -38.54 -17.95 -8.16
C TYR A 765 -39.63 -16.96 -8.55
N GLY A 766 -39.85 -16.74 -9.84
CA GLY A 766 -40.86 -15.80 -10.29
C GLY A 766 -41.74 -16.37 -11.37
N ASP A 767 -42.36 -15.49 -12.16
CA ASP A 767 -43.28 -15.91 -13.22
C ASP A 767 -43.00 -15.26 -14.56
N HIS A 768 -42.16 -14.22 -14.63
CA HIS A 768 -41.90 -13.56 -15.90
C HIS A 768 -41.12 -14.47 -16.84
N THR A 769 -41.41 -14.37 -18.12
CA THR A 769 -40.78 -15.24 -19.12
C THR A 769 -39.31 -14.94 -19.31
N TYR A 770 -38.87 -13.70 -19.07
CA TYR A 770 -37.48 -13.33 -19.22
C TYR A 770 -37.13 -12.27 -18.18
N TYR A 771 -35.88 -11.83 -18.20
CA TYR A 771 -35.38 -10.91 -17.17
C TYR A 771 -36.11 -9.59 -17.27
N THR A 772 -36.59 -9.09 -16.12
CA THR A 772 -37.25 -7.79 -16.09
C THR A 772 -37.38 -7.36 -14.64
N MET A 773 -37.63 -6.06 -14.45
CA MET A 773 -37.84 -5.48 -13.13
C MET A 773 -39.30 -5.44 -12.72
N ASP A 774 -40.20 -6.05 -13.50
CA ASP A 774 -41.62 -6.02 -13.19
C ASP A 774 -41.90 -6.74 -11.88
N GLY A 775 -42.77 -6.17 -11.05
CA GLY A 775 -43.16 -6.81 -9.82
C GLY A 775 -42.12 -6.72 -8.72
N TYR A 776 -41.07 -5.93 -8.91
CA TYR A 776 -40.03 -5.83 -7.90
C TYR A 776 -40.58 -5.31 -6.58
N ILE A 777 -41.38 -4.24 -6.64
CA ILE A 777 -41.92 -3.64 -5.42
C ILE A 777 -42.81 -4.62 -4.69
N ASN A 778 -43.73 -5.26 -5.41
CA ASN A 778 -44.68 -6.16 -4.76
C ASN A 778 -44.08 -7.51 -4.42
N ASN A 779 -43.01 -7.93 -5.10
CA ASN A 779 -42.38 -9.23 -4.84
C ASN A 779 -41.15 -9.11 -3.94
N THR A 780 -40.83 -7.91 -3.46
CA THR A 780 -39.71 -7.73 -2.56
C THR A 780 -40.17 -7.38 -1.15
N LEU A 781 -41.26 -6.63 -0.99
CA LEU A 781 -41.74 -6.23 0.32
C LEU A 781 -42.23 -7.43 1.12
N SER A 782 -42.02 -7.40 2.43
CA SER A 782 -42.47 -8.48 3.30
C SER A 782 -43.87 -8.18 3.82
N VAL A 783 -44.48 -9.20 4.45
CA VAL A 783 -45.83 -9.11 4.98
C VAL A 783 -45.79 -9.28 6.49
N PHE A 784 -46.72 -8.63 7.18
CA PHE A 784 -46.81 -8.68 8.65
C PHE A 784 -48.27 -8.88 9.03
N ASN A 785 -48.51 -9.75 10.00
CA ASN A 785 -49.87 -10.01 10.46
C ASN A 785 -50.11 -9.32 11.79
N ILE A 786 -51.21 -8.56 11.87
CA ILE A 786 -51.43 -7.72 13.05
C ILE A 786 -51.71 -8.55 14.29
N THR A 787 -52.34 -9.72 14.14
CA THR A 787 -52.65 -10.52 15.32
C THR A 787 -51.39 -10.92 16.07
N ASP A 788 -50.23 -10.87 15.39
CA ASP A 788 -48.94 -11.04 16.04
C ASP A 788 -48.36 -9.71 16.48
N PHE A 789 -49.21 -8.75 16.81
CA PHE A 789 -48.78 -7.40 17.16
C PHE A 789 -47.49 -7.38 17.98
N LYS A 790 -47.45 -8.17 19.06
CA LYS A 790 -46.32 -8.17 19.96
C LYS A 790 -46.16 -9.54 20.57
N ASN A 791 -45.02 -10.19 20.30
CA ASN A 791 -44.71 -11.43 21.00
C ASN A 791 -44.46 -11.18 22.48
N THR A 792 -44.26 -9.91 22.87
CA THR A 792 -44.04 -9.55 24.27
C THR A 792 -45.34 -9.45 25.07
N ASP A 793 -46.50 -9.59 24.41
CA ASP A 793 -47.79 -9.51 25.08
C ASP A 793 -48.01 -8.15 25.73
N LYS A 794 -47.46 -7.10 25.14
CA LYS A 794 -47.60 -5.75 25.67
C LYS A 794 -48.53 -4.91 24.78
N GLU A 795 -48.70 -3.65 25.17
CA GLU A 795 -49.59 -2.75 24.45
C GLU A 795 -49.16 -2.61 23.00
N ASN A 796 -50.14 -2.63 22.10
CA ASN A 796 -49.91 -2.54 20.66
C ASN A 796 -50.75 -1.41 20.07
N PRO A 797 -50.23 -0.72 19.05
CA PRO A 797 -51.01 0.35 18.42
C PRO A 797 -51.85 -0.13 17.24
N TYR A 798 -51.56 -1.35 16.77
CA TYR A 798 -52.21 -1.83 15.55
C TYR A 798 -53.68 -2.14 15.79
N ILE A 799 -54.08 -2.34 17.05
CA ILE A 799 -55.43 -2.80 17.33
C ILE A 799 -56.46 -1.85 16.72
N GLY A 800 -57.49 -2.43 16.11
CA GLY A 800 -58.56 -1.62 15.55
C GLY A 800 -58.15 -1.00 14.21
N LEU A 801 -58.51 0.27 14.04
CA LEU A 801 -58.18 1.02 12.83
C LEU A 801 -58.83 0.40 11.60
N GLY A 802 -60.10 0.02 11.75
CA GLY A 802 -60.84 -0.52 10.63
C GLY A 802 -60.70 -2.02 10.50
N ASN A 803 -60.95 -2.49 9.28
CA ASN A 803 -60.91 -3.91 8.94
C ASN A 803 -59.52 -4.36 8.50
N TYR A 804 -58.54 -3.46 8.51
CA TYR A 804 -57.19 -3.83 8.11
C TYR A 804 -56.65 -4.92 9.04
N THR A 805 -56.07 -5.95 8.44
CA THR A 805 -55.54 -7.09 9.19
C THR A 805 -54.08 -7.40 8.88
N LEU A 806 -53.50 -6.77 7.86
CA LEU A 806 -52.12 -7.03 7.50
C LEU A 806 -51.52 -5.80 6.84
N CYS A 807 -50.20 -5.75 6.79
CA CYS A 807 -49.49 -4.61 6.26
C CYS A 807 -48.12 -5.06 5.77
N ARG A 808 -47.43 -4.15 5.07
CA ARG A 808 -46.14 -4.43 4.47
C ARG A 808 -45.06 -3.55 5.10
N TYR A 809 -43.82 -4.04 5.06
CA TYR A 809 -42.71 -3.31 5.65
C TYR A 809 -41.44 -3.58 4.84
N ARG A 810 -40.48 -2.68 4.99
CA ARG A 810 -39.21 -2.74 4.25
C ARG A 810 -38.30 -3.76 4.90
N ASP A 811 -38.39 -5.02 4.47
CA ASP A 811 -37.50 -6.05 4.95
C ASP A 811 -37.73 -7.31 4.13
N PHE A 812 -36.72 -8.18 4.10
CA PHE A 812 -36.73 -9.38 3.29
C PHE A 812 -36.98 -10.63 4.11
N ARG A 813 -37.87 -10.56 5.09
CA ARG A 813 -38.16 -11.70 5.95
C ARG A 813 -39.26 -12.57 5.33
N ASN A 814 -39.46 -13.74 5.92
CA ASN A 814 -40.50 -14.67 5.49
C ASN A 814 -41.87 -14.16 5.87
N PRO A 815 -42.92 -14.61 5.19
CA PRO A 815 -44.27 -14.14 5.47
C PRO A 815 -44.88 -14.91 6.62
N PRO A 816 -45.95 -14.40 7.23
CA PRO A 816 -46.63 -15.15 8.29
C PRO A 816 -47.18 -16.45 7.75
N GLY A 817 -47.14 -17.49 8.59
CA GLY A 817 -47.55 -18.82 8.20
C GLY A 817 -46.42 -19.69 7.68
N HIS A 818 -45.30 -19.09 7.26
CA HIS A 818 -44.13 -19.87 6.91
C HIS A 818 -43.57 -20.54 8.16
N PRO A 819 -42.97 -21.73 8.04
CA PRO A 819 -42.38 -22.35 9.24
C PRO A 819 -41.41 -21.44 9.97
N GLN A 820 -40.51 -20.79 9.24
CA GLN A 820 -39.62 -19.78 9.82
C GLN A 820 -40.17 -18.38 9.59
N GLU A 821 -41.38 -18.16 10.09
CA GLU A 821 -42.04 -16.87 9.90
C GLU A 821 -41.25 -15.77 10.61
N TYR A 822 -41.23 -14.58 10.00
CA TYR A 822 -40.54 -13.43 10.56
C TYR A 822 -39.04 -13.68 10.70
N LYS A 823 -38.48 -14.50 9.81
CA LYS A 823 -37.05 -14.79 9.79
C LYS A 823 -36.48 -14.43 8.43
N HIS A 824 -35.21 -14.02 8.44
CA HIS A 824 -34.55 -13.66 7.19
C HIS A 824 -34.60 -14.82 6.21
N ASN A 825 -35.01 -14.54 4.98
CA ASN A 825 -35.23 -15.59 3.99
C ASN A 825 -34.04 -15.70 3.04
N ILE A 826 -34.23 -16.51 1.99
CA ILE A 826 -33.17 -16.74 1.02
C ILE A 826 -32.82 -15.46 0.28
N TYR A 827 -33.81 -14.62 -0.01
CA TYR A 827 -33.55 -13.38 -0.74
C TYR A 827 -32.62 -12.47 0.05
N TYR A 828 -32.83 -12.37 1.36
CA TYR A 828 -31.96 -11.54 2.19
C TYR A 828 -30.52 -12.00 2.11
N TRP A 829 -30.29 -13.30 2.20
CA TRP A 829 -28.93 -13.82 2.17
C TRP A 829 -28.31 -13.65 0.79
N HIS A 830 -29.10 -13.86 -0.26
CA HIS A 830 -28.62 -13.58 -1.61
C HIS A 830 -28.15 -12.13 -1.73
N VAL A 831 -28.96 -11.20 -1.23
CA VAL A 831 -28.62 -9.78 -1.34
C VAL A 831 -27.38 -9.45 -0.52
N ILE A 832 -27.27 -10.00 0.68
CA ILE A 832 -26.10 -9.73 1.51
C ILE A 832 -24.84 -10.26 0.83
N ALA A 833 -24.90 -11.48 0.28
CA ALA A 833 -23.75 -12.01 -0.44
C ALA A 833 -23.39 -11.13 -1.62
N ALA A 834 -24.39 -10.66 -2.38
CA ALA A 834 -24.11 -9.78 -3.50
C ALA A 834 -23.42 -8.51 -3.03
N LYS A 835 -23.90 -7.93 -1.93
CA LYS A 835 -23.30 -6.70 -1.42
C LYS A 835 -21.85 -6.91 -1.01
N LEU A 836 -21.59 -7.98 -0.26
CA LEU A 836 -20.22 -8.22 0.20
C LEU A 836 -19.30 -8.49 -1.00
N ALA A 837 -19.77 -9.27 -1.96
CA ALA A 837 -18.97 -9.55 -3.15
C ALA A 837 -18.69 -8.27 -3.93
N PHE A 838 -19.68 -7.39 -4.06
CA PHE A 838 -19.47 -6.13 -4.75
C PHE A 838 -18.42 -5.30 -4.03
N ILE A 839 -18.49 -5.24 -2.70
CA ILE A 839 -17.50 -4.48 -1.95
C ILE A 839 -16.11 -5.04 -2.20
N ILE A 840 -15.96 -6.36 -2.09
CA ILE A 840 -14.64 -6.97 -2.28
C ILE A 840 -14.11 -6.67 -3.68
N VAL A 841 -14.94 -6.88 -4.69
CA VAL A 841 -14.49 -6.71 -6.07
C VAL A 841 -14.10 -5.26 -6.32
N MET A 842 -14.96 -4.32 -5.90
CA MET A 842 -14.66 -2.91 -6.14
C MET A 842 -13.36 -2.52 -5.44
N GLU A 843 -13.22 -2.89 -4.17
CA GLU A 843 -12.00 -2.52 -3.44
C GLU A 843 -10.77 -3.07 -4.14
N HIS A 844 -10.77 -4.37 -4.47
CA HIS A 844 -9.59 -4.97 -5.04
C HIS A 844 -9.25 -4.37 -6.40
N ILE A 845 -10.26 -4.19 -7.27
CA ILE A 845 -9.99 -3.65 -8.60
C ILE A 845 -9.50 -2.22 -8.50
N ILE A 846 -10.12 -1.41 -7.63
CA ILE A 846 -9.70 -0.02 -7.49
C ILE A 846 -8.26 0.05 -7.00
N TYR A 847 -7.93 -0.73 -5.98
CA TYR A 847 -6.58 -0.68 -5.43
C TYR A 847 -5.56 -1.14 -6.45
N SER A 848 -5.88 -2.21 -7.19
CA SER A 848 -4.96 -2.70 -8.21
C SER A 848 -4.74 -1.65 -9.30
N VAL A 849 -5.82 -0.98 -9.73
CA VAL A 849 -5.69 0.03 -10.77
C VAL A 849 -4.85 1.20 -10.26
N LYS A 850 -5.08 1.61 -9.01
CA LYS A 850 -4.30 2.71 -8.44
C LYS A 850 -2.82 2.35 -8.38
N PHE A 851 -2.50 1.14 -7.94
CA PHE A 851 -1.10 0.74 -7.87
C PHE A 851 -0.48 0.65 -9.26
N PHE A 852 -1.24 0.15 -10.24
CA PHE A 852 -0.74 0.07 -11.60
C PHE A 852 -0.44 1.46 -12.15
N ILE A 853 -1.34 2.43 -11.90
CA ILE A 853 -1.09 3.79 -12.36
C ILE A 853 0.13 4.37 -11.68
N SER A 854 0.25 4.15 -10.37
CA SER A 854 1.39 4.70 -9.64
C SER A 854 2.71 4.14 -10.18
N TYR A 855 2.75 2.84 -10.42
CA TYR A 855 3.96 2.25 -10.99
C TYR A 855 4.23 2.77 -12.39
N ALA A 856 3.18 2.87 -13.21
CA ALA A 856 3.37 3.27 -14.61
C ALA A 856 3.91 4.70 -14.71
N ILE A 857 3.38 5.61 -13.91
CA ILE A 857 3.83 7.01 -14.00
C ILE A 857 5.25 7.11 -13.48
N PRO A 858 6.23 7.53 -14.28
CA PRO A 858 7.60 7.60 -13.78
C PRO A 858 7.82 8.68 -12.73
N ASP A 859 6.84 9.54 -12.49
CA ASP A 859 6.84 10.60 -11.48
C ASP A 859 7.68 11.80 -11.94
N VAL A 860 8.24 11.78 -13.15
CA VAL A 860 9.08 12.86 -13.64
C VAL A 860 8.65 13.21 -15.06
N SER A 861 8.97 14.44 -15.48
CA SER A 861 8.58 14.94 -16.79
C SER A 861 9.37 14.28 -17.92
N LYS A 862 10.36 13.44 -17.61
CA LYS A 862 11.27 12.89 -18.61
C LYS A 862 12.27 13.95 -19.06
N ILE A 863 12.21 15.14 -18.46
CA ILE A 863 13.12 16.22 -18.82
C ILE A 863 14.28 16.30 -17.82
N THR A 864 14.04 15.83 -16.59
CA THR A 864 15.10 15.83 -15.59
C THR A 864 16.29 14.99 -16.05
N LYS A 865 16.04 13.88 -16.75
CA LYS A 865 17.14 13.08 -17.27
C LYS A 865 17.94 13.85 -18.31
N SER A 866 17.25 14.62 -19.16
CA SER A 866 17.95 15.44 -20.15
C SER A 866 18.80 16.50 -19.46
N LYS A 867 18.27 17.11 -18.40
CA LYS A 867 19.06 18.08 -17.64
C LYS A 867 20.27 17.42 -17.00
N ILE A 868 20.10 16.21 -16.45
CA ILE A 868 21.23 15.50 -15.86
C ILE A 868 22.29 15.24 -16.90
N LYS A 869 21.89 14.78 -18.09
CA LYS A 869 22.85 14.52 -19.15
C LYS A 869 23.57 15.80 -19.56
N ARG A 870 22.82 16.90 -19.75
CA ARG A 870 23.45 18.15 -20.14
C ARG A 870 24.29 18.74 -19.00
N GLU A 871 23.76 18.69 -17.78
CA GLU A 871 24.46 19.27 -16.64
C GLU A 871 25.41 18.27 -16.01
N PHE B 52 57.51 -12.13 -17.41
CA PHE B 52 58.95 -12.19 -17.65
C PHE B 52 59.71 -12.51 -16.37
N GLU B 53 59.19 -13.49 -15.61
CA GLU B 53 59.83 -13.93 -14.38
C GLU B 53 59.57 -15.43 -14.21
N GLU B 54 60.31 -16.04 -13.29
CA GLU B 54 60.17 -17.44 -12.98
C GLU B 54 59.60 -17.61 -11.58
N PHE B 55 59.15 -18.84 -11.27
CA PHE B 55 58.63 -19.12 -9.95
C PHE B 55 59.75 -19.07 -8.92
N ASN B 56 59.53 -18.31 -7.86
CA ASN B 56 60.59 -18.14 -6.85
C ASN B 56 60.82 -19.42 -6.07
N GLY B 57 59.75 -20.11 -5.68
CA GLY B 57 59.89 -21.35 -4.93
C GLY B 57 58.90 -21.47 -3.79
N LYS B 58 58.40 -20.34 -3.32
CA LYS B 58 57.45 -20.33 -2.21
C LYS B 58 56.04 -20.47 -2.77
N PRO B 59 55.32 -21.56 -2.45
CA PRO B 59 54.01 -21.76 -3.10
C PRO B 59 52.96 -20.75 -2.67
N ASP B 60 52.88 -20.42 -1.39
CA ASP B 60 51.81 -19.59 -0.85
C ASP B 60 52.13 -18.10 -0.90
N SER B 61 53.17 -17.69 -1.63
CA SER B 61 53.56 -16.29 -1.66
C SER B 61 52.41 -15.43 -2.16
N LEU B 62 52.14 -14.34 -1.45
CA LEU B 62 51.16 -13.34 -1.86
C LEU B 62 51.81 -12.09 -2.43
N PHE B 63 53.12 -12.12 -2.64
CA PHE B 63 53.89 -10.96 -3.07
C PHE B 63 54.66 -11.29 -4.34
N PHE B 64 55.27 -10.27 -4.92
CA PHE B 64 56.13 -10.45 -6.08
C PHE B 64 57.38 -11.22 -5.66
N THR B 65 58.24 -11.51 -6.65
CA THR B 65 59.46 -12.25 -6.37
C THR B 65 60.36 -11.48 -5.39
N ASP B 66 60.27 -10.15 -5.39
CA ASP B 66 61.05 -9.37 -4.42
C ASP B 66 60.57 -9.60 -3.00
N GLY B 67 59.26 -9.77 -2.80
CA GLY B 67 58.70 -9.99 -1.49
C GLY B 67 58.20 -8.76 -0.78
N GLN B 68 58.09 -7.62 -1.47
CA GLN B 68 57.61 -6.38 -0.88
C GLN B 68 56.37 -5.84 -1.56
N ARG B 69 56.24 -6.01 -2.88
CA ARG B 69 55.06 -5.54 -3.60
C ARG B 69 53.95 -6.58 -3.49
N ARG B 70 52.77 -6.13 -3.04
CA ARG B 70 51.65 -7.04 -2.82
C ARG B 70 50.89 -7.25 -4.12
N ILE B 71 50.51 -8.50 -4.40
CA ILE B 71 49.76 -8.82 -5.61
C ILE B 71 48.30 -8.43 -5.41
N ASP B 72 47.78 -7.59 -6.30
CA ASP B 72 46.41 -7.14 -6.23
C ASP B 72 45.50 -7.88 -7.20
N PHE B 73 45.90 -7.97 -8.47
CA PHE B 73 45.14 -8.70 -9.48
C PHE B 73 46.08 -9.57 -10.29
N ILE B 74 45.52 -10.62 -10.89
CA ILE B 74 46.24 -11.50 -11.79
C ILE B 74 45.57 -11.44 -13.15
N LEU B 75 46.36 -11.10 -14.18
CA LEU B 75 45.91 -11.07 -15.55
C LEU B 75 46.51 -12.26 -16.28
N VAL B 76 45.66 -13.06 -16.91
CA VAL B 76 46.08 -14.29 -17.58
C VAL B 76 45.66 -14.23 -19.05
N TYR B 77 46.54 -14.71 -19.92
CA TYR B 77 46.29 -14.74 -21.35
C TYR B 77 47.04 -15.92 -21.94
N GLU B 78 46.65 -16.29 -23.15
CA GLU B 78 47.25 -17.41 -23.86
C GLU B 78 48.45 -16.94 -24.65
N ASP B 79 49.53 -17.74 -24.60
CA ASP B 79 50.77 -17.35 -25.26
C ASP B 79 50.56 -17.20 -26.76
N GLU B 80 51.28 -16.24 -27.35
CA GLU B 80 51.13 -15.95 -28.76
C GLU B 80 51.94 -16.93 -29.61
N SER B 81 52.84 -17.69 -28.99
CA SER B 81 53.65 -18.67 -29.72
C SER B 81 52.88 -19.94 -30.05
N LYS B 82 51.58 -20.00 -29.75
CA LYS B 82 50.81 -21.19 -30.04
C LYS B 82 50.67 -21.40 -31.55
N LYS B 83 50.09 -22.54 -31.90
CA LYS B 83 49.89 -22.91 -33.31
C LYS B 83 48.68 -22.15 -33.85
N GLU B 84 48.94 -20.96 -34.38
CA GLU B 84 47.88 -20.10 -34.87
C GLU B 84 47.17 -20.73 -36.06
N ASN B 85 45.85 -20.67 -36.05
CA ASN B 85 44.99 -21.18 -37.12
C ASN B 85 44.04 -20.08 -37.57
N ASN B 86 43.12 -20.46 -38.45
CA ASN B 86 42.13 -19.54 -39.00
C ASN B 86 42.83 -18.38 -39.71
N LYS B 87 43.01 -17.25 -39.02
CA LYS B 87 43.64 -16.07 -39.61
C LYS B 87 44.67 -15.52 -38.63
N LYS B 88 45.81 -15.07 -39.17
CA LYS B 88 46.78 -14.38 -38.33
C LYS B 88 46.31 -13.00 -37.93
N GLY B 89 45.39 -12.41 -38.70
CA GLY B 89 44.96 -11.04 -38.43
C GLY B 89 44.32 -10.89 -37.06
N THR B 90 43.42 -11.81 -36.70
CA THR B 90 42.78 -11.73 -35.40
C THR B 90 43.79 -11.88 -34.28
N ASN B 91 44.71 -12.84 -34.41
CA ASN B 91 45.74 -13.04 -33.40
C ASN B 91 46.57 -11.78 -33.22
N GLU B 92 47.02 -11.17 -34.32
CA GLU B 92 47.87 -9.99 -34.22
C GLU B 92 47.10 -8.81 -33.65
N LYS B 93 45.82 -8.67 -34.02
CA LYS B 93 45.03 -7.56 -33.49
C LYS B 93 44.85 -7.70 -31.98
N GLN B 94 44.47 -8.90 -31.52
CA GLN B 94 44.33 -9.11 -30.09
C GLN B 94 45.67 -8.90 -29.37
N LYS B 95 46.76 -9.35 -29.99
CA LYS B 95 48.09 -9.07 -29.44
C LYS B 95 48.29 -7.58 -29.24
N ARG B 96 48.28 -6.81 -30.32
CA ARG B 96 48.53 -5.38 -30.23
C ARG B 96 47.59 -4.74 -29.21
N LYS B 97 46.35 -5.24 -29.12
CA LYS B 97 45.44 -4.73 -28.10
C LYS B 97 45.98 -4.99 -26.70
N ARG B 98 46.52 -6.18 -26.46
CA ARG B 98 47.00 -6.49 -25.11
C ARG B 98 48.24 -5.68 -24.76
N GLN B 99 49.19 -5.52 -25.69
CA GLN B 99 50.31 -4.63 -25.40
C GLN B 99 49.87 -3.19 -25.20
N ALA B 100 48.89 -2.72 -25.99
CA ALA B 100 48.41 -1.36 -25.80
C ALA B 100 47.82 -1.18 -24.41
N TYR B 101 46.97 -2.11 -23.98
CA TYR B 101 46.36 -2.02 -22.66
C TYR B 101 47.42 -2.08 -21.56
N GLU B 102 48.38 -2.99 -21.68
CA GLU B 102 49.42 -3.10 -20.66
C GLU B 102 50.27 -1.84 -20.60
N SER B 103 50.63 -1.28 -21.76
CA SER B 103 51.41 -0.05 -21.77
C SER B 103 50.65 1.09 -21.13
N ASN B 104 49.35 1.21 -21.44
CA ASN B 104 48.54 2.26 -20.82
C ASN B 104 48.46 2.07 -19.31
N LEU B 105 48.30 0.82 -18.87
CA LEU B 105 48.22 0.55 -17.43
C LEU B 105 49.52 0.92 -16.73
N ILE B 106 50.66 0.57 -17.34
CA ILE B 106 51.95 0.95 -16.76
C ILE B 106 52.09 2.46 -16.74
N CYS B 107 51.66 3.14 -17.81
CA CYS B 107 51.71 4.59 -17.82
C CYS B 107 50.89 5.19 -16.69
N HIS B 108 49.74 4.58 -16.38
CA HIS B 108 48.92 5.08 -15.27
C HIS B 108 49.58 4.86 -13.92
N GLY B 109 50.65 4.07 -13.85
CA GLY B 109 51.41 3.94 -12.62
C GLY B 109 51.17 2.64 -11.87
N LEU B 110 51.10 1.52 -12.57
CA LEU B 110 50.93 0.21 -11.97
C LEU B 110 52.06 -0.70 -12.42
N GLN B 111 52.74 -1.33 -11.46
CA GLN B 111 53.82 -2.26 -11.78
C GLN B 111 53.23 -3.61 -12.16
N LEU B 112 53.81 -4.23 -13.19
CA LEU B 112 53.35 -5.52 -13.69
C LEU B 112 54.53 -6.47 -13.84
N GLU B 113 54.33 -7.70 -13.40
CA GLU B 113 55.31 -8.78 -13.58
C GLU B 113 54.57 -10.02 -14.03
N ALA B 114 55.17 -10.78 -14.95
CA ALA B 114 54.56 -11.97 -15.49
C ALA B 114 55.50 -13.17 -15.34
N THR B 115 54.93 -14.36 -15.47
CA THR B 115 55.71 -15.59 -15.38
C THR B 115 54.94 -16.70 -16.07
N ARG B 116 55.66 -17.60 -16.75
CA ARG B 116 55.02 -18.69 -17.45
C ARG B 116 54.50 -19.73 -16.47
N SER B 117 53.46 -20.46 -16.89
CA SER B 117 52.88 -21.48 -16.03
C SER B 117 53.84 -22.64 -15.84
N VAL B 118 53.84 -23.20 -14.64
CA VAL B 118 54.74 -24.32 -14.35
C VAL B 118 54.32 -25.58 -15.12
N SER B 119 53.02 -25.80 -15.30
CA SER B 119 52.54 -27.01 -15.97
C SER B 119 52.41 -26.82 -17.48
N ASP B 120 51.58 -25.87 -17.91
CA ASP B 120 51.38 -25.63 -19.32
C ASP B 120 52.37 -24.61 -19.84
N ASP B 121 52.82 -24.81 -21.08
CA ASP B 121 53.78 -23.90 -21.68
C ASP B 121 53.10 -22.63 -22.20
N LYS B 122 51.78 -22.66 -22.41
CA LYS B 122 51.08 -21.54 -23.03
C LYS B 122 50.53 -20.54 -22.03
N LEU B 123 50.03 -21.00 -20.89
CA LEU B 123 49.44 -20.09 -19.92
C LEU B 123 50.48 -19.13 -19.39
N VAL B 124 50.16 -17.84 -19.42
CA VAL B 124 51.02 -16.79 -18.88
C VAL B 124 50.18 -15.93 -17.95
N PHE B 125 50.69 -15.70 -16.74
CA PHE B 125 50.02 -14.90 -15.73
C PHE B 125 50.74 -13.57 -15.61
N VAL B 126 49.97 -12.48 -15.56
CA VAL B 126 50.49 -11.13 -15.43
C VAL B 126 49.95 -10.55 -14.13
N LYS B 127 50.85 -10.04 -13.30
CA LYS B 127 50.45 -9.55 -11.98
C LYS B 127 50.30 -8.03 -12.01
N VAL B 128 49.80 -7.49 -10.89
CA VAL B 128 49.52 -6.07 -10.76
C VAL B 128 49.91 -5.61 -9.36
N HIS B 129 50.17 -4.30 -9.23
CA HIS B 129 50.52 -3.71 -7.96
C HIS B 129 50.17 -2.22 -8.02
N ALA B 130 49.82 -1.66 -6.86
CA ALA B 130 49.44 -0.25 -6.78
C ALA B 130 50.20 0.43 -5.64
N PRO B 131 51.22 1.25 -5.93
CA PRO B 131 51.96 1.90 -4.84
C PRO B 131 51.19 3.01 -4.14
N TRP B 132 51.87 3.69 -3.22
CA TRP B 132 51.26 4.73 -2.39
C TRP B 132 50.53 5.79 -3.20
N GLU B 133 51.24 6.38 -4.17
CA GLU B 133 50.75 7.61 -4.81
C GLU B 133 49.44 7.36 -5.54
N VAL B 134 49.39 6.36 -6.42
CA VAL B 134 48.19 6.12 -7.20
C VAL B 134 47.04 5.69 -6.31
N LEU B 135 47.31 4.83 -5.32
CA LEU B 135 46.26 4.39 -4.42
C LEU B 135 45.64 5.58 -3.70
N CYS B 136 46.47 6.45 -3.13
CA CYS B 136 45.97 7.61 -2.41
C CYS B 136 45.21 8.55 -3.35
N THR B 137 45.74 8.75 -4.56
CA THR B 137 45.08 9.66 -5.49
C THR B 137 43.69 9.15 -5.86
N TYR B 138 43.56 7.84 -6.11
CA TYR B 138 42.27 7.31 -6.49
C TYR B 138 41.32 7.25 -5.29
N ALA B 139 41.84 7.01 -4.08
CA ALA B 139 41.01 7.09 -2.89
C ALA B 139 40.45 8.50 -2.73
N GLU B 140 41.28 9.51 -2.96
CA GLU B 140 40.80 10.88 -2.90
C GLU B 140 39.76 11.15 -3.98
N ILE B 141 39.99 10.65 -5.19
CA ILE B 141 39.05 10.91 -6.29
C ILE B 141 37.68 10.26 -6.07
N MET B 142 37.64 9.01 -5.60
CA MET B 142 36.37 8.29 -5.49
C MET B 142 35.68 8.50 -4.15
N HIS B 143 36.15 9.44 -3.33
CA HIS B 143 35.49 9.77 -2.07
C HIS B 143 35.44 8.56 -1.13
N ILE B 144 36.51 7.79 -1.11
CA ILE B 144 36.59 6.67 -0.16
C ILE B 144 36.58 7.24 1.25
N LYS B 145 35.59 6.82 2.04
CA LYS B 145 35.43 7.31 3.41
C LYS B 145 35.87 6.21 4.37
N TYR B 196 45.30 7.47 12.56
CA TYR B 196 45.98 6.34 13.18
C TYR B 196 46.36 5.36 12.08
N ILE B 197 47.41 5.72 11.35
CA ILE B 197 47.89 4.93 10.23
C ILE B 197 49.09 4.11 10.70
N LEU B 198 49.08 2.81 10.41
CA LEU B 198 50.12 1.89 10.85
C LEU B 198 50.99 1.40 9.72
N ASP B 199 50.39 0.87 8.65
CA ASP B 199 51.15 0.30 7.55
C ASP B 199 50.20 -0.03 6.41
N ARG B 200 50.76 -0.58 5.33
CA ARG B 200 49.96 -0.93 4.16
C ARG B 200 48.83 -1.88 4.50
N ASP B 201 49.10 -2.89 5.32
CA ASP B 201 48.12 -3.92 5.65
C ASP B 201 47.19 -3.50 6.77
N SER B 202 47.26 -2.26 7.24
CA SER B 202 46.44 -1.78 8.35
C SER B 202 45.22 -1.00 7.89
N PHE B 203 45.41 0.06 7.10
CA PHE B 203 44.32 0.96 6.74
C PHE B 203 43.80 0.75 5.33
N PHE B 204 44.61 0.23 4.41
CA PHE B 204 44.12 -0.20 3.10
C PHE B 204 44.07 -1.72 3.09
N ASN B 205 42.92 -2.27 3.48
CA ASN B 205 42.76 -3.71 3.46
C ASN B 205 42.78 -4.23 2.02
N PRO B 206 43.17 -5.49 1.81
CA PRO B 206 43.25 -6.00 0.44
C PRO B 206 41.96 -5.89 -0.35
N ALA B 207 40.80 -5.96 0.30
CA ALA B 207 39.55 -5.83 -0.44
C ALA B 207 39.44 -4.46 -1.11
N THR B 208 39.76 -3.40 -0.37
CA THR B 208 39.68 -2.07 -0.95
C THR B 208 40.77 -1.86 -2.01
N ARG B 209 41.95 -2.44 -1.80
CA ARG B 209 42.98 -2.39 -2.82
C ARG B 209 42.51 -3.02 -4.12
N SER B 210 41.88 -4.20 -4.02
CA SER B 210 41.37 -4.86 -5.21
C SER B 210 40.25 -4.06 -5.86
N ARG B 211 39.41 -3.42 -5.04
CA ARG B 211 38.35 -2.58 -5.60
C ARG B 211 38.94 -1.42 -6.39
N ILE B 212 39.95 -0.75 -5.83
CA ILE B 212 40.58 0.37 -6.53
C ILE B 212 41.25 -0.11 -7.82
N VAL B 213 41.95 -1.25 -7.76
CA VAL B 213 42.62 -1.75 -8.95
C VAL B 213 41.60 -2.13 -10.01
N TYR B 214 40.48 -2.71 -9.61
CA TYR B 214 39.43 -3.04 -10.58
C TYR B 214 38.87 -1.78 -11.22
N PHE B 215 38.62 -0.74 -10.41
CA PHE B 215 38.20 0.54 -10.99
C PHE B 215 39.19 1.09 -12.01
N ILE B 216 40.49 1.08 -11.67
CA ILE B 216 41.49 1.58 -12.60
C ILE B 216 41.50 0.76 -13.88
N LEU B 217 41.51 -0.57 -13.74
CA LEU B 217 41.51 -1.44 -14.91
C LEU B 217 40.27 -1.32 -15.77
N SER B 218 39.13 -0.95 -15.19
CA SER B 218 37.91 -0.79 -15.98
C SER B 218 37.84 0.57 -16.66
N ARG B 219 38.40 1.61 -16.04
CA ARG B 219 38.31 2.95 -16.61
C ARG B 219 39.38 3.24 -17.65
N VAL B 220 40.30 2.33 -17.90
CA VAL B 220 41.43 2.59 -18.81
C VAL B 220 41.05 2.19 -20.22
N LYS B 221 41.46 3.03 -21.17
CA LYS B 221 41.26 2.75 -22.59
C LYS B 221 42.51 2.10 -23.18
N TYR B 222 42.33 1.39 -24.29
CA TYR B 222 43.42 0.66 -24.91
C TYR B 222 43.53 0.90 -26.41
N GLN B 223 42.44 1.23 -27.09
CA GLN B 223 42.49 1.45 -28.52
C GLN B 223 41.26 2.23 -28.98
N VAL B 224 41.48 3.14 -29.93
CA VAL B 224 40.42 3.87 -30.59
C VAL B 224 40.63 3.76 -32.10
N MET B 225 39.60 3.31 -32.81
CA MET B 225 39.66 3.16 -34.25
C MET B 225 38.34 3.64 -34.82
N ASN B 226 38.39 4.21 -36.02
CA ASN B 226 37.20 4.76 -36.68
C ASN B 226 36.53 5.82 -35.80
N ASN B 227 37.32 6.49 -34.96
CA ASN B 227 36.82 7.54 -34.08
C ASN B 227 35.75 7.03 -33.12
N VAL B 228 35.91 5.80 -32.62
CA VAL B 228 35.05 5.26 -31.57
C VAL B 228 35.97 4.81 -30.43
N ASN B 229 35.51 5.06 -29.21
CA ASN B 229 36.30 4.76 -28.02
C ASN B 229 35.81 3.46 -27.40
N LYS B 230 36.71 2.48 -27.31
CA LYS B 230 36.41 1.18 -26.73
C LYS B 230 37.14 1.04 -25.41
N PHE B 231 36.39 0.69 -24.36
CA PHE B 231 36.97 0.44 -23.05
C PHE B 231 35.98 -0.37 -22.23
N GLY B 232 36.48 -0.91 -21.12
CA GLY B 232 35.72 -1.85 -20.32
C GLY B 232 36.34 -3.24 -20.36
N ILE B 233 36.62 -3.80 -19.17
CA ILE B 233 37.33 -5.07 -19.10
C ILE B 233 36.51 -6.19 -19.72
N ASN B 234 35.18 -6.08 -19.70
CA ASN B 234 34.34 -7.13 -20.24
C ASN B 234 34.63 -7.35 -21.73
N ARG B 235 34.89 -6.27 -22.47
CA ARG B 235 35.24 -6.42 -23.88
C ARG B 235 36.50 -7.26 -24.10
N LEU B 236 37.51 -7.10 -23.25
CA LEU B 236 38.75 -7.86 -23.42
C LEU B 236 38.50 -9.35 -23.30
N VAL B 237 37.72 -9.76 -22.29
CA VAL B 237 37.44 -11.18 -22.09
C VAL B 237 36.50 -11.69 -23.18
N SER B 238 35.49 -10.91 -23.54
CA SER B 238 34.54 -11.36 -24.55
C SER B 238 35.21 -11.56 -25.89
N SER B 239 36.18 -10.71 -26.23
CA SER B 239 36.91 -10.84 -27.48
C SER B 239 37.99 -11.91 -27.42
N GLY B 240 38.18 -12.55 -26.27
CA GLY B 240 39.19 -13.58 -26.14
C GLY B 240 40.58 -13.08 -25.82
N ILE B 241 40.77 -11.76 -25.68
CA ILE B 241 42.10 -11.23 -25.41
C ILE B 241 42.61 -11.74 -24.07
N TYR B 242 41.77 -11.71 -23.04
CA TYR B 242 42.14 -12.16 -21.70
C TYR B 242 41.26 -13.33 -21.29
N LYS B 243 41.88 -14.41 -20.83
CA LYS B 243 41.10 -15.57 -20.37
C LYS B 243 40.32 -15.24 -19.11
N ALA B 244 40.92 -14.52 -18.17
CA ALA B 244 40.26 -14.19 -16.92
C ALA B 244 41.08 -13.13 -16.19
N ALA B 245 40.52 -12.63 -15.10
CA ALA B 245 41.18 -11.63 -14.26
C ALA B 245 40.52 -11.64 -12.89
N PHE B 246 41.31 -11.90 -11.85
CA PHE B 246 40.76 -12.14 -10.52
C PHE B 246 41.84 -11.82 -9.49
N PRO B 247 41.45 -11.52 -8.24
CA PRO B 247 42.43 -11.44 -7.16
C PRO B 247 42.72 -12.80 -6.53
N LEU B 248 43.49 -12.84 -5.46
CA LEU B 248 43.91 -14.09 -4.85
C LEU B 248 43.39 -14.20 -3.42
N HIS B 249 43.12 -15.44 -3.00
CA HIS B 249 42.81 -15.72 -1.61
C HIS B 249 44.09 -15.65 -0.77
N ASP B 250 43.90 -15.56 0.55
CA ASP B 250 45.04 -15.51 1.45
C ASP B 250 45.83 -16.82 1.43
N CYS B 251 45.13 -17.95 1.46
CA CYS B 251 45.78 -19.26 1.47
C CYS B 251 44.70 -20.32 1.26
N ARG B 252 45.10 -21.59 1.39
CA ARG B 252 44.15 -22.68 1.25
C ARG B 252 43.14 -22.66 2.40
N PHE B 253 41.92 -23.10 2.09
CA PHE B 253 40.87 -23.15 3.11
C PHE B 253 41.23 -24.13 4.23
N ASN B 254 41.81 -25.28 3.89
CA ASN B 254 42.05 -26.35 4.85
C ASN B 254 43.30 -26.14 5.69
N TYR B 255 44.45 -25.89 5.07
CA TYR B 255 45.70 -25.73 5.81
C TYR B 255 46.04 -24.25 5.99
N GLU B 256 46.72 -23.95 7.10
CA GLU B 256 47.12 -22.58 7.40
C GLU B 256 48.18 -22.09 6.42
N SER B 257 48.26 -20.77 6.28
CA SER B 257 49.24 -20.18 5.37
C SER B 257 50.65 -20.43 5.89
N GLU B 258 51.57 -20.74 4.96
CA GLU B 258 52.96 -20.92 5.32
C GLU B 258 53.59 -19.60 5.74
N ASP B 259 53.10 -18.48 5.23
CA ASP B 259 53.64 -17.18 5.62
C ASP B 259 53.25 -16.87 7.06
N ILE B 260 54.26 -16.63 7.90
CA ILE B 260 54.00 -16.32 9.31
C ILE B 260 53.28 -14.98 9.44
N SER B 261 53.64 -14.02 8.61
CA SER B 261 53.02 -12.70 8.69
C SER B 261 51.58 -12.71 8.19
N CYS B 262 51.25 -13.61 7.28
CA CYS B 262 49.91 -13.63 6.71
C CYS B 262 48.90 -13.99 7.79
N PRO B 263 47.73 -13.32 7.82
CA PRO B 263 46.72 -13.68 8.81
C PRO B 263 45.97 -14.96 8.48
N SER B 264 46.00 -15.41 7.22
CA SER B 264 45.29 -16.61 6.82
C SER B 264 43.81 -16.54 7.21
N GLU B 265 43.16 -15.46 6.76
CA GLU B 265 41.76 -15.26 7.11
C GLU B 265 40.89 -16.40 6.58
N ARG B 266 41.20 -16.92 5.40
CA ARG B 266 40.39 -17.99 4.82
C ARG B 266 40.34 -19.20 5.74
N TYR B 267 41.44 -19.50 6.43
CA TYR B 267 41.44 -20.60 7.38
C TYR B 267 40.45 -20.34 8.51
N LEU B 268 40.44 -19.11 9.04
CA LEU B 268 39.49 -18.77 10.09
C LEU B 268 38.06 -18.88 9.59
N LEU B 269 37.79 -18.42 8.37
CA LEU B 269 36.44 -18.53 7.83
C LEU B 269 36.03 -19.99 7.69
N TYR B 270 36.94 -20.83 7.22
CA TYR B 270 36.61 -22.24 7.04
C TYR B 270 36.34 -22.92 8.38
N ARG B 271 37.18 -22.65 9.38
CA ARG B 271 37.02 -23.31 10.67
C ARG B 271 35.78 -22.79 11.41
N GLU B 272 35.69 -21.48 11.59
CA GLU B 272 34.63 -20.91 12.41
C GLU B 272 33.33 -20.75 11.62
N TRP B 273 33.38 -20.06 10.48
CA TRP B 273 32.15 -19.70 9.79
C TRP B 273 31.63 -20.84 8.93
N ALA B 274 32.40 -21.25 7.93
CA ALA B 274 31.98 -22.32 7.04
C ALA B 274 32.15 -23.67 7.74
N HIS B 275 31.97 -24.75 7.00
CA HIS B 275 32.08 -26.10 7.54
C HIS B 275 30.91 -26.36 8.48
N PRO B 276 30.22 -27.50 8.37
CA PRO B 276 29.08 -27.76 9.27
C PRO B 276 29.48 -27.97 10.72
N ARG B 277 30.77 -28.00 11.04
CA ARG B 277 31.19 -28.16 12.42
C ARG B 277 30.61 -27.05 13.29
N SER B 278 30.65 -25.82 12.81
CA SER B 278 30.09 -24.67 13.53
C SER B 278 28.65 -24.39 13.11
N ILE B 279 27.80 -25.41 13.19
CA ILE B 279 26.41 -25.25 12.78
C ILE B 279 25.65 -24.33 13.73
N TYR B 280 26.21 -24.01 14.88
CA TYR B 280 25.51 -23.25 15.91
C TYR B 280 26.08 -21.85 16.14
N LYS B 281 27.38 -21.66 15.97
CA LYS B 281 27.99 -20.39 16.30
C LYS B 281 27.45 -19.28 15.41
N LYS B 282 27.36 -18.07 15.98
CA LYS B 282 26.95 -16.92 15.19
C LYS B 282 28.05 -16.52 14.22
N GLN B 283 27.68 -16.30 12.97
CA GLN B 283 28.66 -16.02 11.94
C GLN B 283 29.33 -14.67 12.19
N PRO B 284 30.64 -14.56 11.92
CA PRO B 284 31.33 -13.27 12.11
C PRO B 284 31.16 -12.32 10.94
N LEU B 285 30.05 -11.58 10.91
CA LEU B 285 29.74 -10.75 9.75
C LEU B 285 30.82 -9.71 9.48
N ASP B 286 31.51 -9.24 10.52
CA ASP B 286 32.59 -8.27 10.32
C ASP B 286 33.71 -8.87 9.48
N LEU B 287 34.08 -10.12 9.77
CA LEU B 287 35.11 -10.78 8.96
C LEU B 287 34.64 -10.97 7.52
N ILE B 288 33.36 -11.31 7.32
CA ILE B 288 32.85 -11.47 5.97
C ILE B 288 32.96 -10.14 5.22
N ARG B 289 32.58 -9.05 5.87
CA ARG B 289 32.71 -7.74 5.23
C ARG B 289 34.15 -7.43 4.90
N LYS B 290 35.07 -7.70 5.82
CA LYS B 290 36.47 -7.41 5.57
C LYS B 290 37.03 -8.23 4.41
N TYR B 291 36.64 -9.51 4.33
CA TYR B 291 37.24 -10.46 3.34
C TYR B 291 36.50 -10.49 2.01
N TYR B 292 35.17 -10.39 1.98
CA TYR B 292 34.41 -10.57 0.75
C TYR B 292 33.72 -9.28 0.27
N GLY B 293 33.34 -8.40 1.18
CA GLY B 293 32.76 -7.12 0.83
C GLY B 293 31.36 -6.96 1.38
N GLU B 294 30.85 -5.74 1.22
CA GLU B 294 29.52 -5.41 1.74
C GLU B 294 28.43 -6.22 1.05
N LYS B 295 28.62 -6.55 -0.22
CA LYS B 295 27.59 -7.29 -0.95
C LYS B 295 27.34 -8.65 -0.32
N ILE B 296 28.39 -9.31 0.17
CA ILE B 296 28.24 -10.61 0.79
C ILE B 296 27.80 -10.47 2.25
N GLY B 297 28.37 -9.50 2.95
CA GLY B 297 28.01 -9.32 4.35
C GLY B 297 26.54 -8.98 4.53
N ILE B 298 26.01 -8.11 3.67
CA ILE B 298 24.59 -7.76 3.77
C ILE B 298 23.73 -8.97 3.51
N TYR B 299 24.07 -9.78 2.50
CA TYR B 299 23.28 -10.97 2.20
C TYR B 299 23.28 -11.92 3.39
N PHE B 300 24.44 -12.15 4.00
CA PHE B 300 24.49 -13.10 5.10
C PHE B 300 23.83 -12.57 6.35
N ALA B 301 23.94 -11.26 6.63
CA ALA B 301 23.21 -10.69 7.76
C ALA B 301 21.70 -10.79 7.54
N TRP B 302 21.25 -10.52 6.31
CA TRP B 302 19.83 -10.66 6.00
C TRP B 302 19.38 -12.10 6.20
N LEU B 303 20.20 -13.06 5.76
CA LEU B 303 19.85 -14.46 5.94
C LEU B 303 19.74 -14.82 7.42
N GLY B 304 20.69 -14.35 8.23
CA GLY B 304 20.65 -14.65 9.66
C GLY B 304 19.42 -14.05 10.33
N TYR B 305 19.14 -12.79 10.05
CA TYR B 305 17.96 -12.15 10.64
C TYR B 305 16.68 -12.83 10.18
N TYR B 306 16.62 -13.21 8.90
CA TYR B 306 15.45 -13.91 8.37
C TYR B 306 15.25 -15.23 9.08
N THR B 307 16.33 -15.99 9.31
CA THR B 307 16.17 -17.28 9.98
C THR B 307 15.81 -17.11 11.44
N GLN B 308 16.25 -16.02 12.08
CA GLN B 308 15.82 -15.78 13.47
C GLN B 308 14.33 -15.47 13.54
N MET B 309 13.85 -14.56 12.69
CA MET B 309 12.42 -14.29 12.66
C MET B 309 11.63 -15.55 12.30
N LEU B 310 12.19 -16.38 11.42
CA LEU B 310 11.56 -17.65 11.11
C LEU B 310 11.55 -18.58 12.31
N LEU B 311 12.56 -18.53 13.16
CA LEU B 311 12.52 -19.32 14.39
C LEU B 311 11.36 -18.89 15.27
N LEU B 312 11.16 -17.58 15.41
CA LEU B 312 10.02 -17.11 16.19
C LEU B 312 8.71 -17.63 15.58
N ALA B 313 8.55 -17.45 14.28
CA ALA B 313 7.32 -17.89 13.61
C ALA B 313 7.14 -19.39 13.76
N ALA B 314 8.22 -20.16 13.67
CA ALA B 314 8.14 -21.61 13.80
C ALA B 314 7.73 -22.01 15.20
N VAL B 315 8.22 -21.31 16.23
CA VAL B 315 7.81 -21.61 17.60
C VAL B 315 6.31 -21.41 17.74
N VAL B 316 5.80 -20.28 17.25
CA VAL B 316 4.37 -20.03 17.38
C VAL B 316 3.57 -21.06 16.58
N GLY B 317 4.05 -21.40 15.38
CA GLY B 317 3.34 -22.38 14.56
C GLY B 317 3.34 -23.76 15.20
N VAL B 318 4.43 -24.14 15.84
CA VAL B 318 4.47 -25.41 16.55
C VAL B 318 3.50 -25.39 17.72
N ALA B 319 3.39 -24.26 18.41
CA ALA B 319 2.39 -24.17 19.46
C ALA B 319 1.00 -24.40 18.91
N CYS B 320 0.68 -23.77 17.78
CA CYS B 320 -0.65 -23.93 17.20
C CYS B 320 -0.88 -25.36 16.72
N PHE B 321 0.12 -25.97 16.09
CA PHE B 321 -0.02 -27.34 15.63
C PHE B 321 -0.18 -28.30 16.80
N LEU B 322 0.53 -28.05 17.90
CA LEU B 322 0.37 -28.87 19.10
C LEU B 322 -1.02 -28.73 19.68
N TYR B 323 -1.56 -27.50 19.70
CA TYR B 323 -2.93 -27.32 20.15
C TYR B 323 -3.90 -28.10 19.28
N GLY B 324 -3.69 -28.07 17.97
CA GLY B 324 -4.55 -28.84 17.08
C GLY B 324 -4.45 -30.33 17.31
N TYR B 325 -3.22 -30.84 17.49
CA TYR B 325 -3.02 -32.28 17.62
C TYR B 325 -3.56 -32.80 18.95
N LEU B 326 -3.22 -32.14 20.06
CA LEU B 326 -3.62 -32.63 21.37
C LEU B 326 -5.12 -32.60 21.57
N ASP B 327 -5.85 -31.85 20.74
CA ASP B 327 -7.30 -31.75 20.85
C ASP B 327 -7.89 -32.44 19.62
N GLN B 328 -8.05 -33.76 19.73
CA GLN B 328 -8.58 -34.58 18.63
C GLN B 328 -9.91 -35.23 18.95
N ASP B 329 -10.09 -35.75 20.17
CA ASP B 329 -11.34 -36.39 20.51
C ASP B 329 -12.51 -35.42 20.53
N ASN B 330 -12.23 -34.12 20.53
CA ASN B 330 -13.28 -33.11 20.51
C ASN B 330 -13.69 -32.70 19.10
N CYS B 331 -12.99 -33.18 18.08
CA CYS B 331 -13.32 -32.86 16.69
C CYS B 331 -14.46 -33.80 16.29
N THR B 332 -15.68 -33.38 16.58
CA THR B 332 -16.83 -34.29 16.50
C THR B 332 -17.07 -34.79 15.09
N TRP B 333 -16.92 -33.93 14.08
CA TRP B 333 -17.25 -34.33 12.72
C TRP B 333 -16.36 -35.48 12.27
N SER B 334 -15.11 -35.50 12.70
CA SER B 334 -14.25 -36.64 12.39
C SER B 334 -14.76 -37.91 13.03
N LYS B 335 -15.24 -37.84 14.27
CA LYS B 335 -15.81 -39.03 14.90
C LYS B 335 -17.04 -39.50 14.14
N GLU B 336 -17.87 -38.57 13.68
CA GLU B 336 -19.05 -38.95 12.90
C GLU B 336 -18.65 -39.61 11.60
N VAL B 337 -17.63 -39.07 10.92
CA VAL B 337 -17.17 -39.67 9.66
C VAL B 337 -16.64 -41.06 9.90
N CYS B 338 -15.84 -41.23 10.96
CA CYS B 338 -15.26 -42.54 11.27
C CYS B 338 -16.27 -43.51 11.85
N ASP B 339 -17.37 -43.00 12.40
CA ASP B 339 -18.37 -43.87 13.00
C ASP B 339 -19.05 -44.70 11.92
N PRO B 340 -19.05 -46.03 12.02
CA PRO B 340 -19.75 -46.86 11.03
C PRO B 340 -21.27 -46.81 11.11
N ASP B 341 -21.84 -46.04 12.03
CA ASP B 341 -23.28 -45.86 12.11
C ASP B 341 -23.75 -44.51 11.59
N ILE B 342 -22.83 -43.58 11.31
CA ILE B 342 -23.18 -42.28 10.75
C ILE B 342 -22.46 -42.12 9.42
N GLY B 343 -21.13 -42.10 9.47
CA GLY B 343 -20.35 -41.98 8.25
C GLY B 343 -20.51 -43.18 7.34
N GLY B 344 -20.55 -44.38 7.92
CA GLY B 344 -20.65 -45.58 7.12
C GLY B 344 -22.00 -45.75 6.46
N GLN B 345 -23.04 -45.13 7.01
CA GLN B 345 -24.37 -45.22 6.44
C GLN B 345 -24.62 -44.16 5.36
N ILE B 346 -23.71 -43.22 5.17
CA ILE B 346 -23.84 -42.20 4.13
C ILE B 346 -23.17 -42.74 2.87
N LEU B 347 -23.96 -42.90 1.81
CA LEU B 347 -23.46 -43.41 0.53
C LEU B 347 -23.10 -42.20 -0.33
N MET B 348 -21.81 -41.86 -0.34
CA MET B 348 -21.30 -40.72 -1.15
C MET B 348 -21.65 -41.00 -2.62
N CYS B 349 -21.48 -40.03 -3.51
CA CYS B 349 -21.93 -40.18 -4.88
C CYS B 349 -20.72 -40.17 -5.82
N PRO B 350 -20.66 -41.05 -6.81
CA PRO B 350 -19.41 -41.20 -7.58
C PRO B 350 -18.98 -39.88 -8.19
N GLN B 351 -17.66 -39.63 -8.13
CA GLN B 351 -17.12 -38.34 -8.57
C GLN B 351 -16.94 -38.30 -10.08
N CYS B 352 -16.35 -39.35 -10.65
CA CYS B 352 -16.18 -39.44 -12.09
C CYS B 352 -17.42 -40.12 -12.70
N ASP B 353 -17.38 -40.40 -14.00
CA ASP B 353 -18.55 -40.88 -14.72
C ASP B 353 -18.67 -42.40 -14.68
N ARG B 354 -17.63 -43.11 -15.13
CA ARG B 354 -17.66 -44.56 -15.23
C ARG B 354 -16.58 -45.28 -14.44
N LEU B 355 -15.52 -44.60 -14.03
CA LEU B 355 -14.48 -45.27 -13.26
C LEU B 355 -14.73 -45.21 -11.76
N CYS B 356 -15.88 -44.68 -11.33
CA CYS B 356 -16.14 -44.46 -9.92
C CYS B 356 -17.38 -45.23 -9.49
N PRO B 357 -17.25 -46.16 -8.53
CA PRO B 357 -18.46 -46.80 -7.99
C PRO B 357 -19.04 -45.98 -6.84
N PHE B 358 -20.16 -46.43 -6.28
CA PHE B 358 -20.65 -45.84 -5.05
C PHE B 358 -19.69 -46.15 -3.91
N TRP B 359 -19.43 -45.15 -3.08
CA TRP B 359 -18.50 -45.30 -1.97
C TRP B 359 -19.10 -44.67 -0.72
N ARG B 360 -18.72 -45.22 0.43
CA ARG B 360 -19.17 -44.73 1.72
C ARG B 360 -18.15 -43.77 2.30
N LEU B 361 -18.63 -42.90 3.19
CA LEU B 361 -17.80 -41.86 3.78
C LEU B 361 -16.86 -42.37 4.86
N ASN B 362 -16.99 -43.64 5.25
CA ASN B 362 -16.12 -44.18 6.30
C ASN B 362 -14.66 -44.20 5.89
N ILE B 363 -14.38 -44.50 4.61
CA ILE B 363 -13.00 -44.74 4.19
C ILE B 363 -12.10 -43.53 4.43
N THR B 364 -12.67 -42.34 4.55
CA THR B 364 -11.88 -41.11 4.69
C THR B 364 -11.60 -40.75 6.14
N CYS B 365 -11.59 -41.73 7.04
CA CYS B 365 -11.40 -41.42 8.46
C CYS B 365 -10.03 -40.83 8.73
N GLU B 366 -8.98 -41.39 8.13
CA GLU B 366 -7.64 -40.87 8.36
C GLU B 366 -7.52 -39.45 7.83
N SER B 367 -8.04 -39.19 6.64
CA SER B 367 -8.00 -37.84 6.09
C SER B 367 -8.80 -36.89 6.97
N SER B 368 -9.91 -37.36 7.55
CA SER B 368 -10.68 -36.52 8.45
C SER B 368 -9.88 -36.15 9.69
N LYS B 369 -9.15 -37.13 10.25
CA LYS B 369 -8.32 -36.82 11.41
C LYS B 369 -7.24 -35.80 11.06
N LYS B 370 -6.57 -35.99 9.91
CA LYS B 370 -5.54 -35.03 9.52
C LYS B 370 -6.14 -33.65 9.29
N LEU B 371 -7.33 -33.57 8.70
CA LEU B 371 -7.99 -32.29 8.53
C LEU B 371 -8.29 -31.65 9.88
N CYS B 372 -8.79 -32.45 10.84
CA CYS B 372 -8.99 -31.93 12.18
C CYS B 372 -7.69 -31.33 12.73
N ILE B 373 -6.56 -31.95 12.44
CA ILE B 373 -5.29 -31.40 12.89
C ILE B 373 -4.99 -30.07 12.21
N PHE B 374 -5.18 -30.01 10.89
CA PHE B 374 -4.76 -28.85 10.10
C PHE B 374 -5.87 -27.83 9.86
N ASP B 375 -7.07 -28.06 10.41
CA ASP B 375 -8.20 -27.17 10.15
C ASP B 375 -8.80 -26.61 11.44
N SER B 376 -8.01 -26.52 12.50
CA SER B 376 -8.52 -26.03 13.77
C SER B 376 -8.41 -24.51 13.84
N PHE B 377 -8.89 -23.95 14.96
CA PHE B 377 -8.80 -22.52 15.17
C PHE B 377 -7.36 -22.06 15.35
N GLY B 378 -6.46 -22.97 15.73
CA GLY B 378 -5.05 -22.63 15.82
C GLY B 378 -4.47 -22.18 14.50
N THR B 379 -4.91 -22.77 13.39
CA THR B 379 -4.47 -22.31 12.08
C THR B 379 -4.92 -20.89 11.80
N LEU B 380 -6.16 -20.53 12.15
CA LEU B 380 -6.62 -19.17 12.00
C LEU B 380 -5.81 -18.21 12.86
N ILE B 381 -5.54 -18.60 14.11
CA ILE B 381 -4.72 -17.75 14.98
C ILE B 381 -3.34 -17.58 14.37
N PHE B 382 -2.79 -18.64 13.77
CA PHE B 382 -1.46 -18.54 13.18
C PHE B 382 -1.46 -17.63 11.97
N ALA B 383 -2.52 -17.68 11.16
CA ALA B 383 -2.61 -16.75 10.03
C ALA B 383 -2.67 -15.30 10.53
N VAL B 384 -3.48 -15.06 11.56
CA VAL B 384 -3.57 -13.72 12.13
C VAL B 384 -2.20 -13.29 12.65
N PHE B 385 -1.49 -14.18 13.33
CA PHE B 385 -0.17 -13.83 13.87
C PHE B 385 0.82 -13.57 12.76
N MET B 386 0.81 -14.37 11.69
CA MET B 386 1.72 -14.15 10.59
C MET B 386 1.44 -12.81 9.91
N GLY B 387 0.19 -12.37 9.93
CA GLY B 387 -0.12 -11.06 9.38
C GLY B 387 0.73 -9.96 10.00
N VAL B 388 0.88 -9.99 11.32
CA VAL B 388 1.70 -8.98 12.00
C VAL B 388 3.17 -9.39 11.97
N TRP B 389 3.45 -10.69 11.85
CA TRP B 389 4.83 -11.15 11.81
C TRP B 389 5.54 -10.61 10.58
N VAL B 390 4.86 -10.58 9.44
CA VAL B 390 5.48 -10.03 8.24
C VAL B 390 5.86 -8.57 8.46
N THR B 391 4.96 -7.79 9.06
CA THR B 391 5.26 -6.39 9.32
C THR B 391 6.43 -6.24 10.29
N LEU B 392 6.44 -7.03 11.36
CA LEU B 392 7.56 -6.94 12.30
C LEU B 392 8.87 -7.31 11.62
N PHE B 393 8.86 -8.36 10.79
CA PHE B 393 10.05 -8.75 10.05
C PHE B 393 10.55 -7.61 9.19
N LEU B 394 9.66 -7.00 8.41
CA LEU B 394 10.09 -5.92 7.52
C LEU B 394 10.60 -4.71 8.29
N GLU B 395 9.88 -4.29 9.33
CA GLU B 395 10.30 -3.11 10.09
C GLU B 395 11.63 -3.32 10.79
N PHE B 396 11.81 -4.46 11.46
CA PHE B 396 13.08 -4.70 12.12
C PHE B 396 14.20 -4.95 11.14
N TRP B 397 13.91 -5.47 9.95
CA TRP B 397 14.94 -5.51 8.92
C TRP B 397 15.33 -4.11 8.49
N LYS B 398 14.36 -3.19 8.41
CA LYS B 398 14.69 -1.81 8.11
C LYS B 398 15.58 -1.21 9.19
N ARG B 399 15.29 -1.51 10.46
CA ARG B 399 16.13 -1.02 11.54
C ARG B 399 17.55 -1.58 11.43
N ARG B 400 17.67 -2.89 11.17
CA ARG B 400 18.99 -3.49 11.02
C ARG B 400 19.73 -2.89 9.82
N GLN B 401 19.01 -2.65 8.72
CA GLN B 401 19.59 -2.03 7.55
C GLN B 401 20.10 -0.64 7.87
N ALA B 402 19.97 -0.16 9.02
CA ALA B 402 20.54 1.08 9.39
C ALA B 402 21.69 0.83 10.25
N GLU B 403 21.59 -0.04 11.09
CA GLU B 403 22.66 -0.09 11.95
C GLU B 403 23.67 -0.51 11.06
N LEU B 404 23.35 -1.13 9.97
CA LEU B 404 24.45 -1.75 9.16
C LEU B 404 25.04 -0.69 8.32
N GLU B 405 24.32 0.22 7.80
CA GLU B 405 24.90 1.39 7.17
C GLU B 405 25.72 2.15 8.13
N TYR B 406 25.39 2.43 9.29
CA TYR B 406 26.35 3.13 10.13
C TYR B 406 27.49 2.22 10.24
N GLU B 407 27.33 1.26 11.00
CA GLU B 407 28.42 0.45 11.40
C GLU B 407 29.37 0.21 10.27
N TRP B 408 28.97 0.14 9.04
CA TRP B 408 29.85 -0.26 7.92
C TRP B 408 29.75 0.67 6.74
N ASP B 409 30.05 1.90 6.80
CA ASP B 409 29.72 2.82 5.73
C ASP B 409 29.09 2.13 4.57
N LEU B 455 10.91 -1.28 -25.66
CA LEU B 455 9.55 -0.99 -26.07
C LEU B 455 8.55 -1.86 -25.30
N CYS B 456 7.28 -1.44 -25.30
CA CYS B 456 6.23 -2.20 -24.64
C CYS B 456 5.97 -3.53 -25.33
N ALA B 457 6.48 -3.72 -26.56
CA ALA B 457 6.29 -5.00 -27.23
C ALA B 457 6.91 -6.13 -26.42
N SER B 458 8.10 -5.90 -25.85
CA SER B 458 8.82 -6.92 -25.04
C SER B 458 8.13 -7.11 -23.69
N ALA B 459 7.44 -6.09 -23.18
CA ALA B 459 6.68 -6.16 -21.90
C ALA B 459 5.45 -7.03 -22.09
N VAL B 460 4.57 -6.65 -23.02
CA VAL B 460 3.33 -7.44 -23.31
C VAL B 460 3.77 -8.86 -23.62
N PHE B 461 4.81 -9.04 -24.45
CA PHE B 461 5.30 -10.38 -24.87
C PHE B 461 5.71 -11.20 -23.64
N PHE B 462 6.56 -10.65 -22.77
CA PHE B 462 7.05 -11.36 -21.55
C PHE B 462 5.88 -11.62 -20.60
N TRP B 463 4.95 -10.66 -20.48
CA TRP B 463 3.75 -10.84 -19.63
C TRP B 463 2.91 -11.96 -20.22
N ILE B 464 2.97 -12.16 -21.55
CA ILE B 464 2.23 -13.27 -22.23
C ILE B 464 3.04 -14.56 -22.09
N LEU B 465 4.35 -14.47 -21.85
CA LEU B 465 5.22 -15.66 -21.63
C LEU B 465 5.00 -16.16 -20.20
N LEU B 466 4.57 -15.29 -19.28
CA LEU B 466 4.28 -15.66 -17.88
C LEU B 466 2.89 -16.29 -17.83
N ILE B 467 1.97 -15.84 -18.70
CA ILE B 467 0.57 -16.34 -18.77
C ILE B 467 0.56 -17.77 -19.30
N ILE B 468 1.28 -18.04 -20.40
CA ILE B 468 1.31 -19.38 -21.04
C ILE B 468 2.04 -20.33 -20.09
N ALA B 469 3.03 -19.84 -19.34
CA ALA B 469 3.75 -20.66 -18.33
C ALA B 469 2.73 -21.12 -17.29
N SER B 470 1.92 -20.21 -16.76
CA SER B 470 0.86 -20.53 -15.78
C SER B 470 -0.12 -21.53 -16.40
N VAL B 471 -0.46 -21.34 -17.68
CA VAL B 471 -1.45 -22.19 -18.40
C VAL B 471 -0.91 -23.62 -18.50
N ILE B 472 0.39 -23.80 -18.75
CA ILE B 472 0.97 -25.16 -18.97
C ILE B 472 1.25 -25.81 -17.62
N GLY B 473 1.45 -25.04 -16.56
CA GLY B 473 1.69 -25.58 -15.23
C GLY B 473 0.46 -26.29 -14.68
N ILE B 474 -0.69 -25.63 -14.77
CA ILE B 474 -1.93 -26.26 -14.32
C ILE B 474 -2.20 -27.53 -15.11
N ILE B 475 -1.99 -27.47 -16.43
CA ILE B 475 -2.29 -28.61 -17.28
C ILE B 475 -1.40 -29.79 -16.93
N VAL B 476 -0.11 -29.53 -16.70
CA VAL B 476 0.80 -30.63 -16.39
C VAL B 476 0.46 -31.24 -15.03
N TYR B 477 0.08 -30.40 -14.06
CA TYR B 477 -0.36 -30.96 -12.78
C TYR B 477 -1.57 -31.86 -12.98
N ARG B 478 -2.56 -31.40 -13.74
CA ARG B 478 -3.77 -32.18 -13.95
C ARG B 478 -3.47 -33.50 -14.65
N LEU B 479 -2.63 -33.46 -15.70
CA LEU B 479 -2.30 -34.69 -16.42
C LEU B 479 -1.49 -35.64 -15.56
N SER B 480 -0.57 -35.13 -14.74
CA SER B 480 0.16 -36.00 -13.83
C SER B 480 -0.80 -36.70 -12.88
N VAL B 481 -1.74 -35.96 -12.30
CA VAL B 481 -2.73 -36.57 -11.42
C VAL B 481 -3.52 -37.63 -12.16
N PHE B 482 -3.95 -37.32 -13.40
CA PHE B 482 -4.79 -38.25 -14.14
C PHE B 482 -4.04 -39.55 -14.44
N ILE B 483 -2.79 -39.43 -14.88
CA ILE B 483 -2.04 -40.64 -15.23
C ILE B 483 -1.73 -41.45 -13.98
N VAL B 484 -1.42 -40.79 -12.87
CA VAL B 484 -1.18 -41.51 -11.63
C VAL B 484 -2.44 -42.26 -11.19
N PHE B 485 -3.60 -41.62 -11.32
CA PHE B 485 -4.85 -42.29 -10.98
C PHE B 485 -5.10 -43.48 -11.88
N SER B 486 -4.85 -43.32 -13.19
CA SER B 486 -5.08 -44.41 -14.13
C SER B 486 -4.16 -45.60 -13.83
N THR B 487 -2.89 -45.32 -13.50
CA THR B 487 -1.96 -46.40 -13.18
C THR B 487 -2.25 -47.03 -11.82
N THR B 488 -3.13 -46.41 -11.03
CA THR B 488 -3.48 -46.98 -9.74
C THR B 488 -4.04 -48.39 -9.92
N LEU B 489 -3.58 -49.30 -9.06
CA LEU B 489 -3.99 -50.70 -9.13
C LEU B 489 -4.98 -51.03 -8.02
N LEU B 503 0.99 -45.03 2.79
CA LEU B 503 0.16 -46.11 3.34
C LEU B 503 -1.18 -46.18 2.62
N THR B 504 -2.06 -45.25 2.92
CA THR B 504 -3.38 -45.24 2.30
C THR B 504 -3.23 -45.03 0.79
N PRO B 505 -4.00 -45.74 -0.03
CA PRO B 505 -3.87 -45.54 -1.48
C PRO B 505 -4.11 -44.11 -1.91
N GLN B 506 -4.85 -43.29 -1.05
CA GLN B 506 -5.21 -41.82 -1.38
C GLN B 506 -4.28 -40.95 -0.83
N MET B 507 -3.29 -41.51 -0.12
CA MET B 507 -2.17 -40.73 0.43
C MET B 507 -0.98 -41.03 -0.46
N ALA B 508 -0.90 -42.25 -1.02
CA ALA B 508 0.18 -42.59 -1.94
C ALA B 508 -0.04 -41.94 -3.30
N THR B 509 -1.29 -41.93 -3.78
CA THR B 509 -1.58 -41.27 -5.04
C THR B 509 -1.25 -39.79 -4.98
N SER B 510 -1.66 -39.12 -3.90
CA SER B 510 -1.36 -37.70 -3.76
C SER B 510 0.14 -37.46 -3.70
N ILE B 511 0.86 -38.30 -2.96
CA ILE B 511 2.30 -38.13 -2.84
C ILE B 511 2.98 -38.29 -4.20
N THR B 512 2.59 -39.31 -4.95
CA THR B 512 3.21 -39.55 -6.26
C THR B 512 2.88 -38.41 -7.21
N ALA B 513 1.64 -37.94 -7.23
CA ALA B 513 1.28 -36.84 -8.11
C ALA B 513 2.06 -35.58 -7.76
N SER B 514 2.19 -35.27 -6.47
CA SER B 514 2.96 -34.11 -6.07
C SER B 514 4.42 -34.24 -6.44
N ILE B 515 4.98 -35.44 -6.29
CA ILE B 515 6.39 -35.67 -6.65
C ILE B 515 6.59 -35.44 -8.13
N ILE B 516 5.70 -36.00 -8.96
CA ILE B 516 5.81 -35.81 -10.40
C ILE B 516 5.72 -34.34 -10.76
N SER B 517 4.74 -33.64 -10.17
CA SER B 517 4.59 -32.22 -10.46
C SER B 517 5.84 -31.45 -10.08
N PHE B 518 6.41 -31.77 -8.92
CA PHE B 518 7.64 -31.10 -8.49
C PHE B 518 8.77 -31.35 -9.47
N ILE B 519 8.88 -32.59 -9.98
CA ILE B 519 9.92 -32.90 -10.95
C ILE B 519 9.76 -32.04 -12.20
N ILE B 520 8.52 -31.94 -12.70
CA ILE B 520 8.32 -31.15 -13.92
C ILE B 520 8.58 -29.67 -13.66
N ILE B 521 8.20 -29.14 -12.50
CA ILE B 521 8.48 -27.74 -12.19
C ILE B 521 9.99 -27.49 -12.13
N MET B 522 10.74 -28.40 -11.49
CA MET B 522 12.18 -28.22 -11.44
C MET B 522 12.79 -28.29 -12.83
N ILE B 523 12.27 -29.16 -13.70
CA ILE B 523 12.76 -29.21 -15.07
C ILE B 523 12.48 -27.88 -15.78
N LEU B 524 11.27 -27.35 -15.61
CA LEU B 524 10.88 -26.12 -16.30
C LEU B 524 11.60 -24.89 -15.75
N ASN B 525 12.15 -24.97 -14.54
CA ASN B 525 12.82 -23.81 -13.96
C ASN B 525 13.96 -23.32 -14.86
N THR B 526 14.82 -24.24 -15.31
CA THR B 526 15.94 -23.83 -16.15
C THR B 526 15.48 -23.27 -17.48
N ILE B 527 14.46 -23.89 -18.09
CA ILE B 527 13.95 -23.38 -19.35
C ILE B 527 13.42 -21.96 -19.16
N TYR B 528 12.70 -21.72 -18.07
CA TYR B 528 12.20 -20.37 -17.80
C TYR B 528 13.34 -19.39 -17.59
N GLU B 529 14.41 -19.84 -16.91
CA GLU B 529 15.56 -18.97 -16.73
C GLU B 529 16.18 -18.57 -18.06
N LYS B 530 16.37 -19.54 -18.95
CA LYS B 530 16.94 -19.22 -20.26
C LYS B 530 16.01 -18.31 -21.06
N VAL B 531 14.69 -18.55 -20.98
CA VAL B 531 13.76 -17.69 -21.70
C VAL B 531 13.83 -16.27 -21.16
N ALA B 532 13.91 -16.12 -19.84
CA ALA B 532 14.04 -14.79 -19.25
C ALA B 532 15.32 -14.10 -19.70
N ILE B 533 16.42 -14.84 -19.76
CA ILE B 533 17.67 -14.26 -20.23
C ILE B 533 17.52 -13.79 -21.67
N MET B 534 16.93 -14.62 -22.52
CA MET B 534 16.76 -14.24 -23.92
C MET B 534 15.88 -12.99 -24.05
N ILE B 535 14.79 -12.94 -23.28
CA ILE B 535 13.88 -11.80 -23.37
C ILE B 535 14.59 -10.53 -22.90
N THR B 536 15.33 -10.61 -21.79
CA THR B 536 16.03 -9.42 -21.30
C THR B 536 17.12 -8.97 -22.26
N ASN B 537 17.82 -9.91 -22.89
CA ASN B 537 18.89 -9.52 -23.80
C ASN B 537 18.33 -8.82 -25.03
N PHE B 538 17.12 -9.19 -25.45
CA PHE B 538 16.51 -8.53 -26.60
C PHE B 538 16.38 -7.03 -26.36
N GLU B 539 15.94 -6.67 -25.15
CA GLU B 539 15.82 -5.24 -24.76
C GLU B 539 17.24 -4.72 -24.56
N LEU B 540 17.50 -3.45 -24.89
CA LEU B 540 18.80 -2.83 -24.65
C LEU B 540 18.80 -2.17 -23.28
N PRO B 541 19.48 -2.73 -22.27
CA PRO B 541 19.54 -2.07 -20.98
C PRO B 541 20.25 -0.72 -21.04
N ARG B 542 19.72 0.23 -20.26
CA ARG B 542 20.40 1.52 -20.13
C ARG B 542 21.74 1.35 -19.44
N THR B 543 21.80 0.49 -18.42
CA THR B 543 23.01 0.22 -17.67
C THR B 543 22.89 -1.17 -17.06
N GLN B 544 23.98 -1.63 -16.43
CA GLN B 544 23.96 -2.94 -15.81
C GLN B 544 22.91 -3.03 -14.70
N THR B 545 22.73 -1.95 -13.95
CA THR B 545 21.74 -1.96 -12.87
C THR B 545 20.35 -2.21 -13.42
N ASP B 546 19.99 -1.54 -14.50
CA ASP B 546 18.69 -1.78 -15.12
C ASP B 546 18.60 -3.19 -15.70
N TYR B 547 19.70 -3.70 -16.27
CA TYR B 547 19.71 -5.08 -16.75
C TYR B 547 19.34 -6.05 -15.63
N GLU B 548 20.01 -5.94 -14.49
CA GLU B 548 19.74 -6.86 -13.40
C GLU B 548 18.38 -6.62 -12.77
N ASN B 549 17.90 -5.37 -12.76
CA ASN B 549 16.57 -5.10 -12.23
C ASN B 549 15.49 -5.73 -13.10
N SER B 550 15.60 -5.59 -14.42
CA SER B 550 14.66 -6.24 -15.32
C SER B 550 14.76 -7.76 -15.18
N LEU B 551 15.97 -8.29 -15.06
CA LEU B 551 16.11 -9.73 -14.86
C LEU B 551 15.41 -10.17 -13.59
N THR B 552 15.56 -9.40 -12.51
CA THR B 552 14.86 -9.69 -11.27
C THR B 552 13.35 -9.72 -11.50
N MET B 553 12.82 -8.66 -12.11
CA MET B 553 11.37 -8.54 -12.24
C MET B 553 10.79 -9.64 -13.13
N LYS B 554 11.57 -10.12 -14.11
CA LYS B 554 11.05 -11.17 -14.98
C LYS B 554 11.21 -12.55 -14.34
N MET B 555 12.39 -12.84 -13.79
CA MET B 555 12.62 -14.14 -13.18
C MET B 555 11.71 -14.36 -11.97
N PHE B 556 11.49 -13.32 -11.16
CA PHE B 556 10.60 -13.49 -10.01
C PHE B 556 9.20 -13.87 -10.47
N LEU B 557 8.65 -13.17 -11.46
CA LEU B 557 7.32 -13.51 -11.95
C LEU B 557 7.29 -14.92 -12.52
N PHE B 558 8.30 -15.29 -13.29
CA PHE B 558 8.33 -16.63 -13.87
C PHE B 558 8.33 -17.69 -12.78
N GLN B 559 9.22 -17.55 -11.79
CA GLN B 559 9.29 -18.55 -10.72
C GLN B 559 8.01 -18.55 -9.90
N PHE B 560 7.48 -17.37 -9.59
CA PHE B 560 6.25 -17.27 -8.82
C PHE B 560 5.13 -18.06 -9.49
N VAL B 561 4.94 -17.79 -10.79
CA VAL B 561 3.86 -18.42 -11.60
C VAL B 561 4.10 -19.93 -11.67
N ASN B 562 5.34 -20.41 -11.57
CA ASN B 562 5.56 -21.89 -11.49
C ASN B 562 4.81 -22.54 -10.30
N TYR B 563 5.47 -22.70 -9.14
CA TYR B 563 4.90 -23.42 -7.95
C TYR B 563 3.61 -22.80 -7.41
N TYR B 564 3.49 -21.47 -7.47
CA TYR B 564 2.30 -20.80 -6.89
C TYR B 564 1.11 -21.02 -7.82
N SER B 565 1.27 -21.04 -9.14
CA SER B 565 0.14 -21.39 -10.04
C SER B 565 -0.14 -22.88 -9.81
N SER B 566 0.89 -23.65 -9.42
CA SER B 566 0.69 -25.08 -9.05
C SER B 566 -0.25 -25.18 -7.84
N CYS B 567 -0.10 -24.34 -6.80
CA CYS B 567 -0.92 -24.44 -5.54
C CYS B 567 -2.26 -23.69 -5.64
N PHE B 568 -2.31 -22.54 -6.30
CA PHE B 568 -3.48 -21.69 -6.52
C PHE B 568 -4.62 -22.48 -7.13
N TYR B 569 -4.32 -23.38 -8.06
CA TYR B 569 -5.37 -24.23 -8.63
C TYR B 569 -6.06 -25.04 -7.55
N ILE B 570 -5.28 -25.75 -6.74
CA ILE B 570 -5.87 -26.59 -5.69
C ILE B 570 -6.69 -25.72 -4.73
N ALA B 571 -6.19 -24.53 -4.40
CA ALA B 571 -6.86 -23.69 -3.42
C ALA B 571 -8.20 -23.18 -3.95
N PHE B 572 -8.23 -22.66 -5.18
CA PHE B 572 -9.33 -21.81 -5.61
C PHE B 572 -10.13 -22.39 -6.77
N PHE B 573 -9.53 -23.18 -7.65
CA PHE B 573 -10.22 -23.72 -8.81
C PHE B 573 -10.27 -25.24 -8.82
N LYS B 574 -10.21 -25.87 -7.65
CA LYS B 574 -10.30 -27.32 -7.53
C LYS B 574 -11.63 -27.65 -6.87
N GLY B 575 -12.58 -28.14 -7.67
CA GLY B 575 -13.87 -28.52 -7.15
C GLY B 575 -14.71 -27.37 -6.63
N LYS B 576 -14.49 -26.16 -7.14
CA LYS B 576 -15.19 -24.98 -6.66
C LYS B 576 -16.29 -24.52 -7.59
N PHE B 577 -16.33 -25.01 -8.83
CA PHE B 577 -17.35 -24.64 -9.80
C PHE B 577 -17.86 -25.86 -10.53
N VAL B 578 -18.16 -26.93 -9.78
CA VAL B 578 -18.65 -28.18 -10.33
C VAL B 578 -20.10 -28.35 -9.91
N GLY B 579 -20.97 -28.63 -10.87
CA GLY B 579 -22.39 -28.72 -10.60
C GLY B 579 -22.81 -30.07 -10.06
N TYR B 580 -24.10 -30.19 -9.79
CA TYR B 580 -24.66 -31.43 -9.29
C TYR B 580 -24.62 -32.51 -10.37
N PRO B 581 -24.68 -33.79 -9.97
CA PRO B 581 -24.47 -34.86 -10.95
C PRO B 581 -25.47 -34.85 -12.09
N GLY B 582 -26.67 -34.33 -11.89
CA GLY B 582 -27.63 -34.27 -12.98
C GLY B 582 -27.12 -33.47 -14.16
N ASP B 583 -26.41 -32.38 -13.89
CA ASP B 583 -25.86 -31.49 -14.92
C ASP B 583 -24.40 -31.22 -14.61
N PRO B 584 -23.53 -32.18 -14.90
CA PRO B 584 -22.09 -31.96 -14.66
C PRO B 584 -21.55 -30.86 -15.56
N VAL B 585 -20.55 -30.15 -15.04
CA VAL B 585 -19.96 -29.02 -15.75
C VAL B 585 -18.75 -29.50 -16.53
N TYR B 586 -18.80 -29.35 -17.86
CA TYR B 586 -17.69 -29.66 -18.73
C TYR B 586 -17.15 -28.36 -19.32
N LEU B 587 -15.83 -28.17 -19.25
CA LEU B 587 -15.24 -26.93 -19.73
C LEU B 587 -15.54 -26.71 -21.21
N LEU B 588 -15.10 -27.64 -22.07
CA LEU B 588 -15.37 -27.53 -23.50
C LEU B 588 -15.70 -28.87 -24.12
N GLY B 589 -16.18 -29.83 -23.34
CA GLY B 589 -16.47 -31.16 -23.84
C GLY B 589 -15.55 -32.22 -23.25
N LYS B 590 -16.16 -33.23 -22.63
CA LYS B 590 -15.45 -34.37 -22.03
C LYS B 590 -14.33 -33.94 -21.09
N TYR B 591 -14.35 -32.69 -20.63
CA TYR B 591 -13.39 -32.20 -19.64
C TYR B 591 -14.10 -32.15 -18.29
N ARG B 592 -14.29 -33.32 -17.70
CA ARG B 592 -14.97 -33.41 -16.41
C ARG B 592 -14.18 -32.67 -15.34
N SER B 593 -14.86 -31.86 -14.54
CA SER B 593 -14.22 -31.08 -13.48
C SER B 593 -14.25 -31.88 -12.19
N GLU B 594 -13.09 -32.41 -11.80
CA GLU B 594 -13.01 -33.20 -10.58
C GLU B 594 -13.24 -32.31 -9.35
N GLU B 595 -13.72 -32.94 -8.29
CA GLU B 595 -14.00 -32.24 -7.04
C GLU B 595 -13.37 -33.00 -5.88
N CYS B 596 -13.22 -32.30 -4.76
CA CYS B 596 -12.57 -32.86 -3.59
C CYS B 596 -13.53 -33.75 -2.81
N ASP B 597 -13.02 -34.42 -1.77
CA ASP B 597 -13.87 -35.26 -0.89
C ASP B 597 -14.68 -34.33 0.02
N PRO B 598 -15.66 -34.81 0.81
CA PRO B 598 -16.38 -33.94 1.75
C PRO B 598 -15.41 -33.11 2.59
N GLY B 599 -14.28 -33.69 2.98
CA GLY B 599 -13.25 -32.98 3.77
C GLY B 599 -12.72 -31.78 3.01
N GLY B 600 -12.58 -31.87 1.68
CA GLY B 600 -12.10 -30.78 0.83
C GLY B 600 -10.68 -31.03 0.33
N CYS B 601 -10.03 -30.04 -0.27
CA CYS B 601 -8.65 -30.16 -0.81
C CYS B 601 -7.69 -29.33 0.05
N LEU B 602 -7.98 -29.15 1.35
CA LEU B 602 -7.04 -28.45 2.27
C LEU B 602 -5.80 -29.34 2.45
N LEU B 603 -6.02 -30.62 2.79
CA LEU B 603 -4.90 -31.59 2.98
C LEU B 603 -4.14 -31.74 1.67
N GLU B 604 -4.85 -31.78 0.53
CA GLU B 604 -4.22 -31.93 -0.80
C GLU B 604 -3.23 -30.78 -1.01
N LEU B 605 -3.65 -29.55 -0.74
CA LEU B 605 -2.81 -28.34 -0.91
C LEU B 605 -1.65 -28.42 0.08
N THR B 606 -1.90 -28.83 1.32
CA THR B 606 -0.86 -28.93 2.38
C THR B 606 0.21 -29.93 1.94
N THR B 607 -0.18 -30.98 1.19
CA THR B 607 0.74 -32.05 0.73
C THR B 607 1.51 -31.57 -0.50
N GLN B 608 0.84 -30.82 -1.39
CA GLN B 608 1.50 -30.29 -2.61
C GLN B 608 2.52 -29.24 -2.18
N LEU B 609 2.25 -28.53 -1.09
CA LEU B 609 3.11 -27.46 -0.60
C LEU B 609 4.35 -28.01 0.09
N THR B 610 4.17 -28.99 0.99
CA THR B 610 5.32 -29.53 1.72
C THR B 610 6.25 -30.29 0.79
N ILE B 611 5.71 -31.08 -0.15
CA ILE B 611 6.58 -31.78 -1.09
C ILE B 611 7.36 -30.79 -1.95
N ILE B 612 6.69 -29.75 -2.44
CA ILE B 612 7.38 -28.77 -3.28
C ILE B 612 8.49 -28.09 -2.48
N MET B 613 8.19 -27.67 -1.26
CA MET B 613 9.20 -26.99 -0.44
C MET B 613 10.40 -27.90 -0.18
N GLY B 614 10.15 -29.13 0.28
CA GLY B 614 11.24 -30.03 0.57
C GLY B 614 12.06 -30.36 -0.66
N GLY B 615 11.40 -30.64 -1.78
CA GLY B 615 12.12 -30.96 -3.00
C GLY B 615 12.96 -29.79 -3.48
N LYS B 616 12.39 -28.59 -3.48
CA LYS B 616 13.18 -27.42 -3.85
C LYS B 616 14.41 -27.29 -2.97
N ALA B 617 14.22 -27.34 -1.65
CA ALA B 617 15.35 -27.18 -0.75
C ALA B 617 16.42 -28.22 -1.04
N ILE B 618 16.04 -29.49 -1.06
CA ILE B 618 17.03 -30.56 -1.17
C ILE B 618 17.75 -30.51 -2.52
N TRP B 619 16.99 -30.39 -3.61
CA TRP B 619 17.61 -30.39 -4.93
C TRP B 619 18.52 -29.19 -5.10
N ASN B 620 18.07 -28.01 -4.66
CA ASN B 620 18.90 -26.83 -4.79
C ASN B 620 20.19 -26.96 -3.98
N ASN B 621 20.09 -27.48 -2.76
CA ASN B 621 21.29 -27.63 -1.94
C ASN B 621 22.26 -28.62 -2.58
N ILE B 622 21.76 -29.75 -3.07
CA ILE B 622 22.63 -30.74 -3.68
C ILE B 622 23.28 -30.18 -4.94
N GLN B 623 22.53 -29.45 -5.74
CA GLN B 623 23.13 -28.81 -6.90
C GLN B 623 24.15 -27.78 -6.42
N GLU B 624 23.82 -27.09 -5.34
CA GLU B 624 24.69 -26.04 -4.81
C GLU B 624 26.08 -26.52 -4.49
N VAL B 625 26.19 -27.62 -3.76
CA VAL B 625 27.50 -28.11 -3.32
C VAL B 625 28.19 -28.99 -4.34
N LEU B 626 27.42 -29.59 -5.24
CA LEU B 626 28.03 -30.55 -6.17
C LEU B 626 28.55 -30.00 -7.49
N LEU B 627 27.79 -29.13 -8.16
CA LEU B 627 28.23 -28.70 -9.49
C LEU B 627 29.63 -28.10 -9.48
N PRO B 628 29.95 -27.13 -8.61
CA PRO B 628 31.35 -26.70 -8.54
C PRO B 628 32.31 -27.83 -8.22
N TRP B 629 31.92 -28.76 -7.35
CA TRP B 629 32.80 -29.85 -6.97
C TRP B 629 33.12 -30.73 -8.18
N VAL B 630 32.11 -31.14 -8.93
CA VAL B 630 32.34 -32.01 -10.08
C VAL B 630 33.11 -31.26 -11.16
N MET B 631 32.81 -29.97 -11.34
CA MET B 631 33.55 -29.19 -12.32
C MET B 631 35.03 -29.16 -11.98
N ASN B 632 35.36 -28.87 -10.73
CA ASN B 632 36.77 -28.84 -10.32
C ASN B 632 37.40 -30.22 -10.46
N LEU B 633 36.66 -31.27 -10.11
CA LEU B 633 37.21 -32.62 -10.20
C LEU B 633 37.56 -32.98 -11.65
N ILE B 634 36.65 -32.67 -12.58
CA ILE B 634 36.94 -33.00 -13.98
C ILE B 634 38.07 -32.11 -14.51
N GLY B 635 38.11 -30.85 -14.09
CA GLY B 635 39.22 -30.00 -14.48
C GLY B 635 40.55 -30.57 -14.04
N ARG B 636 40.61 -31.08 -12.81
CA ARG B 636 41.83 -31.75 -12.37
C ARG B 636 42.09 -33.01 -13.18
N TYR B 637 41.04 -33.77 -13.50
CA TYR B 637 41.17 -34.95 -14.32
C TYR B 637 41.71 -34.66 -15.72
N LYS B 638 41.61 -33.42 -16.19
CA LYS B 638 42.16 -33.08 -17.50
C LYS B 638 43.68 -32.99 -17.49
N ARG B 639 44.33 -33.02 -16.33
CA ARG B 639 45.78 -32.89 -16.21
C ARG B 639 46.36 -34.09 -15.47
N VAL B 640 45.95 -35.29 -15.87
CA VAL B 640 46.40 -36.51 -15.21
C VAL B 640 47.92 -36.65 -15.15
N SER B 641 48.65 -35.83 -15.91
CA SER B 641 50.11 -35.91 -15.89
C SER B 641 50.62 -35.81 -14.46
N GLY B 642 51.55 -36.70 -14.10
CA GLY B 642 51.99 -36.81 -12.73
C GLY B 642 52.89 -35.69 -12.25
N SER B 643 52.42 -34.45 -12.37
CA SER B 643 53.16 -33.31 -11.84
C SER B 643 53.29 -33.45 -10.32
N GLU B 644 52.16 -33.40 -9.62
CA GLU B 644 52.09 -33.61 -8.18
C GLU B 644 53.26 -32.93 -7.47
N LYS B 645 53.36 -31.61 -7.66
CA LYS B 645 54.45 -30.85 -7.08
C LYS B 645 53.89 -29.56 -6.48
N ILE B 646 54.78 -28.84 -5.80
CA ILE B 646 54.43 -27.54 -5.24
C ILE B 646 54.19 -26.56 -6.39
N THR B 647 53.12 -25.79 -6.28
CA THR B 647 52.74 -24.83 -7.31
C THR B 647 52.25 -23.55 -6.64
N PRO B 648 52.32 -22.42 -7.35
CA PRO B 648 51.97 -21.12 -6.73
C PRO B 648 50.48 -20.97 -6.43
N ARG B 649 50.09 -19.80 -5.93
CA ARG B 649 48.69 -19.53 -5.62
C ARG B 649 47.88 -19.23 -6.88
N TRP B 650 48.43 -18.43 -7.79
CA TRP B 650 47.63 -17.89 -8.89
C TRP B 650 47.16 -18.98 -9.83
N GLU B 651 48.04 -19.91 -10.21
CA GLU B 651 47.67 -20.91 -11.20
C GLU B 651 46.60 -21.86 -10.65
N GLN B 652 46.63 -22.14 -9.35
CA GLN B 652 45.61 -23.00 -8.76
C GLN B 652 44.35 -22.22 -8.37
N ASP B 653 44.43 -20.88 -8.31
CA ASP B 653 43.22 -20.09 -8.21
C ASP B 653 42.53 -19.98 -9.57
N TYR B 654 43.31 -20.01 -10.65
CA TYR B 654 42.73 -20.02 -11.99
C TYR B 654 41.90 -21.27 -12.24
N HIS B 655 42.16 -22.34 -11.50
CA HIS B 655 41.41 -23.58 -11.66
C HIS B 655 40.05 -23.52 -10.98
N LEU B 656 39.82 -22.54 -10.12
CA LEU B 656 38.52 -22.38 -9.49
C LEU B 656 37.53 -21.79 -10.47
N GLN B 657 36.24 -21.92 -10.13
CA GLN B 657 35.18 -21.43 -11.01
C GLN B 657 35.19 -19.90 -11.04
N PRO B 658 34.63 -19.31 -12.11
CA PRO B 658 34.75 -17.86 -12.29
C PRO B 658 33.75 -17.06 -11.47
N MET B 659 32.71 -17.71 -10.94
CA MET B 659 31.70 -17.03 -10.12
C MET B 659 31.03 -15.92 -10.92
N GLY B 660 30.22 -16.35 -11.89
CA GLY B 660 29.69 -15.48 -12.92
C GLY B 660 29.09 -14.18 -12.44
N LYS B 661 28.90 -13.24 -13.37
CA LYS B 661 28.57 -11.87 -13.01
C LYS B 661 27.29 -11.74 -12.21
N LEU B 662 26.36 -12.69 -12.34
CA LEU B 662 25.08 -12.54 -11.66
C LEU B 662 25.27 -12.48 -10.14
N GLY B 663 26.08 -13.37 -9.59
CA GLY B 663 26.43 -13.27 -8.19
C GLY B 663 25.41 -13.96 -7.31
N LEU B 664 24.93 -13.23 -6.30
CA LEU B 664 23.96 -13.75 -5.34
C LEU B 664 22.53 -13.68 -5.86
N PHE B 665 22.35 -13.51 -7.18
CA PHE B 665 21.02 -13.42 -7.74
C PHE B 665 20.21 -14.69 -7.47
N TYR B 666 20.84 -15.85 -7.69
CA TYR B 666 20.13 -17.11 -7.48
C TYR B 666 19.82 -17.35 -6.00
N GLU B 667 20.75 -17.01 -5.11
CA GLU B 667 20.50 -17.16 -3.69
C GLU B 667 19.32 -16.29 -3.26
N TYR B 668 19.32 -15.03 -3.68
CA TYR B 668 18.20 -14.14 -3.33
C TYR B 668 16.91 -14.66 -3.93
N LEU B 669 16.94 -15.18 -5.15
CA LEU B 669 15.73 -15.69 -5.78
C LEU B 669 15.16 -16.87 -5.00
N GLU B 670 16.01 -17.81 -4.62
CA GLU B 670 15.52 -18.97 -3.87
C GLU B 670 14.98 -18.55 -2.51
N MET B 671 15.66 -17.61 -1.83
CA MET B 671 15.16 -17.15 -0.55
C MET B 671 13.83 -16.44 -0.70
N ILE B 672 13.65 -15.66 -1.76
CA ILE B 672 12.39 -14.96 -1.98
C ILE B 672 11.28 -15.95 -2.28
N ILE B 673 11.57 -17.00 -3.04
CA ILE B 673 10.53 -18.00 -3.33
C ILE B 673 10.15 -18.75 -2.06
N GLN B 674 11.14 -19.05 -1.22
CA GLN B 674 10.85 -19.66 0.07
C GLN B 674 10.00 -18.74 0.93
N PHE B 675 10.31 -17.44 0.92
CA PHE B 675 9.48 -16.46 1.62
C PHE B 675 8.06 -16.49 1.11
N GLY B 676 7.89 -16.61 -0.22
CA GLY B 676 6.56 -16.70 -0.78
C GLY B 676 5.80 -17.92 -0.26
N PHE B 677 6.44 -19.08 -0.29
CA PHE B 677 5.80 -20.27 0.27
C PHE B 677 5.41 -20.07 1.72
N VAL B 678 6.36 -19.59 2.55
CA VAL B 678 6.10 -19.54 3.99
C VAL B 678 5.09 -18.48 4.38
N THR B 679 4.92 -17.44 3.56
CA THR B 679 4.01 -16.34 3.91
C THR B 679 2.66 -16.40 3.22
N LEU B 680 2.56 -16.97 2.02
CA LEU B 680 1.31 -16.90 1.28
C LEU B 680 0.31 -17.94 1.76
N PHE B 681 0.70 -19.22 1.76
CA PHE B 681 -0.20 -20.32 2.08
C PHE B 681 -0.05 -20.80 3.51
N VAL B 682 0.30 -19.90 4.44
CA VAL B 682 0.49 -20.33 5.83
C VAL B 682 -0.82 -20.67 6.51
N ALA B 683 -1.96 -20.36 5.89
CA ALA B 683 -3.24 -20.70 6.47
C ALA B 683 -3.59 -22.18 6.30
N SER B 684 -2.75 -22.94 5.60
CA SER B 684 -2.99 -24.36 5.35
C SER B 684 -1.87 -25.26 5.87
N PHE B 685 -0.77 -24.69 6.34
CA PHE B 685 0.39 -25.47 6.74
C PHE B 685 1.20 -24.68 7.77
N PRO B 686 0.82 -24.75 9.05
CA PRO B 686 1.54 -23.97 10.08
C PRO B 686 2.98 -24.39 10.28
N LEU B 687 3.39 -25.55 9.79
CA LEU B 687 4.76 -26.03 10.00
C LEU B 687 5.74 -25.49 8.97
N ALA B 688 5.28 -24.67 8.02
CA ALA B 688 6.19 -24.15 7.01
C ALA B 688 7.35 -23.35 7.61
N PRO B 689 7.15 -22.49 8.60
CA PRO B 689 8.30 -21.77 9.18
C PRO B 689 9.37 -22.69 9.75
N LEU B 690 9.01 -23.86 10.28
CA LEU B 690 10.03 -24.80 10.73
C LEU B 690 10.85 -25.33 9.56
N LEU B 691 10.18 -25.67 8.45
CA LEU B 691 10.91 -26.07 7.26
C LEU B 691 11.86 -24.96 6.81
N ALA B 692 11.37 -23.71 6.84
CA ALA B 692 12.22 -22.58 6.46
C ALA B 692 13.41 -22.44 7.41
N LEU B 693 13.19 -22.64 8.70
CA LEU B 693 14.28 -22.54 9.66
C LEU B 693 15.36 -23.57 9.38
N VAL B 694 14.96 -24.83 9.18
CA VAL B 694 15.93 -25.87 8.87
C VAL B 694 16.67 -25.55 7.58
N ASN B 695 15.91 -25.16 6.54
CA ASN B 695 16.53 -24.89 5.25
C ASN B 695 17.55 -23.77 5.36
N ASN B 696 17.21 -22.70 6.07
CA ASN B 696 18.13 -21.58 6.19
C ASN B 696 19.35 -21.95 7.04
N ILE B 697 19.14 -22.72 8.11
CA ILE B 697 20.26 -23.15 8.93
C ILE B 697 21.28 -23.92 8.10
N LEU B 698 20.78 -24.80 7.22
CA LEU B 698 21.70 -25.50 6.31
C LEU B 698 22.26 -24.56 5.25
N GLU B 699 21.45 -23.62 4.77
CA GLU B 699 21.84 -22.81 3.62
C GLU B 699 22.98 -21.86 3.97
N ILE B 700 23.00 -21.35 5.20
CA ILE B 700 24.10 -20.45 5.57
C ILE B 700 25.44 -21.15 5.36
N ARG B 701 25.56 -22.36 5.92
CA ARG B 701 26.81 -23.11 5.78
C ARG B 701 27.04 -23.56 4.35
N VAL B 702 25.99 -23.95 3.64
CA VAL B 702 26.17 -24.38 2.24
C VAL B 702 26.75 -23.24 1.42
N ASP B 703 26.14 -22.06 1.51
CA ASP B 703 26.60 -20.91 0.74
C ASP B 703 28.00 -20.51 1.15
N ALA B 704 28.29 -20.47 2.45
CA ALA B 704 29.63 -20.10 2.89
C ALA B 704 30.67 -21.07 2.35
N TRP B 705 30.39 -22.37 2.44
CA TRP B 705 31.35 -23.37 2.00
C TRP B 705 31.59 -23.27 0.50
N LYS B 706 30.51 -23.17 -0.29
CA LYS B 706 30.69 -23.10 -1.73
C LYS B 706 31.42 -21.82 -2.14
N LEU B 707 31.13 -20.71 -1.48
CA LEU B 707 31.81 -19.47 -1.82
C LEU B 707 33.28 -19.52 -1.42
N THR B 708 33.61 -20.18 -0.31
CA THR B 708 34.97 -20.14 0.19
C THR B 708 35.87 -21.16 -0.48
N THR B 709 35.33 -22.29 -0.92
CA THR B 709 36.17 -23.38 -1.42
C THR B 709 36.13 -23.55 -2.93
N GLN B 710 34.97 -23.38 -3.56
CA GLN B 710 34.80 -23.71 -4.97
C GLN B 710 34.42 -22.50 -5.81
N PHE B 711 34.93 -21.32 -5.45
CA PHE B 711 34.70 -20.12 -6.25
C PHE B 711 35.86 -19.16 -6.07
N ARG B 712 36.17 -18.44 -7.15
CA ARG B 712 37.20 -17.42 -7.09
C ARG B 712 36.70 -16.21 -6.30
N ARG B 713 37.64 -15.39 -5.83
CA ARG B 713 37.30 -14.19 -5.01
C ARG B 713 36.60 -13.14 -5.85
N MET B 714 35.32 -12.87 -5.58
CA MET B 714 34.63 -11.77 -6.23
C MET B 714 35.36 -10.46 -5.98
N VAL B 715 35.40 -9.61 -6.99
CA VAL B 715 35.90 -8.25 -6.76
C VAL B 715 34.94 -7.55 -5.80
N PRO B 716 35.41 -7.02 -4.66
CA PRO B 716 34.48 -6.42 -3.71
C PRO B 716 33.68 -5.28 -4.33
N GLU B 717 32.35 -5.39 -4.25
CA GLU B 717 31.47 -4.29 -4.53
C GLU B 717 30.56 -4.12 -3.32
N LYS B 718 30.07 -2.89 -3.12
CA LYS B 718 29.34 -2.56 -1.92
C LYS B 718 27.99 -1.95 -2.25
N ALA B 719 26.98 -2.42 -1.55
CA ALA B 719 25.63 -1.87 -1.63
C ALA B 719 25.01 -1.97 -0.25
N GLN B 720 24.29 -0.91 0.17
CA GLN B 720 23.72 -0.83 1.54
C GLN B 720 22.34 -1.50 1.59
N ASP B 721 21.76 -1.86 0.44
CA ASP B 721 20.45 -2.54 0.39
C ASP B 721 20.61 -3.87 -0.33
N ILE B 722 19.70 -4.82 -0.11
CA ILE B 722 19.75 -6.10 -0.81
C ILE B 722 19.54 -5.92 -2.30
N GLY B 723 18.69 -4.97 -2.68
CA GLY B 723 18.49 -4.64 -4.08
C GLY B 723 17.04 -4.45 -4.45
N ALA B 724 16.66 -4.96 -5.63
CA ALA B 724 15.29 -4.83 -6.11
C ALA B 724 14.34 -5.80 -5.46
N TRP B 725 14.82 -6.69 -4.59
CA TRP B 725 13.96 -7.67 -3.95
C TRP B 725 13.05 -7.06 -2.89
N GLN B 726 13.44 -5.95 -2.28
CA GLN B 726 12.62 -5.38 -1.21
C GLN B 726 11.22 -5.00 -1.69
N PRO B 727 11.04 -4.32 -2.82
CA PRO B 727 9.66 -4.12 -3.32
C PRO B 727 8.91 -5.43 -3.51
N ILE B 728 9.62 -6.49 -3.91
CA ILE B 728 9.00 -7.79 -4.06
C ILE B 728 8.52 -8.30 -2.70
N MET B 729 9.33 -8.11 -1.66
CA MET B 729 8.92 -8.53 -0.31
C MET B 729 7.68 -7.75 0.14
N GLN B 730 7.65 -6.45 -0.14
CA GLN B 730 6.46 -5.67 0.22
C GLN B 730 5.24 -6.16 -0.53
N GLY B 731 5.38 -6.46 -1.83
CA GLY B 731 4.25 -6.96 -2.59
C GLY B 731 3.74 -8.28 -2.08
N ILE B 732 4.66 -9.20 -1.75
CA ILE B 732 4.24 -10.48 -1.20
C ILE B 732 3.58 -10.29 0.15
N ALA B 733 4.08 -9.35 0.96
CA ALA B 733 3.43 -9.06 2.24
C ALA B 733 2.00 -8.59 2.04
N ILE B 734 1.78 -7.70 1.06
CA ILE B 734 0.43 -7.24 0.79
C ILE B 734 -0.45 -8.39 0.31
N LEU B 735 0.08 -9.26 -0.57
CA LEU B 735 -0.74 -10.30 -1.16
C LEU B 735 -1.01 -11.44 -0.18
N ALA B 736 -0.17 -11.60 0.84
CA ALA B 736 -0.33 -12.72 1.76
C ALA B 736 -1.63 -12.63 2.53
N VAL B 737 -2.02 -11.43 2.95
CA VAL B 737 -3.26 -11.27 3.71
C VAL B 737 -4.45 -11.72 2.88
N VAL B 738 -4.52 -11.26 1.63
CA VAL B 738 -5.64 -11.63 0.76
C VAL B 738 -5.63 -13.13 0.50
N THR B 739 -4.44 -13.69 0.22
CA THR B 739 -4.37 -15.11 -0.09
C THR B 739 -4.81 -15.96 1.10
N ASN B 740 -4.36 -15.60 2.31
CA ASN B 740 -4.74 -16.36 3.50
C ASN B 740 -6.23 -16.22 3.79
N ALA B 741 -6.78 -15.01 3.62
CA ALA B 741 -8.21 -14.83 3.81
C ALA B 741 -9.00 -15.72 2.87
N MET B 742 -8.63 -15.73 1.59
CA MET B 742 -9.32 -16.58 0.63
C MET B 742 -9.14 -18.06 0.98
N ILE B 743 -7.93 -18.44 1.40
CA ILE B 743 -7.69 -19.84 1.74
C ILE B 743 -8.62 -20.29 2.85
N ILE B 744 -8.68 -19.51 3.94
CA ILE B 744 -9.52 -19.89 5.07
C ILE B 744 -10.99 -19.84 4.68
N ALA B 745 -11.37 -18.87 3.86
CA ALA B 745 -12.77 -18.74 3.49
C ALA B 745 -13.26 -19.90 2.64
N PHE B 746 -12.49 -20.29 1.62
CA PHE B 746 -12.95 -21.24 0.62
C PHE B 746 -12.28 -22.61 0.68
N THR B 747 -10.95 -22.66 0.76
CA THR B 747 -10.27 -23.95 0.76
C THR B 747 -10.53 -24.74 2.03
N SER B 748 -10.97 -24.08 3.10
CA SER B 748 -11.24 -24.73 4.37
C SER B 748 -12.74 -24.71 4.64
N ASP B 749 -13.21 -25.72 5.35
CA ASP B 749 -14.61 -25.84 5.73
C ASP B 749 -14.88 -25.35 7.15
N MET B 750 -14.07 -24.41 7.63
CA MET B 750 -14.32 -23.86 8.96
C MET B 750 -15.61 -23.04 9.00
N ILE B 751 -15.81 -22.19 7.99
CA ILE B 751 -16.98 -21.31 8.01
C ILE B 751 -18.28 -22.09 7.97
N PRO B 752 -18.45 -23.11 7.12
CA PRO B 752 -19.67 -23.93 7.22
C PRO B 752 -19.85 -24.56 8.59
N ARG B 753 -18.76 -24.99 9.23
CA ARG B 753 -18.88 -25.60 10.55
C ARG B 753 -19.37 -24.58 11.57
N LEU B 754 -18.81 -23.37 11.55
CA LEU B 754 -19.27 -22.33 12.47
C LEU B 754 -20.73 -21.96 12.20
N VAL B 755 -21.11 -21.87 10.93
CA VAL B 755 -22.48 -21.52 10.60
C VAL B 755 -23.44 -22.60 11.11
N TYR B 756 -23.08 -23.86 10.93
CA TYR B 756 -23.93 -24.93 11.45
C TYR B 756 -24.01 -24.87 12.97
N TYR B 757 -22.88 -24.64 13.63
CA TYR B 757 -22.88 -24.61 15.10
C TYR B 757 -23.77 -23.49 15.62
N TRP B 758 -23.74 -22.33 14.97
CA TRP B 758 -24.40 -21.15 15.50
C TRP B 758 -25.83 -20.97 15.04
N SER B 759 -26.20 -21.46 13.86
CA SER B 759 -27.50 -21.11 13.29
C SER B 759 -28.31 -22.29 12.76
N PHE B 760 -27.72 -23.48 12.60
CA PHE B 760 -28.45 -24.60 12.04
C PHE B 760 -28.50 -25.83 12.93
N SER B 761 -28.00 -25.72 14.17
CA SER B 761 -28.04 -26.82 15.17
C SER B 761 -29.04 -26.41 16.26
N ILE B 762 -30.09 -25.67 15.89
CA ILE B 762 -31.11 -25.15 16.85
C ILE B 762 -32.51 -25.57 16.37
N PRO B 763 -33.55 -25.53 17.21
CA PRO B 763 -34.88 -26.02 16.82
C PRO B 763 -35.40 -25.37 15.53
N PRO B 764 -35.20 -24.06 15.28
CA PRO B 764 -35.63 -23.42 14.02
C PRO B 764 -35.07 -24.14 12.79
N TYR B 765 -33.81 -24.57 12.82
CA TYR B 765 -33.16 -25.26 11.67
C TYR B 765 -32.87 -26.71 12.06
N GLY B 766 -32.01 -26.95 13.04
CA GLY B 766 -31.70 -28.30 13.54
C GLY B 766 -32.78 -28.77 14.50
N ASP B 767 -32.48 -29.74 15.37
CA ASP B 767 -33.46 -30.30 16.33
C ASP B 767 -32.87 -30.31 17.74
N HIS B 768 -31.69 -29.72 17.95
CA HIS B 768 -31.02 -29.74 19.24
C HIS B 768 -31.42 -28.54 20.07
N THR B 769 -31.61 -28.76 21.38
CA THR B 769 -32.08 -27.69 22.26
C THR B 769 -31.05 -26.56 22.34
N TYR B 770 -29.78 -26.90 22.49
CA TYR B 770 -28.71 -25.92 22.63
C TYR B 770 -27.73 -26.08 21.47
N TYR B 771 -26.90 -25.05 21.28
CA TYR B 771 -25.89 -25.10 20.23
C TYR B 771 -25.01 -26.32 20.42
N THR B 772 -24.87 -27.12 19.35
CA THR B 772 -23.99 -28.27 19.36
C THR B 772 -23.51 -28.51 17.95
N MET B 773 -22.38 -29.18 17.83
CA MET B 773 -21.77 -29.44 16.54
C MET B 773 -22.18 -30.79 15.96
N ASP B 774 -23.00 -31.55 16.68
CA ASP B 774 -23.45 -32.85 16.19
C ASP B 774 -24.41 -32.69 15.02
N GLY B 775 -24.48 -33.73 14.19
CA GLY B 775 -25.39 -33.70 13.05
C GLY B 775 -24.89 -32.88 11.89
N TYR B 776 -23.65 -32.39 11.95
CA TYR B 776 -23.14 -31.55 10.87
C TYR B 776 -23.04 -32.34 9.56
N ILE B 777 -22.42 -33.52 9.61
CA ILE B 777 -22.17 -34.29 8.40
C ILE B 777 -23.49 -34.70 7.75
N ASN B 778 -24.41 -35.27 8.52
CA ASN B 778 -25.66 -35.76 7.95
C ASN B 778 -26.52 -34.61 7.46
N ASN B 779 -26.58 -33.50 8.21
CA ASN B 779 -27.49 -32.43 7.87
C ASN B 779 -26.90 -31.49 6.83
N THR B 780 -25.62 -31.63 6.49
CA THR B 780 -24.99 -30.73 5.54
C THR B 780 -24.95 -31.33 4.13
N LEU B 781 -24.72 -32.63 4.03
CA LEU B 781 -24.63 -33.27 2.73
C LEU B 781 -25.99 -33.27 2.03
N SER B 782 -25.96 -33.18 0.71
CA SER B 782 -27.16 -33.08 -0.12
C SER B 782 -27.56 -34.45 -0.65
N VAL B 783 -28.65 -34.47 -1.42
CA VAL B 783 -29.21 -35.70 -1.97
C VAL B 783 -29.48 -35.50 -3.46
N PHE B 784 -29.15 -36.53 -4.25
CA PHE B 784 -29.42 -36.53 -5.68
C PHE B 784 -30.08 -37.86 -6.03
N ASN B 785 -31.24 -37.79 -6.68
CA ASN B 785 -31.92 -39.01 -7.11
C ASN B 785 -31.24 -39.57 -8.35
N ILE B 786 -31.19 -40.91 -8.44
CA ILE B 786 -30.47 -41.55 -9.53
C ILE B 786 -31.17 -41.31 -10.86
N THR B 787 -32.51 -41.34 -10.87
CA THR B 787 -33.25 -41.30 -12.12
C THR B 787 -33.49 -39.88 -12.62
N ASP B 788 -33.00 -38.86 -11.92
CA ASP B 788 -33.12 -37.47 -12.35
C ASP B 788 -31.91 -37.02 -13.17
N PHE B 789 -31.19 -37.95 -13.79
CA PHE B 789 -30.02 -37.62 -14.60
C PHE B 789 -30.48 -37.15 -15.97
N LYS B 790 -30.27 -35.87 -16.26
CA LYS B 790 -30.72 -35.29 -17.53
C LYS B 790 -29.70 -35.59 -18.62
N ASN B 791 -29.85 -34.91 -19.76
CA ASN B 791 -29.00 -35.13 -20.93
C ASN B 791 -29.35 -36.43 -21.63
N THR B 792 -29.46 -36.39 -22.96
CA THR B 792 -29.82 -37.59 -23.71
C THR B 792 -28.59 -38.38 -24.15
N ASP B 793 -27.42 -37.76 -24.13
CA ASP B 793 -26.18 -38.47 -24.46
C ASP B 793 -25.64 -39.18 -23.23
N LYS B 794 -25.11 -40.38 -23.44
CA LYS B 794 -24.54 -41.20 -22.37
C LYS B 794 -25.58 -41.48 -21.28
N GLU B 795 -26.68 -42.09 -21.71
CA GLU B 795 -27.73 -42.49 -20.78
C GLU B 795 -27.33 -43.67 -19.91
N ASN B 796 -26.28 -44.40 -20.30
CA ASN B 796 -25.91 -45.65 -19.64
C ASN B 796 -24.45 -45.61 -19.20
N PRO B 797 -24.11 -44.69 -18.28
CA PRO B 797 -22.80 -44.79 -17.62
C PRO B 797 -22.76 -45.96 -16.64
N TYR B 798 -23.72 -45.99 -15.71
CA TYR B 798 -23.79 -47.05 -14.71
C TYR B 798 -25.22 -47.46 -14.35
N ILE B 799 -26.22 -47.08 -15.14
CA ILE B 799 -27.62 -47.31 -14.77
C ILE B 799 -27.94 -48.79 -14.58
N GLY B 800 -27.11 -49.69 -15.09
CA GLY B 800 -27.42 -51.11 -15.00
C GLY B 800 -27.19 -51.70 -13.63
N LEU B 801 -26.33 -51.07 -12.82
CA LEU B 801 -26.01 -51.62 -11.51
C LEU B 801 -27.26 -51.70 -10.63
N GLY B 802 -27.88 -50.56 -10.36
CA GLY B 802 -29.11 -50.56 -9.57
C GLY B 802 -28.95 -51.07 -8.16
N ASN B 803 -27.72 -51.10 -7.64
CA ASN B 803 -27.52 -51.57 -6.27
C ASN B 803 -28.21 -50.67 -5.27
N TYR B 804 -28.18 -49.36 -5.50
CA TYR B 804 -28.84 -48.39 -4.63
C TYR B 804 -29.58 -47.39 -5.52
N THR B 805 -30.14 -46.35 -4.91
CA THR B 805 -30.97 -45.40 -5.63
C THR B 805 -30.65 -43.94 -5.35
N LEU B 806 -30.05 -43.62 -4.21
CA LEU B 806 -29.74 -42.24 -3.85
C LEU B 806 -28.26 -42.11 -3.55
N CYS B 807 -27.65 -41.04 -4.05
CA CYS B 807 -26.24 -40.78 -3.84
C CYS B 807 -26.07 -39.37 -3.28
N ARG B 808 -25.10 -39.22 -2.37
CA ARG B 808 -24.86 -37.96 -1.67
C ARG B 808 -23.62 -37.29 -2.22
N TYR B 809 -23.64 -35.95 -2.25
CA TYR B 809 -22.54 -35.18 -2.82
C TYR B 809 -22.27 -33.95 -1.95
N ARG B 810 -21.06 -33.42 -2.08
CA ARG B 810 -20.60 -32.26 -1.32
C ARG B 810 -21.08 -31.00 -2.03
N ASP B 811 -22.28 -30.56 -1.67
CA ASP B 811 -22.83 -29.32 -2.19
C ASP B 811 -24.11 -29.02 -1.44
N PHE B 812 -24.40 -27.73 -1.30
CA PHE B 812 -25.58 -27.25 -0.58
C PHE B 812 -26.66 -26.94 -1.62
N ARG B 813 -27.51 -27.93 -1.89
CA ARG B 813 -28.58 -27.81 -2.85
C ARG B 813 -29.84 -28.44 -2.29
N ASN B 814 -30.98 -28.00 -2.80
CA ASN B 814 -32.25 -28.54 -2.34
C ASN B 814 -32.40 -29.99 -2.77
N PRO B 815 -33.19 -30.78 -2.03
CA PRO B 815 -33.27 -32.21 -2.31
C PRO B 815 -34.26 -32.51 -3.42
N PRO B 816 -34.42 -33.76 -3.80
CA PRO B 816 -35.46 -34.12 -4.77
C PRO B 816 -36.84 -33.72 -4.27
N GLY B 817 -37.70 -33.32 -5.21
CA GLY B 817 -38.94 -32.68 -4.86
C GLY B 817 -38.71 -31.19 -4.65
N HIS B 818 -39.53 -30.56 -3.82
CA HIS B 818 -39.31 -29.15 -3.51
C HIS B 818 -39.59 -28.29 -4.74
N PRO B 819 -40.13 -27.08 -4.58
CA PRO B 819 -40.27 -26.22 -5.77
C PRO B 819 -38.96 -25.94 -6.48
N GLN B 820 -37.86 -25.87 -5.75
CA GLN B 820 -36.52 -25.71 -6.32
C GLN B 820 -35.80 -27.04 -6.20
N GLU B 821 -35.68 -27.76 -7.32
CA GLU B 821 -35.16 -29.11 -7.31
C GLU B 821 -33.75 -29.18 -6.72
N TYR B 822 -32.79 -28.56 -7.39
CA TYR B 822 -31.38 -28.63 -7.00
C TYR B 822 -30.74 -27.25 -7.06
N LYS B 823 -31.46 -26.22 -6.62
CA LYS B 823 -30.90 -24.88 -6.57
C LYS B 823 -30.23 -24.65 -5.22
N HIS B 824 -29.29 -23.73 -5.19
CA HIS B 824 -28.62 -23.39 -3.95
C HIS B 824 -29.64 -22.91 -2.92
N ASN B 825 -29.54 -23.45 -1.70
CA ASN B 825 -30.53 -23.17 -0.68
C ASN B 825 -30.09 -22.02 0.22
N ILE B 826 -30.88 -21.76 1.26
CA ILE B 826 -30.56 -20.70 2.20
C ILE B 826 -29.24 -20.96 2.90
N TYR B 827 -28.93 -22.22 3.20
CA TYR B 827 -27.66 -22.54 3.87
C TYR B 827 -26.47 -22.13 3.00
N TYR B 828 -26.56 -22.35 1.69
CA TYR B 828 -25.47 -21.97 0.80
C TYR B 828 -25.21 -20.47 0.86
N TRP B 829 -26.27 -19.67 0.82
CA TRP B 829 -26.09 -18.23 0.82
C TRP B 829 -25.63 -17.72 2.19
N HIS B 830 -26.14 -18.32 3.27
CA HIS B 830 -25.61 -17.99 4.59
C HIS B 830 -24.11 -18.26 4.64
N VAL B 831 -23.69 -19.42 4.13
CA VAL B 831 -22.28 -19.80 4.18
C VAL B 831 -21.44 -18.82 3.37
N ILE B 832 -21.89 -18.49 2.16
CA ILE B 832 -21.07 -17.62 1.30
C ILE B 832 -21.01 -16.21 1.86
N ALA B 833 -22.13 -15.71 2.41
CA ALA B 833 -22.10 -14.41 3.05
C ALA B 833 -21.15 -14.39 4.23
N ALA B 834 -21.16 -15.47 5.03
CA ALA B 834 -20.23 -15.56 6.14
C ALA B 834 -18.78 -15.57 5.65
N LYS B 835 -18.51 -16.30 4.56
CA LYS B 835 -17.16 -16.33 4.02
C LYS B 835 -16.70 -14.94 3.59
N LEU B 836 -17.56 -14.22 2.86
CA LEU B 836 -17.18 -12.90 2.38
C LEU B 836 -17.01 -11.91 3.53
N ALA B 837 -17.90 -11.98 4.53
CA ALA B 837 -17.74 -11.13 5.70
C ALA B 837 -16.45 -11.43 6.43
N PHE B 838 -16.10 -12.72 6.55
CA PHE B 838 -14.84 -13.09 7.17
C PHE B 838 -13.67 -12.52 6.40
N ILE B 839 -13.70 -12.63 5.07
CA ILE B 839 -12.60 -12.09 4.26
C ILE B 839 -12.46 -10.60 4.49
N ILE B 840 -13.57 -9.86 4.43
CA ILE B 840 -13.52 -8.41 4.57
C ILE B 840 -13.01 -8.02 5.94
N VAL B 841 -13.55 -8.66 6.99
CA VAL B 841 -13.17 -8.30 8.35
C VAL B 841 -11.70 -8.60 8.59
N MET B 842 -11.24 -9.78 8.17
CA MET B 842 -9.84 -10.13 8.36
C MET B 842 -8.93 -9.15 7.61
N GLU B 843 -9.24 -8.86 6.36
CA GLU B 843 -8.39 -7.96 5.59
C GLU B 843 -8.32 -6.60 6.25
N HIS B 844 -9.47 -6.02 6.62
CA HIS B 844 -9.47 -4.70 7.21
C HIS B 844 -8.72 -4.67 8.53
N ILE B 845 -8.98 -5.63 9.42
CA ILE B 845 -8.31 -5.62 10.72
C ILE B 845 -6.81 -5.81 10.55
N ILE B 846 -6.41 -6.76 9.69
CA ILE B 846 -4.99 -7.03 9.52
C ILE B 846 -4.28 -5.82 8.96
N TYR B 847 -4.86 -5.18 7.95
CA TYR B 847 -4.21 -4.01 7.36
C TYR B 847 -4.15 -2.85 8.35
N SER B 848 -5.22 -2.65 9.13
CA SER B 848 -5.21 -1.59 10.13
C SER B 848 -4.13 -1.85 11.19
N VAL B 849 -4.01 -3.09 11.64
CA VAL B 849 -3.01 -3.41 12.65
C VAL B 849 -1.61 -3.24 12.07
N LYS B 850 -1.40 -3.65 10.82
CA LYS B 850 -0.10 -3.48 10.19
C LYS B 850 0.25 -2.00 10.08
N PHE B 851 -0.72 -1.17 9.67
CA PHE B 851 -0.47 0.26 9.59
C PHE B 851 -0.12 0.84 10.95
N PHE B 852 -0.86 0.46 11.99
CA PHE B 852 -0.57 0.96 13.32
C PHE B 852 0.83 0.55 13.77
N ILE B 853 1.20 -0.71 13.54
CA ILE B 853 2.51 -1.19 13.97
C ILE B 853 3.61 -0.46 13.22
N SER B 854 3.46 -0.29 11.90
CA SER B 854 4.47 0.42 11.13
C SER B 854 4.60 1.86 11.59
N TYR B 855 3.47 2.53 11.85
CA TYR B 855 3.50 3.93 12.25
C TYR B 855 4.13 4.10 13.62
N ALA B 856 3.85 3.18 14.55
CA ALA B 856 4.36 3.32 15.91
C ALA B 856 5.88 3.19 15.96
N ILE B 857 6.42 2.18 15.28
CA ILE B 857 7.85 1.90 15.35
C ILE B 857 8.61 3.04 14.67
N PRO B 858 9.73 3.53 15.24
CA PRO B 858 10.42 4.68 14.64
C PRO B 858 11.03 4.39 13.28
N ASP B 859 11.18 3.12 12.93
CA ASP B 859 11.73 2.71 11.64
C ASP B 859 13.23 3.04 11.56
N VAL B 860 13.82 3.45 12.68
CA VAL B 860 15.25 3.77 12.76
C VAL B 860 15.74 3.32 14.12
N SER B 861 16.99 2.86 14.17
CA SER B 861 17.53 2.31 15.41
C SER B 861 17.65 3.40 16.47
N LYS B 862 17.31 3.02 17.70
CA LYS B 862 17.37 3.97 18.82
C LYS B 862 18.81 4.36 19.14
N ILE B 863 19.73 3.41 19.12
CA ILE B 863 21.11 3.69 19.48
C ILE B 863 21.75 4.62 18.45
N THR B 864 21.37 4.47 17.19
CA THR B 864 21.87 5.39 16.17
C THR B 864 21.48 6.83 16.49
N LYS B 865 20.25 7.04 16.93
CA LYS B 865 19.85 8.37 17.40
C LYS B 865 20.63 8.78 18.65
N SER B 866 20.87 7.83 19.56
CA SER B 866 21.57 8.15 20.81
C SER B 866 22.98 8.64 20.55
N LYS B 867 23.71 7.99 19.64
CA LYS B 867 25.10 8.37 19.39
C LYS B 867 25.22 9.80 18.86
N ILE B 868 24.29 10.23 18.01
CA ILE B 868 24.32 11.58 17.48
C ILE B 868 23.08 12.34 17.93
#